data_8U4B
#
_entry.id   8U4B
#
_entity_poly.entity_id   1
_entity_poly.type   'polypeptide(L)'
_entity_poly.pdbx_seq_one_letter_code
;MATGGRRGAAAAPLLVAVAALLLGAAGHLYPGEVCPGMDIRNNLTRLHELENCSVIEGHLQILLMFKTRPEDFRDLSFPK
LIMITDYLLLFRVYGLESLKDLFPNLTVIRGSRLFFNYALVIFEMVHLKELGLYNLMNITRGSVRIEKNNELCYLATIDW
SRILDSVEDNYIVLNKDDNEECGDICPGTAKGKTNCPATVINGQFVERCWTHSHCQKVCPTICKSHGCTAEGLCCHSECL
GNCSQPDDPTKCVACRNFYLDGRCVETCPPPYYHFQDWRCVNFSFCQDLHHKCKNSRRQGCHQYVIHNNKCIPECPSGYT
MNSSNLLCTPCLGPCPKVCHLLEGEKTIDSVTSAQELRGCTVINGSLIINIRGGNNLAAELEANLGLIEEISGYLKIRRS
YALVSLSFFRKLRLIRGETLEIGNYSFYALDNQNLRQLWDWSKHNLTITQGKLFFHYNPKLCLSEIHKMEEVSGTKGRQE
RNDIALKTNGDQASCENELLKFSYIRTSFDKILLRWEPYWPPDFRDLLGFMLFYKEAPYQNVTEFDGQDACGSNSWTVVD
IDPPLRSNDPKSQNHPGWLMRGLKPWTQYAIFVKTLVTFSDERRTYGAKSDIIYVQTDATNPSVPLDPISVSNSSSQIIL
KWKPPSDPNGNITHYLVFWERQAEDSELFELDYCLKGLKLPSRTWSPPFESEDSQKHNQSEYEDSAGECCSCPKTDSQIL
KELEESSFRKTFEDYLHNVVFVPRKTSSGTGAEDPRPSRKRRSLGDVGNVTVAVPTVAAFPNTSSTSVPTSPEEHRPFEK
VVNKESLVISGLRHFTGYRIELQACNQDTPEERCSVAAYVSARTMPEAKADDIVGPVTHEIFENNVVHLMWQEPKEPNGL
IVLYEVSYRRYGDEELHLCVSRKHFALERGCRLRGLSPGNYSVRIRATSLAGNGSWTEPTYFYVTDYLDVPSNIAKIIIG
PLIFVFLFSVVIGSIYLFLRKRQPDGPLGPLYASSNPEYLSASDVFPCSVYVPDEWEVSREKITLLRELGQGSFGMVYEG
NARDIIKGEAETRVAVKTVNESASLRERIEFLNEASVMKGFTCHHVVRLLGVVSKGQPTLVVMELMAHGDLKSYLRSLRP
EAENNPGRPPPTLQEMIQMAAEIADGMAYLNAKKFVHRDLAARNCMVAHDFTVKIGDFGMTRDIYETDYYRKGGKGLLPV
RWMAPESLKDGVFTTSSDMWSFGVVLWEITSLAEQPYQGLSNEQVLKFVMDGGYLDQPDNCPERVTDLMRMCWQFNPKMR
PTFLEIVNLLKDDLHPSFPEVSFFHSEENKAPESEELEMEFEDMENVPLDRSSHCQREEAGGRDGGSSLGFKRSYEEHIP
YTHMNGGKKNGRILTLPRSNPS
;
_entity_poly.pdbx_strand_id   A,B
#
# COMPACT_ATOMS: atom_id res chain seq x y z
N HIS A 28 26.35 21.16 53.78
CA HIS A 28 25.12 21.76 54.27
C HIS A 28 24.16 22.03 53.12
N LEU A 29 23.23 22.97 53.34
CA LEU A 29 22.26 23.42 52.35
C LEU A 29 21.23 22.35 52.02
N TYR A 30 21.42 21.14 52.56
CA TYR A 30 20.51 20.03 52.34
C TYR A 30 20.56 19.10 53.55
N PRO A 31 19.51 19.09 54.37
CA PRO A 31 19.55 18.25 55.59
C PRO A 31 19.67 16.77 55.30
N GLY A 32 19.25 16.30 54.13
CA GLY A 32 19.26 14.90 53.79
C GLY A 32 20.20 14.57 52.65
N GLU A 33 20.19 13.29 52.30
CA GLU A 33 20.99 12.77 51.19
C GLU A 33 20.23 12.98 49.88
N VAL A 34 20.68 12.33 48.82
CA VAL A 34 19.97 12.32 47.55
C VAL A 34 19.41 10.90 47.35
N CYS A 35 18.13 10.83 47.03
CA CYS A 35 17.48 9.53 46.90
C CYS A 35 17.25 9.20 45.43
N PRO A 36 17.66 8.03 44.95
CA PRO A 36 17.33 7.65 43.57
C PRO A 36 15.83 7.49 43.40
N GLY A 37 15.36 7.85 42.21
CA GLY A 37 13.94 7.80 41.95
C GLY A 37 13.40 6.38 42.04
N MET A 38 12.19 6.24 42.59
CA MET A 38 11.59 4.93 42.75
C MET A 38 10.19 4.89 42.13
N ASP A 39 9.48 3.80 42.36
CA ASP A 39 8.14 3.57 41.78
C ASP A 39 7.23 3.12 42.92
N ILE A 40 6.60 4.08 43.60
CA ILE A 40 5.67 3.76 44.67
C ILE A 40 4.40 3.19 44.08
N ARG A 41 3.93 2.07 44.64
CA ARG A 41 2.75 1.40 44.10
C ARG A 41 2.15 0.47 45.13
N ASN A 42 0.82 0.55 45.28
CA ASN A 42 0.00 -0.44 45.95
C ASN A 42 0.13 -0.43 47.47
N ASN A 43 1.06 0.34 48.00
CA ASN A 43 1.19 0.45 49.45
C ASN A 43 1.93 1.71 49.82
N LEU A 44 1.40 2.42 50.81
CA LEU A 44 2.03 3.65 51.29
C LEU A 44 3.29 3.39 52.10
N THR A 45 3.54 2.14 52.50
CA THR A 45 4.70 1.84 53.32
C THR A 45 6.02 2.11 52.60
N ARG A 46 6.01 2.13 51.27
CA ARG A 46 7.20 2.48 50.51
C ARG A 46 7.38 3.97 50.32
N LEU A 47 6.35 4.77 50.62
CA LEU A 47 6.43 6.20 50.35
C LEU A 47 7.31 6.92 51.38
N HIS A 48 7.28 6.46 52.64
CA HIS A 48 8.06 7.13 53.67
C HIS A 48 9.56 6.88 53.55
N GLU A 49 10.03 6.26 52.47
CA GLU A 49 11.47 6.10 52.27
C GLU A 49 12.17 7.43 52.06
N LEU A 50 11.41 8.50 51.77
CA LEU A 50 11.96 9.84 51.61
C LEU A 50 11.99 10.63 52.91
N GLU A 51 12.09 9.94 54.05
CA GLU A 51 12.05 10.60 55.34
C GLU A 51 13.16 11.60 55.53
N ASN A 52 14.29 11.43 54.86
CA ASN A 52 15.46 12.28 55.08
C ASN A 52 15.89 13.02 53.83
N CYS A 53 15.98 12.35 52.69
CA CYS A 53 16.59 12.94 51.50
C CYS A 53 15.81 14.14 51.01
N SER A 54 16.55 15.12 50.46
CA SER A 54 15.98 16.39 50.04
C SER A 54 15.98 16.59 48.54
N VAL A 55 16.82 15.88 47.79
CA VAL A 55 16.93 16.03 46.35
C VAL A 55 16.77 14.65 45.71
N ILE A 56 15.95 14.56 44.69
CA ILE A 56 15.71 13.30 43.98
C ILE A 56 16.45 13.37 42.66
N GLU A 57 17.51 12.57 42.51
CA GLU A 57 18.21 12.47 41.24
C GLU A 57 17.66 11.29 40.42
N GLY A 58 16.33 11.28 40.36
CA GLY A 58 15.59 10.28 39.61
C GLY A 58 14.25 10.81 39.20
N HIS A 59 13.23 9.96 39.13
CA HIS A 59 11.88 10.40 38.82
C HIS A 59 10.92 9.91 39.89
N LEU A 60 9.95 10.76 40.25
CA LEU A 60 8.98 10.45 41.28
C LEU A 60 7.68 10.03 40.61
N GLN A 61 7.33 8.76 40.73
CA GLN A 61 6.08 8.23 40.17
C GLN A 61 5.27 7.61 41.29
N ILE A 62 4.05 8.12 41.49
CA ILE A 62 3.10 7.56 42.43
C ILE A 62 1.86 7.17 41.65
N LEU A 63 1.52 5.88 41.67
CA LEU A 63 0.39 5.40 40.88
C LEU A 63 -0.17 4.13 41.49
N LEU A 64 -1.41 3.83 41.13
CA LEU A 64 -2.13 2.64 41.59
C LEU A 64 -2.24 2.63 43.12
N MET A 65 -2.96 3.61 43.64
CA MET A 65 -3.22 3.76 45.07
C MET A 65 -4.73 3.68 45.27
N PHE A 66 -5.24 2.47 45.44
CA PHE A 66 -6.69 2.28 45.49
C PHE A 66 -7.23 2.29 46.91
N LYS A 67 -6.66 1.47 47.79
CA LYS A 67 -7.16 1.36 49.15
C LYS A 67 -6.88 2.60 50.00
N THR A 68 -6.06 3.52 49.51
CA THR A 68 -5.70 4.69 50.30
C THR A 68 -6.91 5.59 50.50
N ARG A 69 -7.05 6.13 51.71
CA ARG A 69 -8.13 7.01 52.07
C ARG A 69 -7.61 8.42 52.36
N PRO A 70 -8.46 9.44 52.22
CA PRO A 70 -7.99 10.81 52.45
C PRO A 70 -7.43 11.04 53.85
N GLU A 71 -7.94 10.34 54.86
CA GLU A 71 -7.44 10.49 56.22
C GLU A 71 -5.98 10.07 56.33
N ASP A 72 -5.50 9.19 55.45
CA ASP A 72 -4.11 8.77 55.50
C ASP A 72 -3.15 9.87 55.08
N PHE A 73 -3.58 10.77 54.19
CA PHE A 73 -2.73 11.86 53.74
C PHE A 73 -2.75 13.06 54.67
N ARG A 74 -3.62 13.07 55.67
CA ARG A 74 -3.71 14.21 56.57
C ARG A 74 -2.44 14.41 57.39
N ASP A 75 -1.76 13.31 57.73
CA ASP A 75 -0.57 13.39 58.57
C ASP A 75 0.67 12.97 57.80
N LEU A 76 0.79 13.43 56.56
CA LEU A 76 1.91 13.05 55.70
C LEU A 76 2.42 14.30 55.00
N SER A 77 3.74 14.51 55.06
CA SER A 77 4.35 15.64 54.37
C SER A 77 5.83 15.35 54.16
N PHE A 78 6.40 15.99 53.15
CA PHE A 78 7.83 15.86 52.84
C PHE A 78 8.39 17.26 52.64
N PRO A 79 8.55 18.03 53.72
CA PRO A 79 8.99 19.43 53.56
C PRO A 79 10.38 19.57 53.00
N LYS A 80 11.22 18.54 53.10
CA LYS A 80 12.61 18.68 52.68
C LYS A 80 12.80 18.51 51.18
N LEU A 81 11.82 17.97 50.47
CA LEU A 81 11.96 17.77 49.03
C LEU A 81 12.01 19.12 48.34
N ILE A 82 13.09 19.36 47.59
CA ILE A 82 13.30 20.65 46.95
C ILE A 82 13.52 20.48 45.46
N MET A 83 14.47 19.61 45.10
CA MET A 83 14.96 19.48 43.74
C MET A 83 14.60 18.11 43.19
N ILE A 84 13.98 18.10 42.00
CA ILE A 84 13.66 16.87 41.30
C ILE A 84 14.28 16.95 39.92
N THR A 85 14.98 15.88 39.51
CA THR A 85 15.76 15.93 38.29
C THR A 85 14.96 15.58 37.04
N ASP A 86 14.24 14.46 37.06
CA ASP A 86 13.68 13.92 35.81
C ASP A 86 12.26 14.40 35.54
N TYR A 87 11.31 14.02 36.39
CA TYR A 87 9.92 14.41 36.20
C TYR A 87 9.11 13.91 37.40
N LEU A 88 7.81 14.20 37.37
CA LEU A 88 6.87 13.78 38.39
C LEU A 88 5.64 13.20 37.72
N LEU A 89 5.19 12.05 38.21
CA LEU A 89 4.07 11.32 37.62
C LEU A 89 3.10 10.89 38.70
N LEU A 90 1.81 11.17 38.48
CA LEU A 90 0.75 10.72 39.36
C LEU A 90 -0.37 10.12 38.52
N PHE A 91 -0.91 8.99 38.95
CA PHE A 91 -1.92 8.30 38.16
C PHE A 91 -2.77 7.42 39.06
N ARG A 92 -4.04 7.78 39.21
CA ARG A 92 -5.03 6.97 39.94
C ARG A 92 -4.59 6.73 41.38
N VAL A 93 -4.49 7.82 42.12
CA VAL A 93 -4.15 7.79 43.53
C VAL A 93 -5.39 8.25 44.29
N TYR A 94 -6.21 7.30 44.72
CA TYR A 94 -7.42 7.64 45.45
C TYR A 94 -7.08 8.22 46.81
N GLY A 95 -7.90 9.18 47.24
CA GLY A 95 -7.74 9.81 48.53
C GLY A 95 -6.82 11.02 48.54
N LEU A 96 -6.13 11.30 47.44
CA LEU A 96 -5.27 12.47 47.37
C LEU A 96 -6.09 13.68 46.97
N GLU A 97 -6.17 14.67 47.85
CA GLU A 97 -6.95 15.87 47.60
C GLU A 97 -6.13 17.03 47.07
N SER A 98 -4.91 17.23 47.56
CA SER A 98 -4.06 18.31 47.11
C SER A 98 -2.63 18.01 47.50
N LEU A 99 -1.70 18.57 46.72
CA LEU A 99 -0.27 18.38 46.96
C LEU A 99 0.34 19.49 47.79
N LYS A 100 -0.47 20.41 48.31
CA LYS A 100 0.06 21.52 49.09
C LYS A 100 0.80 21.04 50.33
N ASP A 101 0.49 19.85 50.81
CA ASP A 101 1.18 19.28 51.95
C ASP A 101 2.24 18.26 51.55
N LEU A 102 2.04 17.56 50.44
CA LEU A 102 2.99 16.54 50.03
C LEU A 102 4.33 17.14 49.62
N PHE A 103 4.30 18.17 48.77
CA PHE A 103 5.51 18.80 48.24
C PHE A 103 5.44 20.30 48.47
N PRO A 104 5.62 20.74 49.71
CA PRO A 104 5.49 22.17 50.00
C PRO A 104 6.66 23.01 49.56
N ASN A 105 7.80 22.42 49.21
CA ASN A 105 8.99 23.18 48.87
C ASN A 105 9.61 22.73 47.56
N LEU A 106 8.86 22.04 46.70
CA LEU A 106 9.37 21.65 45.40
C LEU A 106 9.64 22.91 44.58
N THR A 107 10.92 23.26 44.42
CA THR A 107 11.29 24.54 43.82
C THR A 107 11.42 24.45 42.31
N VAL A 108 12.10 23.44 41.79
CA VAL A 108 12.40 23.35 40.37
C VAL A 108 12.52 21.90 39.96
N ILE A 109 11.96 21.57 38.80
CA ILE A 109 12.09 20.25 38.20
C ILE A 109 13.07 20.36 37.04
N ARG A 110 14.21 19.66 37.15
CA ARG A 110 15.26 19.83 36.16
C ARG A 110 14.85 19.29 34.80
N GLY A 111 14.12 18.17 34.78
CA GLY A 111 13.71 17.59 33.51
C GLY A 111 14.86 17.09 32.67
N SER A 112 15.83 16.41 33.30
CA SER A 112 16.95 15.85 32.55
C SER A 112 16.47 14.79 31.57
N ARG A 113 15.63 13.87 32.03
CA ARG A 113 15.04 12.82 31.20
C ARG A 113 13.54 12.96 31.26
N LEU A 114 12.90 13.08 30.10
CA LEU A 114 11.47 13.36 30.03
C LEU A 114 10.68 12.06 29.88
N PHE A 115 9.45 12.10 30.37
CA PHE A 115 8.50 10.99 30.21
C PHE A 115 7.59 11.34 29.06
N PHE A 116 7.85 10.73 27.90
CA PHE A 116 7.06 10.97 26.68
C PHE A 116 6.99 12.47 26.37
N ASN A 117 8.15 13.13 26.48
CA ASN A 117 8.25 14.57 26.27
C ASN A 117 7.34 15.34 27.23
N TYR A 118 7.33 14.92 28.49
CA TYR A 118 6.57 15.62 29.51
C TYR A 118 7.34 15.57 30.82
N ALA A 119 7.55 16.73 31.44
CA ALA A 119 8.26 16.80 32.70
C ALA A 119 7.35 16.77 33.91
N LEU A 120 6.04 16.78 33.71
CA LEU A 120 5.10 16.76 34.83
C LEU A 120 3.78 16.21 34.31
N VAL A 121 3.45 14.98 34.69
CA VAL A 121 2.25 14.29 34.22
C VAL A 121 1.32 14.08 35.40
N ILE A 122 0.08 14.52 35.25
CA ILE A 122 -0.97 14.30 36.25
C ILE A 122 -2.16 13.74 35.49
N PHE A 123 -2.37 12.44 35.58
CA PHE A 123 -3.33 11.73 34.76
C PHE A 123 -4.31 10.97 35.65
N GLU A 124 -5.60 11.19 35.45
CA GLU A 124 -6.67 10.48 36.15
C GLU A 124 -6.48 10.54 37.67
N MET A 125 -6.42 11.77 38.18
CA MET A 125 -6.27 12.01 39.62
C MET A 125 -7.63 12.35 40.21
N VAL A 126 -8.37 11.30 40.56
CA VAL A 126 -9.66 11.50 41.22
C VAL A 126 -9.44 12.05 42.62
N HIS A 127 -10.45 12.77 43.12
CA HIS A 127 -10.46 13.34 44.47
C HIS A 127 -9.46 14.49 44.61
N LEU A 128 -8.73 14.81 43.56
CA LEU A 128 -7.80 15.93 43.60
C LEU A 128 -8.55 17.23 43.37
N LYS A 129 -8.36 18.19 44.28
CA LYS A 129 -9.06 19.47 44.21
C LYS A 129 -8.19 20.58 43.62
N GLU A 130 -7.01 20.81 44.20
CA GLU A 130 -6.11 21.85 43.72
C GLU A 130 -4.68 21.33 43.78
N LEU A 131 -3.80 21.97 43.00
CA LEU A 131 -2.42 21.50 42.91
C LEU A 131 -1.68 21.73 44.23
N GLY A 132 -1.57 22.98 44.66
CA GLY A 132 -0.85 23.28 45.89
C GLY A 132 0.64 23.47 45.71
N LEU A 133 1.17 23.32 44.50
CA LEU A 133 2.59 23.52 44.24
C LEU A 133 2.87 25.00 44.07
N TYR A 134 2.80 25.72 45.20
CA TYR A 134 2.99 27.16 45.16
C TYR A 134 4.45 27.58 45.25
N ASN A 135 5.37 26.65 45.46
CA ASN A 135 6.79 26.98 45.55
C ASN A 135 7.58 26.54 44.32
N LEU A 136 6.91 26.16 43.24
CA LEU A 136 7.59 25.80 42.01
C LEU A 136 7.58 26.99 41.07
N MET A 137 8.77 27.47 40.71
CA MET A 137 8.88 28.60 39.81
C MET A 137 9.43 28.21 38.45
N ASN A 138 10.44 27.35 38.41
CA ASN A 138 11.16 27.05 37.18
C ASN A 138 11.01 25.59 36.81
N ILE A 139 10.72 25.34 35.54
CA ILE A 139 10.81 24.01 34.94
C ILE A 139 11.76 24.13 33.75
N THR A 140 12.92 23.47 33.86
CA THR A 140 13.96 23.67 32.87
C THR A 140 13.56 23.14 31.50
N ARG A 141 13.01 21.93 31.45
CA ARG A 141 12.74 21.26 30.19
C ARG A 141 11.35 20.64 30.22
N GLY A 142 10.78 20.45 29.03
CA GLY A 142 9.52 19.76 28.89
C GLY A 142 8.32 20.64 29.19
N SER A 143 7.15 20.07 29.00
CA SER A 143 5.89 20.75 29.25
C SER A 143 5.11 19.99 30.33
N VAL A 144 3.88 20.44 30.56
CA VAL A 144 3.01 19.88 31.59
C VAL A 144 1.79 19.28 30.91
N ARG A 145 1.43 18.06 31.30
CA ARG A 145 0.27 17.36 30.75
C ARG A 145 -0.66 16.99 31.90
N ILE A 146 -1.77 17.70 32.01
CA ILE A 146 -2.78 17.45 33.04
C ILE A 146 -4.08 17.08 32.33
N GLU A 147 -4.64 15.92 32.68
CA GLU A 147 -5.75 15.39 31.90
C GLU A 147 -6.57 14.44 32.76
N LYS A 148 -7.86 14.33 32.44
CA LYS A 148 -8.82 13.57 33.24
C LYS A 148 -8.76 13.94 34.72
N ASN A 149 -9.14 15.19 35.00
CA ASN A 149 -9.27 15.65 36.38
C ASN A 149 -10.64 16.29 36.53
N ASN A 150 -11.66 15.47 36.78
CA ASN A 150 -13.02 15.94 36.88
C ASN A 150 -13.30 16.69 38.17
N GLU A 151 -12.37 16.66 39.12
CA GLU A 151 -12.54 17.37 40.38
C GLU A 151 -11.53 18.51 40.57
N LEU A 152 -10.40 18.47 39.88
CA LEU A 152 -9.36 19.48 40.06
C LEU A 152 -9.83 20.85 39.62
N CYS A 153 -9.54 21.85 40.46
CA CYS A 153 -9.78 23.24 40.11
C CYS A 153 -8.47 24.01 40.10
N TYR A 154 -8.53 25.33 39.95
CA TYR A 154 -7.35 26.19 40.02
C TYR A 154 -6.34 25.86 38.92
N LEU A 155 -6.81 25.91 37.67
CA LEU A 155 -5.95 25.75 36.51
C LEU A 155 -5.87 27.00 35.65
N ALA A 156 -7.01 27.61 35.36
CA ALA A 156 -7.02 28.85 34.58
C ALA A 156 -6.35 29.99 35.33
N THR A 157 -6.16 29.86 36.64
CA THR A 157 -5.49 30.87 37.46
C THR A 157 -4.01 30.61 37.61
N ILE A 158 -3.38 29.97 36.62
CA ILE A 158 -1.96 29.63 36.67
C ILE A 158 -1.26 30.31 35.51
N ASP A 159 -0.17 31.01 35.82
CA ASP A 159 0.64 31.69 34.80
C ASP A 159 1.71 30.72 34.34
N TRP A 160 1.37 29.89 33.35
CA TRP A 160 2.33 28.93 32.84
C TRP A 160 3.47 29.61 32.10
N SER A 161 3.26 30.82 31.59
CA SER A 161 4.32 31.54 30.91
C SER A 161 5.47 31.84 31.87
N ARG A 162 5.14 32.26 33.09
CA ARG A 162 6.18 32.58 34.07
C ARG A 162 6.81 31.31 34.63
N ILE A 163 6.10 30.19 34.60
CA ILE A 163 6.61 28.95 35.18
C ILE A 163 7.53 28.25 34.20
N LEU A 164 7.04 28.00 32.99
CA LEU A 164 7.76 27.26 31.97
C LEU A 164 8.10 28.18 30.82
N ASP A 165 9.34 28.06 30.32
CA ASP A 165 9.81 28.97 29.28
C ASP A 165 9.00 28.81 27.99
N SER A 166 8.75 27.57 27.58
CA SER A 166 8.05 27.28 26.32
C SER A 166 6.76 26.56 26.65
N VAL A 167 5.64 27.29 26.62
CA VAL A 167 4.35 26.75 27.03
C VAL A 167 3.55 26.19 25.87
N GLU A 168 4.08 26.23 24.65
CA GLU A 168 3.32 25.79 23.48
C GLU A 168 3.06 24.30 23.45
N ASP A 169 3.77 23.51 24.26
CA ASP A 169 3.60 22.06 24.28
C ASP A 169 2.70 21.60 25.41
N ASN A 170 1.93 22.49 26.02
CA ASN A 170 1.05 22.12 27.11
C ASN A 170 -0.11 21.26 26.60
N TYR A 171 -0.77 20.58 27.54
CA TYR A 171 -1.92 19.75 27.21
C TYR A 171 -2.79 19.68 28.47
N ILE A 172 -3.83 20.51 28.51
CA ILE A 172 -4.74 20.61 29.65
C ILE A 172 -6.15 20.55 29.10
N VAL A 173 -6.74 19.35 29.09
CA VAL A 173 -8.10 19.13 28.59
C VAL A 173 -8.79 18.13 29.50
N LEU A 174 -10.12 18.07 29.36
CA LEU A 174 -10.96 17.10 30.07
C LEU A 174 -10.78 17.21 31.58
N ASN A 175 -10.99 18.42 32.09
CA ASN A 175 -10.88 18.70 33.52
C ASN A 175 -12.12 19.44 33.98
N LYS A 176 -12.17 19.70 35.29
CA LYS A 176 -13.29 20.45 35.84
C LYS A 176 -13.25 21.91 35.42
N ASP A 177 -12.09 22.44 35.06
CA ASP A 177 -12.00 23.81 34.60
C ASP A 177 -12.23 23.95 33.10
N ASP A 178 -12.32 22.83 32.36
CA ASP A 178 -12.65 22.91 30.95
C ASP A 178 -14.04 23.50 30.76
N ASN A 179 -15.02 22.94 31.45
CA ASN A 179 -16.33 23.59 31.56
C ASN A 179 -16.33 24.58 32.71
N GLU A 180 -17.11 25.64 32.55
CA GLU A 180 -17.12 26.73 33.53
C GLU A 180 -17.87 26.25 34.78
N GLU A 181 -17.14 25.52 35.63
CA GLU A 181 -17.70 24.97 36.85
C GLU A 181 -16.85 25.22 38.10
N CYS A 182 -15.59 25.60 37.95
CA CYS A 182 -14.70 25.79 39.10
C CYS A 182 -14.80 27.23 39.58
N GLY A 183 -15.16 27.40 40.85
CA GLY A 183 -15.16 28.71 41.47
C GLY A 183 -13.82 29.04 42.07
N ASP A 184 -12.82 29.25 41.22
CA ASP A 184 -11.46 29.53 41.68
C ASP A 184 -11.40 30.86 42.41
N ILE A 185 -11.28 30.79 43.74
CA ILE A 185 -11.22 31.96 44.59
C ILE A 185 -9.92 31.91 45.39
N CYS A 186 -9.14 32.98 45.34
CA CYS A 186 -7.87 33.08 46.03
C CYS A 186 -7.76 34.40 46.78
N PRO A 187 -6.93 34.45 47.84
CA PRO A 187 -7.07 35.53 48.83
C PRO A 187 -6.86 36.91 48.21
N GLY A 188 -7.59 37.89 48.76
CA GLY A 188 -7.51 39.27 48.35
C GLY A 188 -8.85 39.88 47.99
N THR A 189 -9.78 39.07 47.45
CA THR A 189 -11.05 39.61 46.98
C THR A 189 -11.82 40.30 48.10
N ALA A 190 -11.74 39.76 49.32
CA ALA A 190 -12.39 40.39 50.46
C ALA A 190 -11.73 41.70 50.86
N LYS A 191 -10.56 42.02 50.32
CA LYS A 191 -9.82 43.24 50.67
C LYS A 191 -9.30 43.91 49.41
N GLY A 192 -10.02 43.77 48.29
CA GLY A 192 -9.66 44.45 47.07
C GLY A 192 -8.66 43.75 46.18
N LYS A 193 -8.54 42.42 46.27
CA LYS A 193 -7.70 41.61 45.39
C LYS A 193 -6.23 42.02 45.50
N THR A 194 -5.70 41.87 46.70
CA THR A 194 -4.31 42.18 47.00
C THR A 194 -3.49 40.90 47.16
N ASN A 195 -2.27 41.05 47.67
CA ASN A 195 -1.35 39.98 48.05
C ASN A 195 -0.71 39.29 46.84
N CYS A 196 -1.20 39.59 45.64
CA CYS A 196 -0.56 39.20 44.39
C CYS A 196 -1.26 39.83 43.19
N PRO A 197 -0.52 40.20 42.16
CA PRO A 197 -1.12 40.95 41.05
C PRO A 197 -1.64 40.04 39.94
N ALA A 198 -2.15 40.66 38.89
CA ALA A 198 -2.73 39.98 37.73
C ALA A 198 -1.85 40.20 36.51
N THR A 199 -2.24 39.58 35.40
CA THR A 199 -1.51 39.72 34.15
C THR A 199 -2.43 39.25 33.01
N VAL A 200 -1.94 39.37 31.79
CA VAL A 200 -2.71 38.97 30.62
C VAL A 200 -2.40 37.53 30.25
N GLN A 204 -6.22 39.50 28.36
CA GLN A 204 -6.92 40.32 29.34
C GLN A 204 -6.30 40.16 30.74
N PHE A 205 -6.33 41.23 31.53
CA PHE A 205 -5.74 41.23 32.85
C PHE A 205 -6.47 40.23 33.76
N VAL A 206 -5.81 39.11 34.07
CA VAL A 206 -6.44 38.04 34.84
C VAL A 206 -5.52 37.67 36.00
N GLU A 207 -6.12 37.26 37.10
CA GLU A 207 -5.40 36.91 38.32
C GLU A 207 -4.68 35.58 38.15
N ARG A 208 -3.57 35.44 38.88
CA ARG A 208 -2.77 34.21 38.89
C ARG A 208 -2.58 33.78 40.34
N CYS A 209 -3.13 32.62 40.70
CA CYS A 209 -3.04 32.11 42.05
C CYS A 209 -3.04 30.59 42.06
N TRP A 210 -2.38 30.00 43.05
CA TRP A 210 -2.18 28.56 43.13
C TRP A 210 -3.33 27.86 43.85
N THR A 211 -3.60 28.25 45.10
CA THR A 211 -4.65 27.64 45.89
C THR A 211 -5.62 28.68 46.41
N HIS A 212 -6.50 28.28 47.33
CA HIS A 212 -7.39 29.20 48.01
C HIS A 212 -6.68 30.00 49.10
N SER A 213 -5.48 29.58 49.50
CA SER A 213 -4.72 30.25 50.56
C SER A 213 -3.41 30.84 50.08
N HIS A 214 -2.70 30.15 49.18
CA HIS A 214 -1.42 30.62 48.66
C HIS A 214 -1.56 30.94 47.19
N CYS A 215 -1.02 32.08 46.78
CA CYS A 215 -1.16 32.55 45.42
C CYS A 215 0.21 32.78 44.80
N GLN A 216 0.26 32.68 43.47
CA GLN A 216 1.52 32.65 42.74
C GLN A 216 2.33 33.93 42.96
N LYS A 217 3.65 33.76 43.01
CA LYS A 217 4.59 34.86 43.21
C LYS A 217 5.38 35.09 41.93
N VAL A 218 5.35 36.32 41.42
CA VAL A 218 6.04 36.69 40.20
C VAL A 218 7.09 37.74 40.54
N CYS A 219 8.34 37.44 40.19
CA CYS A 219 9.43 38.38 40.39
C CYS A 219 9.41 39.45 39.31
N PRO A 220 10.02 40.61 39.58
CA PRO A 220 10.08 41.67 38.55
C PRO A 220 10.82 41.19 37.31
N THR A 221 10.38 41.70 36.16
CA THR A 221 10.95 41.29 34.88
C THR A 221 12.42 41.66 34.78
N ILE A 222 12.87 42.63 35.57
CA ILE A 222 14.26 43.10 35.51
C ILE A 222 15.25 41.97 35.74
N CYS A 223 14.83 40.88 36.38
CA CYS A 223 15.65 39.69 36.53
C CYS A 223 14.94 38.51 35.86
N LYS A 224 15.67 37.81 34.99
CA LYS A 224 15.05 36.79 34.15
C LYS A 224 14.61 35.59 34.98
N SER A 225 15.56 34.91 35.62
CA SER A 225 15.23 33.71 36.38
C SER A 225 15.99 33.58 37.69
N HIS A 226 16.79 34.57 38.08
CA HIS A 226 17.52 34.49 39.34
C HIS A 226 16.60 34.56 40.54
N GLY A 227 15.38 35.06 40.36
CA GLY A 227 14.43 35.14 41.45
C GLY A 227 14.63 36.38 42.30
N CYS A 228 13.66 36.60 43.20
CA CYS A 228 13.69 37.75 44.10
C CYS A 228 13.18 37.33 45.46
N THR A 229 13.57 38.09 46.48
CA THR A 229 13.14 37.84 47.84
C THR A 229 11.78 38.50 48.07
N ALA A 230 11.35 38.55 49.33
CA ALA A 230 10.06 39.18 49.65
C ALA A 230 10.08 40.65 49.31
N GLU A 231 11.18 41.34 49.60
CA GLU A 231 11.29 42.77 49.31
C GLU A 231 11.41 43.04 47.81
N GLY A 232 11.65 42.01 47.00
CA GLY A 232 11.84 42.17 45.58
C GLY A 232 13.27 42.26 45.13
N LEU A 233 14.22 42.31 46.06
CA LEU A 233 15.63 42.35 45.69
C LEU A 233 16.03 41.05 45.02
N CYS A 234 16.76 41.18 43.91
CA CYS A 234 17.13 40.02 43.11
C CYS A 234 18.22 39.21 43.78
N CYS A 235 18.30 37.94 43.39
CA CYS A 235 19.28 37.02 43.93
C CYS A 235 20.56 37.07 43.10
N HIS A 236 21.51 36.21 43.42
CA HIS A 236 22.71 36.09 42.63
C HIS A 236 22.40 35.44 41.28
N SER A 237 23.30 35.65 40.32
CA SER A 237 23.09 35.11 38.98
C SER A 237 23.11 33.58 38.97
N GLU A 238 23.67 32.97 40.01
CA GLU A 238 23.78 31.52 40.06
C GLU A 238 22.59 30.85 40.72
N CYS A 239 21.82 31.57 41.54
CA CYS A 239 20.66 30.98 42.17
C CYS A 239 19.54 30.76 41.17
N LEU A 240 18.73 29.74 41.43
CA LEU A 240 17.56 29.44 40.61
C LEU A 240 16.33 29.39 41.51
N GLY A 241 15.27 30.08 41.10
CA GLY A 241 14.02 30.01 41.82
C GLY A 241 13.91 30.92 43.01
N ASN A 242 14.58 30.56 44.11
CA ASN A 242 14.46 31.27 45.37
C ASN A 242 15.84 31.52 45.96
N CYS A 243 15.90 32.47 46.88
CA CYS A 243 17.12 32.76 47.63
C CYS A 243 16.75 33.37 48.96
N SER A 244 17.69 33.32 49.89
CA SER A 244 17.49 33.89 51.22
C SER A 244 18.07 35.28 51.38
N GLN A 245 19.30 35.49 50.91
CA GLN A 245 19.95 36.79 50.97
C GLN A 245 20.26 37.26 49.55
N PRO A 246 19.84 38.47 49.17
CA PRO A 246 20.08 38.93 47.80
C PRO A 246 21.56 39.05 47.49
N ASP A 247 21.90 38.72 46.24
CA ASP A 247 23.28 38.81 45.73
C ASP A 247 24.23 38.00 46.61
N ASP A 248 23.99 36.69 46.67
CA ASP A 248 24.81 35.78 47.46
C ASP A 248 24.75 34.40 46.82
N PRO A 249 25.80 34.00 46.10
CA PRO A 249 25.83 32.65 45.53
C PRO A 249 25.82 31.55 46.58
N THR A 250 26.21 31.86 47.81
CA THR A 250 26.26 30.87 48.87
C THR A 250 24.94 30.72 49.62
N LYS A 251 23.91 31.48 49.22
CA LYS A 251 22.62 31.44 49.90
C LYS A 251 21.49 30.98 48.98
N CYS A 252 21.82 30.46 47.80
CA CYS A 252 20.80 29.98 46.88
C CYS A 252 20.17 28.69 47.41
N VAL A 253 18.98 28.39 46.90
CA VAL A 253 18.31 27.14 47.26
C VAL A 253 18.54 26.13 46.14
N ALA A 254 18.62 26.61 44.91
CA ALA A 254 18.91 25.78 43.76
C ALA A 254 20.02 26.43 42.94
N CYS A 255 20.82 25.60 42.29
CA CYS A 255 21.96 26.07 41.52
C CYS A 255 21.63 26.05 40.04
N ARG A 256 21.80 27.19 39.38
CA ARG A 256 21.44 27.30 37.97
C ARG A 256 22.30 26.39 37.10
N ASN A 257 23.60 26.31 37.39
CA ASN A 257 24.53 25.56 36.56
C ASN A 257 25.02 24.29 37.25
N PHE A 258 25.63 24.41 38.43
CA PHE A 258 26.14 23.25 39.14
C PHE A 258 26.17 23.55 40.63
N TYR A 259 25.93 22.51 41.43
CA TYR A 259 25.95 22.61 42.88
C TYR A 259 27.29 22.11 43.40
N LEU A 260 27.80 22.75 44.44
CA LEU A 260 29.08 22.37 45.03
C LEU A 260 29.11 22.85 46.46
N ASP A 261 29.16 21.91 47.40
CA ASP A 261 29.29 22.12 48.84
C ASP A 261 28.57 23.38 49.33
N GLY A 262 27.32 23.55 48.93
CA GLY A 262 26.52 24.68 49.36
C GLY A 262 26.85 25.99 48.66
N ARG A 263 27.61 25.93 47.57
CA ARG A 263 27.96 27.13 46.83
C ARG A 263 27.72 26.88 45.35
N CYS A 264 26.74 27.58 44.77
CA CYS A 264 26.47 27.45 43.35
C CYS A 264 27.64 27.99 42.53
N VAL A 265 27.96 27.30 41.44
CA VAL A 265 29.07 27.67 40.57
C VAL A 265 28.66 27.44 39.13
N GLU A 266 29.24 28.25 38.23
CA GLU A 266 28.97 28.12 36.80
C GLU A 266 29.54 26.81 36.26
N THR A 267 30.79 26.50 36.62
CA THR A 267 31.45 25.28 36.18
C THR A 267 32.30 24.75 37.31
N CYS A 268 32.28 23.44 37.50
CA CYS A 268 33.06 22.83 38.57
C CYS A 268 34.54 22.89 38.22
N PRO A 269 35.37 23.53 39.04
CA PRO A 269 36.81 23.57 38.75
C PRO A 269 37.46 22.24 39.07
N PRO A 270 38.66 22.00 38.54
CA PRO A 270 39.37 20.77 38.89
C PRO A 270 39.77 20.77 40.35
N PRO A 271 39.93 19.60 40.97
CA PRO A 271 39.81 18.26 40.38
C PRO A 271 38.41 17.67 40.53
N TYR A 272 37.37 18.46 40.26
CA TYR A 272 36.00 18.01 40.34
C TYR A 272 35.39 17.91 38.95
N TYR A 273 34.56 16.89 38.76
CA TYR A 273 33.92 16.64 37.47
C TYR A 273 32.41 16.80 37.61
N HIS A 274 31.80 17.42 36.61
CA HIS A 274 30.36 17.56 36.58
C HIS A 274 29.69 16.19 36.51
N PHE A 275 28.69 15.98 37.36
CA PHE A 275 28.02 14.69 37.47
C PHE A 275 26.52 14.90 37.44
N GLN A 276 25.83 14.08 36.64
CA GLN A 276 24.37 14.10 36.54
C GLN A 276 23.83 15.46 36.11
N ASP A 277 24.67 16.29 35.50
CA ASP A 277 24.32 17.57 34.90
C ASP A 277 24.04 18.66 35.94
N TRP A 278 24.03 18.35 37.23
CA TRP A 278 23.69 19.36 38.22
C TRP A 278 24.63 19.47 39.42
N ARG A 279 25.42 18.45 39.73
CA ARG A 279 26.30 18.53 40.88
C ARG A 279 27.70 18.07 40.49
N CYS A 280 28.68 18.52 41.26
CA CYS A 280 30.09 18.23 41.02
C CYS A 280 30.59 17.22 42.04
N VAL A 281 31.39 16.26 41.57
CA VAL A 281 31.92 15.19 42.40
C VAL A 281 33.41 15.06 42.15
N ASN A 282 34.09 14.41 43.10
CA ASN A 282 35.51 14.13 42.98
C ASN A 282 35.71 12.81 42.25
N PHE A 283 36.97 12.50 41.94
CA PHE A 283 37.29 11.25 41.25
C PHE A 283 36.94 10.04 42.11
N SER A 284 37.06 10.18 43.43
CA SER A 284 36.84 9.04 44.32
C SER A 284 35.40 8.54 44.23
N PHE A 285 34.43 9.44 44.19
CA PHE A 285 33.03 9.03 44.14
C PHE A 285 32.72 8.29 42.85
N CYS A 286 33.17 8.83 41.71
CA CYS A 286 32.92 8.17 40.43
C CYS A 286 33.62 6.82 40.37
N GLN A 287 34.84 6.75 40.89
CA GLN A 287 35.56 5.48 40.94
C GLN A 287 34.80 4.45 41.76
N ASP A 288 34.30 4.87 42.93
CA ASP A 288 33.55 3.94 43.79
C ASP A 288 32.26 3.50 43.12
N LEU A 289 31.57 4.41 42.43
CA LEU A 289 30.36 4.03 41.72
C LEU A 289 30.68 3.02 40.62
N HIS A 290 31.78 3.23 39.90
CA HIS A 290 32.18 2.26 38.89
C HIS A 290 32.48 0.91 39.51
N HIS A 291 33.19 0.91 40.64
CA HIS A 291 33.50 -0.35 41.33
C HIS A 291 32.23 -1.07 41.75
N LYS A 292 31.24 -0.32 42.23
CA LYS A 292 29.95 -0.93 42.53
C LYS A 292 29.33 -1.52 41.27
N CYS A 293 29.45 -0.82 40.14
CA CYS A 293 28.79 -1.25 38.91
C CYS A 293 29.45 -2.46 38.28
N LYS A 294 30.74 -2.73 38.54
CA LYS A 294 31.36 -3.88 37.91
C LYS A 294 30.66 -5.18 38.31
N ASN A 295 30.70 -5.51 39.60
CA ASN A 295 30.18 -6.78 40.08
C ASN A 295 28.96 -6.62 40.96
N SER A 296 29.05 -5.84 42.04
CA SER A 296 27.94 -5.73 42.99
C SER A 296 26.92 -4.68 42.57
N ARG A 297 26.49 -4.73 41.31
CA ARG A 297 25.36 -3.93 40.83
C ARG A 297 24.86 -4.64 39.58
N ARG A 298 23.74 -5.37 39.72
CA ARG A 298 23.31 -6.25 38.65
C ARG A 298 22.34 -5.56 37.70
N GLN A 299 21.29 -4.95 38.25
CA GLN A 299 20.20 -4.42 37.44
C GLN A 299 20.50 -2.97 37.04
N GLY A 300 20.90 -2.79 35.78
CA GLY A 300 20.95 -1.48 35.17
C GLY A 300 21.84 -0.44 35.82
N CYS A 301 23.03 -0.82 36.27
CA CYS A 301 23.98 0.16 36.73
C CYS A 301 24.75 0.75 35.56
N HIS A 302 25.25 1.97 35.76
CA HIS A 302 25.99 2.68 34.72
C HIS A 302 27.48 2.65 35.04
N GLN A 303 28.27 2.05 34.15
CA GLN A 303 29.71 1.95 34.33
C GLN A 303 30.32 3.33 34.08
N TYR A 304 30.24 4.17 35.11
CA TYR A 304 30.65 5.56 34.97
C TYR A 304 32.14 5.67 34.65
N VAL A 305 32.46 6.46 33.64
CA VAL A 305 33.84 6.74 33.24
C VAL A 305 33.99 8.24 33.03
N ILE A 306 35.13 8.78 33.43
CA ILE A 306 35.36 10.21 33.32
C ILE A 306 35.87 10.53 31.91
N HIS A 307 35.23 11.50 31.26
CA HIS A 307 35.62 11.92 29.92
C HIS A 307 35.19 13.36 29.71
N ASN A 308 36.09 14.18 29.18
CA ASN A 308 35.82 15.59 28.90
C ASN A 308 35.31 16.31 30.15
N ASN A 309 35.93 16.01 31.29
CA ASN A 309 35.58 16.62 32.58
C ASN A 309 34.13 16.35 32.95
N LYS A 310 33.60 15.22 32.51
CA LYS A 310 32.22 14.83 32.82
C LYS A 310 32.20 13.35 33.18
N CYS A 311 31.51 13.01 34.26
CA CYS A 311 31.35 11.61 34.66
C CYS A 311 30.18 11.01 33.89
N ILE A 312 30.43 10.76 32.60
CA ILE A 312 29.41 10.25 31.70
C ILE A 312 29.08 8.80 32.08
N PRO A 313 27.83 8.36 31.91
CA PRO A 313 27.51 6.94 32.22
C PRO A 313 28.32 5.94 31.43
N GLU A 314 28.71 6.27 30.19
CA GLU A 314 29.48 5.34 29.38
C GLU A 314 30.29 6.11 28.36
N CYS A 315 31.36 5.48 27.90
CA CYS A 315 32.21 6.10 26.89
C CYS A 315 31.40 6.32 25.60
N PRO A 316 31.48 7.49 24.99
CA PRO A 316 30.72 7.73 23.75
C PRO A 316 31.31 6.96 22.58
N SER A 317 30.72 7.14 21.39
CA SER A 317 31.16 6.41 20.21
C SER A 317 32.60 6.77 19.86
N GLY A 318 33.35 5.77 19.40
CA GLY A 318 34.73 6.00 19.01
C GLY A 318 35.70 6.15 20.15
N TYR A 319 35.37 5.64 21.33
CA TYR A 319 36.25 5.75 22.49
C TYR A 319 36.22 4.43 23.24
N THR A 320 37.18 4.26 24.15
CA THR A 320 37.29 3.04 24.93
C THR A 320 37.56 3.40 26.39
N MET A 321 37.38 2.42 27.27
CA MET A 321 37.54 2.60 28.70
C MET A 321 38.82 1.88 29.11
N ASN A 322 39.71 2.62 29.78
CA ASN A 322 40.96 2.07 30.28
C ASN A 322 40.86 1.93 31.80
N SER A 323 41.05 0.71 32.30
CA SER A 323 40.78 0.42 33.70
C SER A 323 41.69 1.18 34.66
N SER A 324 42.83 1.67 34.17
CA SER A 324 43.77 2.35 35.07
C SER A 324 43.17 3.64 35.62
N ASN A 325 42.59 4.47 34.75
CA ASN A 325 42.05 5.75 35.17
C ASN A 325 40.70 6.09 34.55
N LEU A 326 40.12 5.20 33.75
CA LEU A 326 38.75 5.34 33.24
C LEU A 326 38.59 6.59 32.37
N LEU A 327 39.54 6.81 31.47
CA LEU A 327 39.45 7.89 30.51
C LEU A 327 39.04 7.35 29.15
N CYS A 328 38.09 8.04 28.51
CA CYS A 328 37.62 7.66 27.19
C CYS A 328 38.68 8.05 26.16
N THR A 329 39.75 7.25 26.12
CA THR A 329 40.75 7.44 25.09
C THR A 329 40.20 6.99 23.74
N PRO A 330 40.58 7.66 22.66
CA PRO A 330 40.10 7.26 21.33
C PRO A 330 40.71 5.94 20.89
N CYS A 331 39.89 4.89 20.88
CA CYS A 331 40.39 3.58 20.50
C CYS A 331 40.65 3.52 19.00
N LEU A 332 41.76 2.87 18.63
CA LEU A 332 42.17 2.79 17.23
C LEU A 332 41.40 1.65 16.55
N GLY A 333 40.66 1.98 15.49
CA GLY A 333 39.91 1.00 14.76
C GLY A 333 38.79 0.40 15.59
N PRO A 334 38.30 -0.76 15.18
CA PRO A 334 37.33 -1.49 16.01
C PRO A 334 37.86 -1.74 17.41
N CYS A 335 37.16 -1.24 18.40
CA CYS A 335 37.63 -1.44 19.76
C CYS A 335 36.55 -2.08 20.63
N PRO A 336 36.96 -2.86 21.63
CA PRO A 336 36.02 -3.81 22.27
C PRO A 336 34.81 -3.12 22.89
N LYS A 337 33.67 -3.77 22.74
CA LYS A 337 32.40 -3.37 23.37
C LYS A 337 31.77 -4.67 23.88
N VAL A 338 32.11 -5.05 25.11
CA VAL A 338 31.62 -6.29 25.66
C VAL A 338 30.16 -6.14 26.05
N CYS A 339 29.32 -7.05 25.57
CA CYS A 339 27.88 -7.01 25.83
C CYS A 339 27.51 -8.22 26.67
N HIS A 340 27.60 -8.06 27.99
CA HIS A 340 27.20 -9.12 28.90
C HIS A 340 25.71 -9.39 28.75
N LEU A 341 25.35 -10.66 28.65
CA LEU A 341 23.97 -11.06 28.45
C LEU A 341 23.26 -11.29 29.77
N LEU A 342 21.97 -11.00 29.80
CA LEU A 342 21.15 -11.35 30.95
C LEU A 342 21.07 -12.87 31.07
N GLU A 343 21.34 -13.37 32.28
CA GLU A 343 21.37 -14.80 32.64
C GLU A 343 22.10 -15.64 31.60
N GLY A 344 23.04 -15.05 30.87
CA GLY A 344 23.89 -15.80 29.95
C GLY A 344 23.16 -16.55 28.86
N GLU A 345 21.99 -16.08 28.43
CA GLU A 345 21.23 -16.76 27.40
C GLU A 345 20.34 -15.77 26.69
N LYS A 346 20.49 -15.67 25.37
CA LYS A 346 19.66 -14.80 24.55
C LYS A 346 19.19 -15.58 23.33
N THR A 347 17.91 -15.46 23.01
CA THR A 347 17.32 -16.13 21.86
C THR A 347 17.01 -15.09 20.79
N ILE A 348 17.56 -15.29 19.60
CA ILE A 348 17.35 -14.38 18.48
C ILE A 348 16.26 -14.96 17.60
N ASP A 349 15.08 -14.34 17.64
CA ASP A 349 13.95 -14.78 16.82
C ASP A 349 13.81 -13.99 15.53
N SER A 350 13.93 -12.66 15.60
CA SER A 350 13.79 -11.80 14.45
C SER A 350 14.95 -10.80 14.42
N VAL A 351 14.93 -9.94 13.41
CA VAL A 351 15.97 -8.92 13.28
C VAL A 351 15.91 -7.93 14.44
N THR A 352 14.71 -7.68 14.96
CA THR A 352 14.56 -6.76 16.09
C THR A 352 15.33 -7.26 17.30
N SER A 353 15.28 -8.57 17.56
CA SER A 353 16.06 -9.12 18.67
C SER A 353 17.55 -8.99 18.41
N ALA A 354 17.97 -9.04 17.15
CA ALA A 354 19.37 -8.83 16.81
C ALA A 354 19.79 -7.37 16.91
N GLN A 355 18.84 -6.45 16.84
CA GLN A 355 19.18 -5.03 16.93
C GLN A 355 19.82 -4.70 18.28
N GLU A 356 19.31 -5.29 19.35
CA GLU A 356 19.86 -5.05 20.68
C GLU A 356 21.30 -5.52 20.79
N LEU A 357 21.73 -6.44 19.94
CA LEU A 357 23.10 -6.97 19.97
C LEU A 357 24.01 -6.26 18.99
N ARG A 358 23.53 -5.21 18.33
CA ARG A 358 24.31 -4.55 17.29
C ARG A 358 25.57 -3.92 17.87
N GLY A 359 26.69 -4.11 17.18
CA GLY A 359 27.95 -3.51 17.58
C GLY A 359 28.70 -4.26 18.64
N CYS A 360 28.18 -5.37 19.14
CA CYS A 360 28.84 -6.12 20.20
C CYS A 360 29.90 -7.03 19.58
N THR A 361 31.14 -6.88 20.02
CA THR A 361 32.22 -7.68 19.44
C THR A 361 32.41 -8.98 20.21
N VAL A 362 32.25 -8.96 21.52
CA VAL A 362 32.43 -10.13 22.37
C VAL A 362 31.17 -10.32 23.19
N ILE A 363 30.66 -11.56 23.22
CA ILE A 363 29.45 -11.90 23.95
C ILE A 363 29.83 -12.74 25.16
N ASN A 364 29.54 -12.23 26.35
CA ASN A 364 29.81 -12.94 27.59
C ASN A 364 28.56 -13.73 27.96
N GLY A 365 28.39 -14.86 27.29
CA GLY A 365 27.23 -15.71 27.54
C GLY A 365 27.07 -16.72 26.42
N SER A 366 25.87 -17.25 26.31
CA SER A 366 25.52 -18.21 25.28
C SER A 366 24.44 -17.62 24.38
N LEU A 367 24.46 -18.02 23.11
CA LEU A 367 23.55 -17.48 22.10
C LEU A 367 22.71 -18.59 21.51
N ILE A 368 21.42 -18.32 21.34
CA ILE A 368 20.48 -19.24 20.72
C ILE A 368 19.85 -18.55 19.52
N ILE A 369 19.80 -19.26 18.39
CA ILE A 369 19.22 -18.73 17.16
C ILE A 369 18.00 -19.55 16.80
N ASN A 370 16.88 -18.89 16.59
CA ASN A 370 15.62 -19.55 16.26
C ASN A 370 14.89 -18.79 15.17
N ILE A 371 15.61 -18.35 14.14
CA ILE A 371 14.99 -17.56 13.08
C ILE A 371 14.07 -18.47 12.26
N ARG A 372 12.76 -18.24 12.39
CA ARG A 372 11.79 -19.02 11.64
C ARG A 372 11.37 -18.36 10.33
N GLY A 373 11.45 -17.04 10.24
CA GLY A 373 11.04 -16.37 9.02
C GLY A 373 11.48 -14.92 9.04
N GLY A 374 11.28 -14.28 7.90
CA GLY A 374 11.66 -12.89 7.73
C GLY A 374 11.81 -12.55 6.27
N ASN A 375 12.48 -11.44 6.01
CA ASN A 375 12.76 -11.00 4.64
C ASN A 375 14.17 -10.42 4.57
N ASN A 376 14.79 -10.59 3.40
CA ASN A 376 16.13 -10.10 3.10
C ASN A 376 17.10 -10.32 4.25
N LEU A 377 17.08 -11.54 4.79
CA LEU A 377 17.97 -11.89 5.88
C LEU A 377 19.40 -12.06 5.36
N ALA A 378 20.30 -12.44 6.26
CA ALA A 378 21.72 -12.67 6.02
C ALA A 378 22.47 -11.41 5.63
N ALA A 379 21.79 -10.27 5.52
CA ALA A 379 22.44 -8.99 5.27
C ALA A 379 22.28 -8.04 6.44
N GLU A 380 21.06 -7.77 6.87
CA GLU A 380 20.85 -7.00 8.09
C GLU A 380 21.38 -7.76 9.30
N LEU A 381 21.20 -9.08 9.33
CA LEU A 381 21.77 -9.89 10.39
C LEU A 381 23.30 -9.83 10.35
N GLU A 382 23.88 -9.87 9.16
CA GLU A 382 25.33 -9.76 9.05
C GLU A 382 25.82 -8.39 9.53
N ALA A 383 25.09 -7.33 9.17
CA ALA A 383 25.47 -6.00 9.63
C ALA A 383 25.38 -5.88 11.14
N ASN A 384 24.33 -6.45 11.75
CA ASN A 384 24.14 -6.31 13.18
C ASN A 384 25.06 -7.19 13.99
N LEU A 385 25.38 -8.38 13.49
CA LEU A 385 26.08 -9.39 14.27
C LEU A 385 27.45 -9.77 13.70
N GLY A 386 27.81 -9.26 12.52
CA GLY A 386 29.05 -9.67 11.89
C GLY A 386 30.29 -9.29 12.66
N LEU A 387 30.20 -8.33 13.58
CA LEU A 387 31.34 -7.88 14.35
C LEU A 387 31.64 -8.77 15.54
N ILE A 388 30.83 -9.79 15.78
CA ILE A 388 31.07 -10.70 16.90
C ILE A 388 32.40 -11.42 16.68
N GLU A 389 33.22 -11.47 17.73
CA GLU A 389 34.51 -12.12 17.66
C GLU A 389 34.66 -13.28 18.62
N GLU A 390 33.78 -13.42 19.61
CA GLU A 390 33.93 -14.47 20.60
C GLU A 390 32.57 -14.75 21.23
N ILE A 391 32.36 -16.01 21.61
CA ILE A 391 31.19 -16.42 22.38
C ILE A 391 31.70 -17.16 23.61
N SER A 392 31.47 -16.61 24.79
CA SER A 392 31.97 -17.24 26.00
C SER A 392 31.31 -18.60 26.23
N GLY A 393 29.99 -18.67 26.06
CA GLY A 393 29.27 -19.90 26.31
C GLY A 393 29.23 -20.82 25.09
N TYR A 394 28.03 -21.24 24.71
CA TYR A 394 27.85 -22.14 23.59
C TYR A 394 26.90 -21.51 22.57
N LEU A 395 27.06 -21.90 21.32
CA LEU A 395 26.20 -21.45 20.24
C LEU A 395 25.25 -22.58 19.86
N LYS A 396 23.97 -22.23 19.69
CA LYS A 396 22.93 -23.22 19.40
C LYS A 396 22.03 -22.68 18.30
N ILE A 397 21.97 -23.39 17.18
CA ILE A 397 21.07 -23.09 16.08
C ILE A 397 19.98 -24.17 16.09
N ARG A 398 18.75 -23.76 16.34
CA ARG A 398 17.66 -24.70 16.59
C ARG A 398 16.44 -24.30 15.78
N ARG A 399 16.00 -25.19 14.90
CA ARG A 399 14.78 -25.00 14.12
C ARG A 399 14.80 -23.67 13.36
N SER A 400 15.97 -23.29 12.87
CA SER A 400 16.11 -22.05 12.11
C SER A 400 15.79 -22.35 10.65
N TYR A 401 14.51 -22.20 10.31
CA TYR A 401 14.03 -22.63 9.00
C TYR A 401 14.46 -21.68 7.89
N ALA A 402 14.57 -20.39 8.18
CA ALA A 402 14.86 -19.41 7.14
C ALA A 402 16.34 -19.23 6.86
N LEU A 403 17.22 -19.80 7.67
CA LEU A 403 18.65 -19.65 7.46
C LEU A 403 19.13 -20.53 6.32
N VAL A 404 20.11 -20.03 5.58
CA VAL A 404 20.66 -20.78 4.46
C VAL A 404 22.14 -21.04 4.70
N SER A 405 22.78 -20.19 5.50
CA SER A 405 24.19 -20.37 5.85
C SER A 405 24.52 -19.51 7.05
N LEU A 406 25.62 -19.85 7.71
CA LEU A 406 26.13 -19.08 8.83
C LEU A 406 27.14 -18.03 8.41
N SER A 407 27.08 -17.57 7.17
CA SER A 407 28.03 -16.57 6.70
C SER A 407 27.89 -15.24 7.42
N PHE A 408 26.72 -14.96 8.00
CA PHE A 408 26.52 -13.67 8.65
C PHE A 408 27.38 -13.50 9.89
N PHE A 409 27.84 -14.59 10.49
CA PHE A 409 28.83 -14.51 11.57
C PHE A 409 30.19 -14.25 10.92
N ARG A 410 30.38 -13.02 10.48
CA ARG A 410 31.52 -12.68 9.63
C ARG A 410 32.84 -12.87 10.37
N LYS A 411 32.94 -12.37 11.59
CA LYS A 411 34.22 -12.30 12.30
C LYS A 411 34.34 -13.34 13.41
N LEU A 412 33.41 -14.28 13.50
CA LEU A 412 33.45 -15.25 14.58
C LEU A 412 34.69 -16.12 14.44
N ARG A 413 35.51 -16.14 15.50
CA ARG A 413 36.78 -16.83 15.46
C ARG A 413 36.91 -17.94 16.50
N LEU A 414 36.56 -17.67 17.76
CA LEU A 414 36.80 -18.62 18.82
C LEU A 414 35.58 -18.73 19.72
N ILE A 415 35.26 -19.96 20.10
CA ILE A 415 34.18 -20.24 21.05
C ILE A 415 34.84 -20.71 22.34
N ARG A 416 34.79 -19.87 23.38
CA ARG A 416 35.42 -20.23 24.64
C ARG A 416 34.75 -21.46 25.26
N GLY A 417 33.42 -21.49 25.26
CA GLY A 417 32.71 -22.65 25.77
C GLY A 417 32.93 -22.93 27.23
N GLU A 418 33.07 -21.87 28.04
CA GLU A 418 33.19 -22.08 29.48
C GLU A 418 31.90 -22.64 30.07
N THR A 419 30.76 -22.25 29.53
CA THR A 419 29.47 -22.79 29.92
C THR A 419 29.02 -23.80 28.88
N LEU A 420 28.71 -25.01 29.33
CA LEU A 420 28.34 -26.11 28.46
C LEU A 420 26.93 -26.56 28.78
N GLU A 421 26.19 -26.94 27.75
CA GLU A 421 24.83 -27.45 27.93
C GLU A 421 24.89 -28.88 28.45
N ILE A 422 23.72 -29.50 28.61
CA ILE A 422 23.68 -30.88 29.08
C ILE A 422 24.38 -31.78 28.08
N GLY A 423 25.17 -32.71 28.60
CA GLY A 423 26.00 -33.55 27.75
C GLY A 423 27.30 -32.92 27.32
N ASN A 424 27.63 -31.74 27.85
CA ASN A 424 28.87 -31.03 27.53
C ASN A 424 28.97 -30.74 26.03
N TYR A 425 28.00 -29.98 25.54
CA TYR A 425 27.91 -29.64 24.12
C TYR A 425 28.25 -28.17 23.93
N SER A 426 29.05 -27.88 22.89
CA SER A 426 29.42 -26.52 22.54
C SER A 426 28.71 -26.01 21.30
N PHE A 427 28.55 -26.84 20.27
CA PHE A 427 27.83 -26.47 19.06
C PHE A 427 26.59 -27.34 18.95
N TYR A 428 25.43 -26.71 18.79
CA TYR A 428 24.15 -27.40 18.78
C TYR A 428 23.36 -26.95 17.55
N ALA A 429 23.32 -27.79 16.52
CA ALA A 429 22.53 -27.54 15.32
C ALA A 429 21.45 -28.61 15.24
N LEU A 430 20.19 -28.19 15.10
CA LEU A 430 19.09 -29.12 15.17
C LEU A 430 17.92 -28.63 14.34
N ASP A 431 17.38 -29.51 13.50
CA ASP A 431 16.15 -29.28 12.76
C ASP A 431 16.23 -28.03 11.89
N ASN A 432 17.35 -27.86 11.19
CA ASN A 432 17.50 -26.78 10.23
C ASN A 432 17.20 -27.33 8.83
N GLN A 433 16.18 -26.77 8.18
CA GLN A 433 15.74 -27.30 6.90
C GLN A 433 16.59 -26.78 5.75
N ASN A 434 16.87 -25.48 5.75
CA ASN A 434 17.53 -24.84 4.62
C ASN A 434 19.00 -24.56 4.87
N LEU A 435 19.58 -25.08 5.96
CA LEU A 435 21.00 -24.86 6.22
C LEU A 435 21.83 -25.66 5.24
N ARG A 436 22.67 -24.97 4.48
CA ARG A 436 23.45 -25.60 3.42
C ARG A 436 24.95 -25.58 3.65
N GLN A 437 25.46 -24.57 4.34
CA GLN A 437 26.87 -24.55 4.69
C GLN A 437 27.05 -23.72 5.95
N LEU A 438 28.18 -23.94 6.63
CA LEU A 438 28.53 -23.16 7.80
C LEU A 438 29.39 -21.96 7.43
N TRP A 439 30.57 -22.22 6.87
CA TRP A 439 31.48 -21.16 6.46
C TRP A 439 32.41 -21.72 5.38
N ASP A 440 33.08 -20.83 4.67
CA ASP A 440 34.06 -21.23 3.67
C ASP A 440 35.36 -21.55 4.39
N TRP A 441 35.79 -22.82 4.33
CA TRP A 441 36.93 -23.28 5.10
C TRP A 441 38.23 -23.18 4.32
N SER A 442 38.20 -22.61 3.13
CA SER A 442 39.42 -22.18 2.45
C SER A 442 39.82 -20.76 2.86
N LYS A 443 38.95 -20.06 3.58
CA LYS A 443 39.18 -18.68 4.00
C LYS A 443 39.02 -18.47 5.50
N HIS A 444 38.06 -19.15 6.12
CA HIS A 444 37.72 -18.92 7.52
C HIS A 444 38.53 -19.81 8.45
N ASN A 445 38.73 -19.32 9.67
CA ASN A 445 39.39 -20.07 10.73
C ASN A 445 38.51 -20.07 11.96
N LEU A 446 38.51 -21.18 12.69
CA LEU A 446 37.66 -21.31 13.87
C LEU A 446 38.28 -22.33 14.81
N THR A 447 37.99 -22.18 16.10
CA THR A 447 38.43 -23.12 17.11
C THR A 447 37.40 -23.15 18.24
N ILE A 448 37.32 -24.29 18.93
CA ILE A 448 36.43 -24.47 20.05
C ILE A 448 37.22 -25.09 21.20
N THR A 449 37.12 -24.49 22.38
CA THR A 449 37.92 -24.93 23.51
C THR A 449 37.33 -26.15 24.20
N GLN A 450 36.12 -26.01 24.74
CA GLN A 450 35.50 -27.06 25.55
C GLN A 450 34.33 -27.68 24.80
N GLY A 451 33.89 -28.83 25.31
CA GLY A 451 32.70 -29.47 24.82
C GLY A 451 32.89 -30.17 23.48
N LYS A 452 31.78 -30.68 22.96
CA LYS A 452 31.75 -31.40 21.69
C LYS A 452 30.62 -30.87 20.83
N LEU A 453 30.66 -31.23 19.55
CA LEU A 453 29.68 -30.75 18.58
C LEU A 453 28.40 -31.58 18.66
N PHE A 454 27.42 -31.19 17.83
CA PHE A 454 26.13 -31.86 17.79
C PHE A 454 25.43 -31.47 16.50
N PHE A 455 25.00 -32.45 15.73
CA PHE A 455 24.29 -32.21 14.47
C PHE A 455 23.23 -33.28 14.30
N HIS A 456 21.97 -32.86 14.19
CA HIS A 456 20.88 -33.78 13.97
C HIS A 456 19.80 -33.07 13.16
N TYR A 457 19.22 -33.79 12.20
CA TYR A 457 18.10 -33.30 11.40
C TYR A 457 18.49 -32.03 10.64
N ASN A 458 19.56 -32.12 9.85
CA ASN A 458 20.01 -31.04 8.98
C ASN A 458 20.12 -31.62 7.57
N PRO A 459 18.99 -31.78 6.89
CA PRO A 459 19.00 -32.51 5.61
C PRO A 459 19.93 -31.94 4.56
N LYS A 460 20.03 -30.62 4.45
CA LYS A 460 20.76 -29.99 3.37
C LYS A 460 22.21 -29.68 3.73
N LEU A 461 22.79 -30.44 4.66
CA LEU A 461 24.18 -30.24 5.08
C LEU A 461 24.89 -31.58 5.03
N CYS A 462 25.87 -31.70 4.14
CA CYS A 462 26.56 -32.97 3.96
C CYS A 462 27.61 -33.17 5.06
N LEU A 463 28.04 -34.43 5.21
CA LEU A 463 29.01 -34.78 6.23
C LEU A 463 30.39 -34.20 5.97
N SER A 464 30.64 -33.67 4.77
CA SER A 464 31.95 -33.10 4.46
C SER A 464 32.28 -31.94 5.39
N GLU A 465 31.33 -31.03 5.61
CA GLU A 465 31.58 -29.92 6.53
C GLU A 465 31.71 -30.38 7.97
N ILE A 466 30.98 -31.42 8.35
CA ILE A 466 31.12 -31.94 9.71
C ILE A 466 32.52 -32.51 9.93
N HIS A 467 33.06 -33.22 8.93
CA HIS A 467 34.43 -33.71 9.06
C HIS A 467 35.42 -32.56 8.99
N LYS A 468 35.14 -31.52 8.20
CA LYS A 468 35.97 -30.33 8.26
C LYS A 468 35.98 -29.74 9.65
N MET A 469 34.87 -29.86 10.38
CA MET A 469 34.81 -29.36 11.75
C MET A 469 35.60 -30.25 12.68
N GLU A 470 35.55 -31.56 12.49
CA GLU A 470 36.33 -32.43 13.36
C GLU A 470 37.82 -32.21 13.16
N GLU A 471 38.25 -31.88 11.93
CA GLU A 471 39.68 -31.68 11.70
C GLU A 471 40.14 -30.24 12.02
N VAL A 472 39.26 -29.26 11.87
CA VAL A 472 39.65 -27.86 12.02
C VAL A 472 39.49 -27.40 13.45
N SER A 473 38.33 -27.66 14.07
CA SER A 473 38.08 -27.20 15.42
C SER A 473 38.94 -27.92 16.46
N GLY A 474 39.61 -29.00 16.07
CA GLY A 474 40.37 -29.78 17.04
C GLY A 474 39.51 -30.65 17.93
N THR A 475 38.27 -30.90 17.53
CA THR A 475 37.33 -31.70 18.31
C THR A 475 37.24 -33.14 17.80
N LYS A 476 38.19 -33.57 16.97
CA LYS A 476 38.13 -34.92 16.42
C LYS A 476 38.15 -35.97 17.52
N GLY A 477 38.99 -35.79 18.52
CA GLY A 477 39.07 -36.74 19.60
C GLY A 477 37.98 -36.64 20.65
N ARG A 478 37.13 -35.62 20.57
CA ARG A 478 36.08 -35.42 21.56
C ARG A 478 34.76 -36.07 21.20
N GLN A 479 34.38 -36.05 19.92
CA GLN A 479 33.12 -36.62 19.51
C GLN A 479 33.10 -38.12 19.74
N GLU A 480 31.95 -38.64 20.17
CA GLU A 480 31.81 -40.07 20.40
C GLU A 480 30.54 -40.59 19.73
N ARG A 481 30.16 -41.82 20.04
CA ARG A 481 29.01 -42.45 19.40
C ARG A 481 27.75 -41.62 19.61
N ASN A 482 26.92 -41.54 18.58
CA ASN A 482 25.64 -40.85 18.56
C ASN A 482 25.77 -39.34 18.71
N ASP A 483 26.98 -38.81 18.80
CA ASP A 483 27.14 -37.36 18.89
C ASP A 483 26.74 -36.67 17.59
N ILE A 484 27.08 -37.26 16.45
CA ILE A 484 26.78 -36.72 15.14
C ILE A 484 25.91 -37.73 14.41
N ALA A 485 24.74 -37.31 13.97
CA ALA A 485 23.83 -38.20 13.26
C ALA A 485 24.39 -38.48 11.87
N LEU A 486 24.64 -39.75 11.58
CA LEU A 486 25.18 -40.16 10.29
C LEU A 486 24.10 -40.57 9.30
N LYS A 487 22.83 -40.47 9.68
CA LYS A 487 21.73 -40.89 8.82
C LYS A 487 20.71 -39.81 8.52
N THR A 488 20.84 -38.61 9.09
CA THR A 488 19.85 -37.56 8.89
C THR A 488 20.45 -36.25 8.41
N ASN A 489 21.79 -36.13 8.35
CA ASN A 489 22.42 -34.87 7.98
C ASN A 489 22.69 -34.90 6.49
N GLY A 490 23.55 -35.78 6.00
CA GLY A 490 23.94 -35.74 4.59
C GLY A 490 23.10 -36.65 3.72
N ASP A 491 21.80 -36.41 3.67
CA ASP A 491 20.92 -37.29 2.90
C ASP A 491 20.28 -36.58 1.72
N GLN A 492 19.59 -35.49 1.98
CA GLN A 492 18.94 -34.78 0.90
C GLN A 492 19.77 -33.67 0.33
N ALA A 493 21.02 -33.56 0.77
CA ALA A 493 21.86 -32.45 0.40
C ALA A 493 22.46 -32.68 -0.99
N SER A 494 22.98 -31.60 -1.57
CA SER A 494 23.67 -31.63 -2.85
C SER A 494 25.16 -31.46 -2.56
N CYS A 495 25.90 -32.56 -2.61
CA CYS A 495 27.31 -32.60 -2.24
C CYS A 495 28.17 -33.18 -3.35
N GLU A 496 27.94 -32.72 -4.58
CA GLU A 496 28.74 -33.19 -5.71
C GLU A 496 30.21 -32.81 -5.51
N ASN A 497 31.10 -33.73 -5.86
CA ASN A 497 32.53 -33.51 -5.70
C ASN A 497 33.30 -33.46 -7.00
N GLU A 498 32.88 -34.22 -8.02
CA GLU A 498 33.57 -34.22 -9.29
C GLU A 498 33.25 -32.94 -10.06
N LEU A 499 33.76 -32.85 -11.29
CA LEU A 499 33.61 -31.67 -12.11
C LEU A 499 33.00 -32.02 -13.46
N LEU A 500 32.26 -31.07 -14.03
CA LEU A 500 31.68 -31.20 -15.35
C LEU A 500 32.18 -30.06 -16.23
N LYS A 501 32.55 -30.39 -17.46
CA LYS A 501 33.09 -29.42 -18.40
C LYS A 501 32.16 -29.30 -19.59
N PHE A 502 31.79 -28.06 -19.93
CA PHE A 502 31.01 -27.83 -21.14
C PHE A 502 31.86 -28.10 -22.37
N SER A 503 31.27 -28.79 -23.34
CA SER A 503 31.99 -29.17 -24.56
C SER A 503 31.70 -28.23 -25.72
N TYR A 504 30.42 -28.10 -26.09
CA TYR A 504 30.01 -27.28 -27.23
C TYR A 504 29.05 -26.20 -26.74
N ILE A 505 29.39 -24.95 -27.01
CA ILE A 505 28.57 -23.81 -26.63
C ILE A 505 28.42 -22.90 -27.85
N ARG A 506 27.20 -22.70 -28.30
CA ARG A 506 26.92 -21.71 -29.33
C ARG A 506 25.68 -20.93 -28.93
N THR A 507 25.62 -19.69 -29.39
CA THR A 507 24.57 -18.77 -28.98
C THR A 507 23.81 -18.27 -30.22
N SER A 508 22.80 -17.45 -29.96
CA SER A 508 21.98 -16.86 -31.01
C SER A 508 21.32 -15.62 -30.45
N PHE A 509 20.50 -14.96 -31.27
CA PHE A 509 19.81 -13.77 -30.79
C PHE A 509 18.73 -14.12 -29.77
N ASP A 510 18.14 -15.30 -29.88
CA ASP A 510 17.14 -15.75 -28.92
C ASP A 510 17.51 -17.06 -28.23
N LYS A 511 17.94 -18.06 -28.99
CA LYS A 511 18.18 -19.38 -28.44
C LYS A 511 19.64 -19.56 -28.05
N ILE A 512 19.88 -20.60 -27.24
CA ILE A 512 21.24 -21.00 -26.85
C ILE A 512 21.28 -22.51 -26.81
N LEU A 513 22.29 -23.10 -27.44
CA LEU A 513 22.50 -24.54 -27.43
C LEU A 513 23.71 -24.86 -26.57
N LEU A 514 23.59 -25.87 -25.72
CA LEU A 514 24.61 -26.21 -24.75
C LEU A 514 24.94 -27.70 -24.82
N ARG A 515 26.22 -28.02 -24.65
CA ARG A 515 26.67 -29.41 -24.63
C ARG A 515 27.74 -29.56 -23.56
N TRP A 516 27.92 -30.80 -23.09
CA TRP A 516 28.93 -31.10 -22.09
C TRP A 516 29.37 -32.54 -22.26
N GLU A 517 30.48 -32.88 -21.62
CA GLU A 517 31.02 -34.22 -21.70
C GLU A 517 30.05 -35.20 -21.05
N PRO A 518 29.79 -36.34 -21.69
CA PRO A 518 28.85 -37.33 -21.13
C PRO A 518 29.46 -38.05 -19.93
N TYR A 519 28.96 -37.74 -18.74
CA TYR A 519 29.42 -38.36 -17.51
C TYR A 519 28.58 -39.59 -17.20
N TRP A 520 29.23 -40.63 -16.68
CA TRP A 520 28.56 -41.84 -16.26
C TRP A 520 29.06 -42.24 -14.87
N PRO A 521 28.15 -42.53 -13.94
CA PRO A 521 28.58 -43.00 -12.62
C PRO A 521 29.17 -44.40 -12.71
N PRO A 522 29.77 -44.91 -11.64
CA PRO A 522 30.30 -46.28 -11.69
C PRO A 522 29.25 -47.32 -12.07
N ASP A 523 28.03 -47.15 -11.60
CA ASP A 523 26.90 -48.00 -12.01
C ASP A 523 25.94 -47.12 -12.81
N PHE A 524 25.84 -47.41 -14.11
CA PHE A 524 25.07 -46.55 -15.00
C PHE A 524 23.59 -46.54 -14.65
N ARG A 525 23.08 -47.58 -14.00
CA ARG A 525 21.66 -47.63 -13.64
C ARG A 525 21.30 -46.61 -12.56
N ASP A 526 22.27 -46.04 -11.87
CA ASP A 526 22.01 -45.16 -10.74
C ASP A 526 21.89 -43.70 -11.14
N LEU A 527 21.98 -43.39 -12.42
CA LEU A 527 21.85 -42.02 -12.90
C LEU A 527 20.41 -41.77 -13.33
N LEU A 528 19.81 -40.70 -12.79
CA LEU A 528 18.45 -40.34 -13.12
C LEU A 528 18.36 -39.24 -14.17
N GLY A 529 19.32 -38.32 -14.21
CA GLY A 529 19.29 -37.27 -15.19
C GLY A 529 20.05 -36.06 -14.70
N PHE A 530 20.08 -35.05 -15.57
CA PHE A 530 20.79 -33.80 -15.30
C PHE A 530 19.79 -32.72 -14.94
N MET A 531 20.29 -31.67 -14.29
CA MET A 531 19.52 -30.47 -14.03
C MET A 531 20.28 -29.27 -14.56
N LEU A 532 19.55 -28.33 -15.14
CA LEU A 532 20.13 -27.11 -15.69
C LEU A 532 19.52 -25.90 -14.99
N PHE A 533 20.38 -24.97 -14.57
CA PHE A 533 19.96 -23.77 -13.88
C PHE A 533 20.43 -22.56 -14.66
N TYR A 534 19.55 -21.56 -14.81
CA TYR A 534 19.93 -20.32 -15.47
C TYR A 534 19.07 -19.19 -14.95
N LYS A 535 19.65 -17.99 -14.92
CA LYS A 535 18.95 -16.81 -14.46
C LYS A 535 19.60 -15.57 -15.06
N GLU A 536 18.89 -14.46 -14.99
CA GLU A 536 19.46 -13.18 -15.41
C GLU A 536 20.70 -12.88 -14.59
N ALA A 537 21.78 -12.51 -15.28
CA ALA A 537 23.08 -12.24 -14.64
C ALA A 537 23.59 -10.89 -15.10
N PRO A 538 23.08 -9.80 -14.54
CA PRO A 538 23.60 -8.48 -14.94
C PRO A 538 25.05 -8.28 -14.54
N TYR A 539 25.41 -8.65 -13.32
CA TYR A 539 26.78 -8.57 -12.84
C TYR A 539 27.37 -9.97 -12.77
N GLN A 540 28.59 -10.06 -12.23
CA GLN A 540 29.28 -11.35 -12.08
C GLN A 540 29.42 -11.74 -10.61
N ASN A 541 28.67 -11.12 -9.72
CA ASN A 541 28.69 -11.47 -8.30
C ASN A 541 27.62 -12.51 -7.97
N VAL A 542 27.64 -13.61 -8.70
CA VAL A 542 26.68 -14.71 -8.50
C VAL A 542 27.39 -15.83 -7.74
N THR A 543 26.81 -16.25 -6.62
CA THR A 543 27.42 -17.24 -5.76
C THR A 543 26.57 -18.49 -5.56
N GLU A 544 25.38 -18.55 -6.17
CA GLU A 544 24.47 -19.68 -6.03
C GLU A 544 24.10 -19.91 -4.57
N PHE A 545 23.47 -18.89 -3.99
CA PHE A 545 23.01 -18.95 -2.60
C PHE A 545 21.86 -17.96 -2.37
N SER A 555 14.59 -17.99 -7.55
CA SER A 555 15.56 -17.08 -8.15
C SER A 555 16.23 -17.72 -9.36
N TRP A 556 16.14 -19.04 -9.44
CA TRP A 556 16.70 -19.81 -10.55
C TRP A 556 15.59 -20.48 -11.32
N THR A 557 15.86 -20.79 -12.58
CA THR A 557 14.96 -21.57 -13.41
C THR A 557 15.59 -22.94 -13.64
N VAL A 558 14.85 -24.00 -13.33
CA VAL A 558 15.36 -25.37 -13.35
C VAL A 558 14.74 -26.11 -14.53
N VAL A 559 15.58 -26.76 -15.31
CA VAL A 559 15.14 -27.58 -16.44
C VAL A 559 15.83 -28.93 -16.34
N ASP A 560 15.04 -30.00 -16.38
CA ASP A 560 15.57 -31.35 -16.27
C ASP A 560 15.87 -31.92 -17.65
N ILE A 561 16.87 -32.80 -17.70
CA ILE A 561 17.32 -33.44 -18.92
C ILE A 561 17.45 -34.93 -18.67
N ASP A 562 16.90 -35.73 -19.57
CA ASP A 562 16.98 -37.17 -19.45
C ASP A 562 18.40 -37.66 -19.75
N PRO A 563 18.80 -38.81 -19.21
CA PRO A 563 20.13 -39.33 -19.50
C PRO A 563 20.25 -39.73 -20.97
N PRO A 564 21.45 -39.68 -21.52
CA PRO A 564 21.64 -40.13 -22.91
C PRO A 564 21.52 -41.64 -23.04
N LEU A 565 21.39 -42.08 -24.28
CA LEU A 565 21.18 -43.51 -24.59
C LEU A 565 22.49 -44.27 -24.74
N ARG A 566 23.36 -44.14 -23.74
CA ARG A 566 24.65 -44.82 -23.72
C ARG A 566 25.48 -44.53 -24.97
N ASN A 574 27.60 -39.14 -28.73
CA ASN A 574 26.32 -38.71 -28.20
C ASN A 574 26.51 -37.84 -26.95
N HIS A 575 26.79 -36.56 -27.18
CA HIS A 575 27.00 -35.64 -26.07
C HIS A 575 25.65 -35.10 -25.59
N PRO A 576 25.26 -35.34 -24.34
CA PRO A 576 24.00 -34.80 -23.85
C PRO A 576 24.03 -33.28 -23.78
N GLY A 577 22.86 -32.68 -23.99
CA GLY A 577 22.78 -31.24 -23.98
C GLY A 577 21.34 -30.77 -24.01
N TRP A 578 21.18 -29.45 -23.98
CA TRP A 578 19.87 -28.82 -23.94
C TRP A 578 19.88 -27.59 -24.82
N LEU A 579 18.69 -27.18 -25.26
CA LEU A 579 18.52 -25.99 -26.08
C LEU A 579 17.52 -25.07 -25.42
N MET A 580 17.90 -23.80 -25.28
CA MET A 580 17.07 -22.79 -24.67
C MET A 580 16.16 -22.15 -25.71
N ARG A 581 15.02 -21.61 -25.27
CA ARG A 581 14.07 -21.02 -26.20
C ARG A 581 13.50 -19.68 -25.77
N GLY A 582 13.50 -19.35 -24.48
CA GLY A 582 12.79 -18.16 -24.03
C GLY A 582 13.67 -17.04 -23.50
N LEU A 583 14.79 -16.79 -24.18
CA LEU A 583 15.78 -15.83 -23.69
C LEU A 583 15.57 -14.46 -24.32
N LYS A 584 16.04 -13.43 -23.62
CA LYS A 584 15.95 -12.05 -24.05
C LYS A 584 17.27 -11.62 -24.67
N PRO A 585 17.25 -11.01 -25.86
CA PRO A 585 18.51 -10.75 -26.57
C PRO A 585 19.41 -9.77 -25.83
N TRP A 586 20.71 -9.94 -26.04
CA TRP A 586 21.75 -9.07 -25.48
C TRP A 586 21.66 -8.99 -23.96
N THR A 587 21.72 -10.16 -23.32
CA THR A 587 21.78 -10.26 -21.87
C THR A 587 22.82 -11.29 -21.48
N GLN A 588 23.36 -11.14 -20.28
CA GLN A 588 24.35 -12.07 -19.74
C GLN A 588 23.65 -13.08 -18.83
N TYR A 589 23.90 -14.36 -19.07
CA TYR A 589 23.22 -15.44 -18.37
C TYR A 589 24.23 -16.26 -17.57
N ALA A 590 23.80 -16.72 -16.40
CA ALA A 590 24.61 -17.60 -15.55
C ALA A 590 24.02 -18.99 -15.62
N ILE A 591 24.82 -19.95 -16.09
CA ILE A 591 24.37 -21.32 -16.33
C ILE A 591 25.33 -22.29 -15.67
N PHE A 592 24.79 -23.28 -14.97
CA PHE A 592 25.59 -24.37 -14.43
C PHE A 592 24.71 -25.61 -14.32
N VAL A 593 25.30 -26.77 -14.63
CA VAL A 593 24.57 -28.02 -14.72
C VAL A 593 25.00 -28.93 -13.57
N LYS A 594 24.01 -29.50 -12.90
CA LYS A 594 24.24 -30.39 -11.76
C LYS A 594 23.55 -31.73 -12.02
N THR A 595 24.29 -32.81 -11.79
CA THR A 595 23.72 -34.13 -12.02
C THR A 595 22.78 -34.51 -10.88
N LEU A 596 22.01 -35.57 -11.13
CA LEU A 596 21.10 -36.12 -10.13
C LEU A 596 21.25 -37.64 -10.15
N VAL A 597 21.79 -38.18 -9.06
CA VAL A 597 22.09 -39.60 -8.95
C VAL A 597 21.31 -40.17 -7.77
N THR A 598 20.73 -41.36 -7.97
CA THR A 598 19.97 -41.99 -6.91
C THR A 598 20.86 -42.37 -5.75
N PHE A 599 20.26 -42.49 -4.57
CA PHE A 599 20.99 -42.75 -3.33
C PHE A 599 21.11 -44.25 -3.12
N SER A 600 22.19 -44.83 -3.63
CA SER A 600 22.46 -46.24 -3.40
C SER A 600 22.95 -46.46 -1.98
N ASP A 601 22.80 -47.70 -1.51
CA ASP A 601 23.21 -48.05 -0.16
C ASP A 601 24.73 -48.12 -0.02
N GLU A 602 25.46 -48.30 -1.11
CA GLU A 602 26.91 -48.43 -1.07
C GLU A 602 27.56 -47.05 -0.93
N ARG A 603 28.87 -46.99 -1.17
CA ARG A 603 29.58 -45.73 -1.12
C ARG A 603 28.97 -44.73 -2.08
N ARG A 604 28.80 -43.49 -1.62
CA ARG A 604 28.04 -42.50 -2.37
C ARG A 604 28.76 -42.10 -3.63
N THR A 605 28.07 -42.21 -4.76
CA THR A 605 28.52 -41.61 -6.01
C THR A 605 28.08 -40.15 -5.98
N TYR A 606 28.99 -39.27 -5.56
CA TYR A 606 28.61 -37.90 -5.25
C TYR A 606 28.16 -37.14 -6.49
N GLY A 607 28.58 -37.56 -7.68
CA GLY A 607 28.21 -36.88 -8.90
C GLY A 607 29.05 -35.65 -9.15
N ALA A 608 28.79 -35.02 -10.29
CA ALA A 608 29.57 -33.87 -10.73
C ALA A 608 28.64 -32.69 -11.03
N LYS A 609 29.05 -31.51 -10.60
CA LYS A 609 28.37 -30.27 -10.95
C LYS A 609 29.38 -29.33 -11.59
N SER A 610 29.00 -28.74 -12.71
CA SER A 610 29.91 -27.88 -13.45
C SER A 610 30.08 -26.54 -12.73
N ASP A 611 31.00 -25.73 -13.25
CA ASP A 611 31.26 -24.43 -12.70
C ASP A 611 30.26 -23.42 -13.25
N ILE A 612 30.03 -22.34 -12.48
CA ILE A 612 29.19 -21.25 -12.94
C ILE A 612 29.92 -20.54 -14.07
N ILE A 613 29.22 -20.37 -15.20
CA ILE A 613 29.77 -19.65 -16.34
C ILE A 613 28.80 -18.55 -16.71
N TYR A 614 29.32 -17.53 -17.40
CA TYR A 614 28.52 -16.41 -17.86
C TYR A 614 28.48 -16.43 -19.38
N VAL A 615 27.26 -16.42 -19.93
CA VAL A 615 27.05 -16.48 -21.38
C VAL A 615 26.20 -15.27 -21.76
N GLN A 616 26.62 -14.57 -22.81
CA GLN A 616 25.93 -13.38 -23.29
C GLN A 616 25.21 -13.67 -24.59
N THR A 617 23.93 -13.33 -24.65
CA THR A 617 23.14 -13.52 -25.85
C THR A 617 23.50 -12.49 -26.91
N ASP A 618 23.18 -12.81 -28.15
CA ASP A 618 23.48 -11.91 -29.25
C ASP A 618 22.53 -10.71 -29.24
N ALA A 619 22.80 -9.78 -30.14
CA ALA A 619 21.99 -8.57 -30.29
C ALA A 619 21.14 -8.64 -31.55
N THR A 620 20.07 -7.86 -31.56
CA THR A 620 19.18 -7.78 -32.70
C THR A 620 18.83 -6.32 -32.94
N ASN A 621 18.04 -6.07 -33.97
CA ASN A 621 17.68 -4.71 -34.30
C ASN A 621 16.79 -4.12 -33.21
N PRO A 622 17.04 -2.88 -32.81
CA PRO A 622 16.36 -2.31 -31.65
C PRO A 622 14.90 -1.98 -31.96
N SER A 623 14.21 -1.48 -30.95
CA SER A 623 12.81 -1.10 -31.11
C SER A 623 12.72 0.28 -31.74
N VAL A 624 11.49 0.75 -31.92
CA VAL A 624 11.25 2.06 -32.52
C VAL A 624 11.58 3.15 -31.51
N PRO A 625 12.29 4.20 -31.88
CA PRO A 625 12.50 5.33 -30.96
C PRO A 625 11.17 5.95 -30.55
N LEU A 626 11.10 6.37 -29.29
CA LEU A 626 9.85 6.83 -28.70
C LEU A 626 9.73 8.34 -28.75
N ASP A 627 8.52 8.82 -29.00
CA ASP A 627 8.13 10.22 -28.93
C ASP A 627 8.97 11.09 -29.86
N PRO A 628 8.81 10.98 -31.17
CA PRO A 628 9.48 11.91 -32.07
C PRO A 628 8.69 13.19 -32.25
N ILE A 629 9.27 14.32 -31.85
CA ILE A 629 8.61 15.62 -31.92
C ILE A 629 9.50 16.58 -32.67
N SER A 630 8.91 17.32 -33.61
CA SER A 630 9.63 18.29 -34.42
C SER A 630 9.03 19.68 -34.18
N VAL A 631 9.89 20.68 -34.04
CA VAL A 631 9.48 22.05 -33.79
C VAL A 631 10.25 22.96 -34.73
N SER A 632 9.54 23.92 -35.33
CA SER A 632 10.14 24.90 -36.22
C SER A 632 10.29 26.22 -35.47
N ASN A 633 11.50 26.78 -35.51
CA ASN A 633 11.77 28.06 -34.87
C ASN A 633 12.41 29.07 -35.80
N SER A 634 12.57 28.76 -37.08
CA SER A 634 13.18 29.69 -38.03
C SER A 634 12.70 29.34 -39.43
N SER A 635 13.19 30.08 -40.42
CA SER A 635 12.81 29.82 -41.81
C SER A 635 13.36 28.49 -42.30
N SER A 636 14.53 28.08 -41.81
CA SER A 636 15.14 26.84 -42.23
C SER A 636 15.68 25.99 -41.09
N GLN A 637 15.48 26.40 -39.83
CA GLN A 637 15.95 25.64 -38.68
C GLN A 637 14.77 24.96 -38.02
N ILE A 638 14.80 23.63 -37.97
CA ILE A 638 13.78 22.84 -37.32
C ILE A 638 14.47 21.89 -36.33
N ILE A 639 14.12 22.01 -35.07
CA ILE A 639 14.71 21.17 -34.03
C ILE A 639 13.92 19.87 -33.96
N LEU A 640 14.63 18.80 -33.61
CA LEU A 640 14.03 17.47 -33.56
C LEU A 640 14.42 16.80 -32.25
N LYS A 641 13.42 16.25 -31.55
CA LYS A 641 13.63 15.59 -30.28
C LYS A 641 13.04 14.19 -30.32
N TRP A 642 13.68 13.28 -29.59
CA TRP A 642 13.21 11.90 -29.51
C TRP A 642 13.81 11.25 -28.28
N LYS A 643 13.49 9.99 -28.07
CA LYS A 643 13.95 9.23 -26.92
C LYS A 643 14.54 7.91 -27.36
N PRO A 644 15.45 7.34 -26.58
CA PRO A 644 16.05 6.06 -26.95
C PRO A 644 15.00 4.97 -26.97
N PRO A 645 15.17 3.95 -27.81
CA PRO A 645 14.17 2.89 -27.89
C PRO A 645 14.06 2.11 -26.59
N SER A 646 12.86 1.61 -26.33
CA SER A 646 12.61 0.88 -25.09
C SER A 646 13.36 -0.44 -25.06
N ASP A 647 13.71 -1.00 -26.22
CA ASP A 647 14.41 -2.27 -26.32
C ASP A 647 15.66 -2.05 -27.15
N PRO A 648 16.73 -1.56 -26.53
CA PRO A 648 17.96 -1.28 -27.30
C PRO A 648 18.52 -2.50 -27.99
N ASN A 649 18.43 -3.67 -27.36
CA ASN A 649 18.93 -4.92 -27.92
C ASN A 649 20.38 -4.76 -28.39
N GLY A 650 21.19 -4.16 -27.53
CA GLY A 650 22.56 -3.80 -27.80
C GLY A 650 22.82 -2.37 -27.41
N ASN A 651 23.96 -1.84 -27.87
CA ASN A 651 24.32 -0.45 -27.64
C ASN A 651 24.06 0.35 -28.91
N ILE A 652 23.29 1.44 -28.78
CA ILE A 652 22.92 2.24 -29.92
C ILE A 652 24.12 3.04 -30.39
N THR A 653 24.75 2.61 -31.48
CA THR A 653 25.94 3.28 -31.97
C THR A 653 25.60 4.65 -32.56
N HIS A 654 24.58 4.71 -33.41
CA HIS A 654 24.24 5.95 -34.09
C HIS A 654 22.77 5.90 -34.49
N TYR A 655 22.22 7.09 -34.73
CA TYR A 655 20.85 7.22 -35.21
C TYR A 655 20.85 7.50 -36.70
N LEU A 656 19.66 7.50 -37.29
CA LEU A 656 19.50 7.71 -38.73
C LEU A 656 18.26 8.55 -38.96
N VAL A 657 18.44 9.71 -39.59
CA VAL A 657 17.36 10.64 -39.85
C VAL A 657 17.30 10.91 -41.35
N PHE A 658 16.12 10.68 -41.94
CA PHE A 658 15.88 10.98 -43.35
C PHE A 658 14.79 12.05 -43.43
N TRP A 659 15.12 13.20 -43.97
CA TRP A 659 14.17 14.28 -44.19
C TRP A 659 14.09 14.57 -45.68
N GLU A 660 12.88 14.56 -46.22
CA GLU A 660 12.65 14.75 -47.64
C GLU A 660 11.69 15.91 -47.84
N ARG A 661 11.97 16.74 -48.85
CA ARG A 661 11.09 17.85 -49.18
C ARG A 661 9.83 17.33 -49.87
N GLN A 662 8.68 17.79 -49.40
CA GLN A 662 7.39 17.40 -49.97
C GLN A 662 6.81 18.59 -50.74
N ALA A 663 6.48 18.36 -52.00
CA ALA A 663 5.86 19.40 -52.80
C ALA A 663 4.43 19.66 -52.31
N GLU A 664 3.96 20.89 -52.57
CA GLU A 664 2.64 21.28 -52.13
C GLU A 664 1.57 20.54 -52.94
N ASP A 665 0.35 20.56 -52.40
CA ASP A 665 -0.75 19.80 -52.98
C ASP A 665 -1.07 20.29 -54.38
N SER A 666 -1.49 19.35 -55.23
CA SER A 666 -1.68 19.65 -56.65
C SER A 666 -2.87 20.55 -56.88
N GLU A 667 -4.00 20.28 -56.23
CA GLU A 667 -5.22 21.04 -56.47
C GLU A 667 -5.08 22.51 -56.09
N LEU A 668 -4.07 22.85 -55.28
CA LEU A 668 -3.84 24.25 -54.91
C LEU A 668 -3.46 25.10 -56.12
N PHE A 669 -3.06 24.49 -57.23
CA PHE A 669 -2.63 25.23 -58.41
C PHE A 669 -3.78 25.53 -59.37
N GLU A 670 -4.44 24.49 -59.87
CA GLU A 670 -5.38 24.63 -60.96
C GLU A 670 -6.81 24.92 -60.51
N LEU A 671 -7.08 24.93 -59.22
CA LEU A 671 -8.43 25.16 -58.71
C LEU A 671 -8.47 26.54 -58.03
N ASP A 672 -9.46 27.34 -58.42
CA ASP A 672 -9.59 28.68 -57.87
C ASP A 672 -9.99 28.63 -56.40
N TYR A 673 -9.53 29.62 -55.64
CA TYR A 673 -9.86 29.73 -54.22
C TYR A 673 -10.58 31.03 -53.88
N CYS A 674 -11.06 31.76 -54.87
CA CYS A 674 -11.85 32.97 -54.61
C CYS A 674 -13.20 32.97 -55.30
N LEU A 675 -13.55 31.90 -56.01
CA LEU A 675 -14.89 31.80 -56.59
C LEU A 675 -15.93 31.72 -55.48
N LYS A 676 -17.19 31.93 -55.86
CA LYS A 676 -18.28 31.90 -54.89
C LYS A 676 -18.36 30.53 -54.24
N GLY A 677 -18.00 30.46 -52.96
CA GLY A 677 -17.87 29.19 -52.29
C GLY A 677 -16.42 28.73 -52.29
N LEU A 678 -15.76 28.84 -51.15
CA LEU A 678 -14.33 28.56 -51.07
C LEU A 678 -13.97 28.27 -49.62
N LYS A 679 -12.67 28.07 -49.38
CA LYS A 679 -12.14 27.95 -48.03
C LYS A 679 -10.70 28.41 -48.05
N LEU A 680 -10.33 29.24 -47.09
CA LEU A 680 -8.97 29.76 -47.03
C LEU A 680 -7.99 28.63 -46.70
N PRO A 681 -7.00 28.38 -47.55
CA PRO A 681 -6.01 27.32 -47.26
C PRO A 681 -5.01 27.77 -46.20
N SER A 682 -5.49 27.87 -44.97
CA SER A 682 -4.66 28.32 -43.84
C SER A 682 -3.82 27.15 -43.36
N ARG A 683 -2.70 26.93 -44.06
CA ARG A 683 -1.78 25.86 -43.70
C ARG A 683 -0.97 26.27 -42.48
N THR A 684 -1.27 25.66 -41.34
CA THR A 684 -0.59 26.00 -40.09
C THR A 684 0.85 25.52 -40.10
N ASP A 716 -13.51 3.16 -10.61
CA ASP A 716 -12.56 2.24 -11.22
C ASP A 716 -12.62 2.30 -12.73
N SER A 717 -13.58 3.08 -13.25
CA SER A 717 -13.70 3.23 -14.69
C SER A 717 -12.46 3.86 -15.30
N GLN A 718 -11.90 4.87 -14.63
CA GLN A 718 -10.65 5.46 -15.10
C GLN A 718 -9.52 4.44 -15.09
N ILE A 719 -9.40 3.66 -14.01
CA ILE A 719 -8.36 2.65 -13.94
C ILE A 719 -8.60 1.58 -14.99
N LEU A 720 -9.86 1.15 -15.17
CA LEU A 720 -10.16 0.12 -16.15
C LEU A 720 -9.81 0.58 -17.56
N LYS A 721 -10.16 1.81 -17.93
CA LYS A 721 -9.82 2.31 -19.24
C LYS A 721 -8.32 2.52 -19.40
N GLU A 722 -7.63 2.91 -18.32
CA GLU A 722 -6.17 3.03 -18.39
C GLU A 722 -5.54 1.67 -18.68
N LEU A 723 -5.99 0.63 -17.99
CA LEU A 723 -5.46 -0.71 -18.24
C LEU A 723 -5.80 -1.19 -19.64
N GLU A 724 -7.02 -0.89 -20.12
CA GLU A 724 -7.39 -1.29 -21.47
C GLU A 724 -6.51 -0.61 -22.52
N GLU A 725 -6.29 0.69 -22.37
CA GLU A 725 -5.44 1.40 -23.32
C GLU A 725 -4.01 0.90 -23.26
N SER A 726 -3.50 0.65 -22.05
CA SER A 726 -2.14 0.14 -21.90
C SER A 726 -2.01 -1.24 -22.54
N SER A 727 -3.02 -2.10 -22.37
CA SER A 727 -2.98 -3.41 -22.99
C SER A 727 -3.05 -3.32 -24.51
N PHE A 728 -3.83 -2.37 -25.04
CA PHE A 728 -3.86 -2.17 -26.48
C PHE A 728 -2.50 -1.75 -27.01
N ARG A 729 -1.87 -0.77 -26.36
CA ARG A 729 -0.54 -0.34 -26.76
C ARG A 729 0.47 -1.47 -26.65
N LYS A 730 0.39 -2.25 -25.57
CA LYS A 730 1.29 -3.39 -25.40
C LYS A 730 1.07 -4.44 -26.46
N THR A 731 -0.18 -4.67 -26.87
CA THR A 731 -0.45 -5.62 -27.95
C THR A 731 0.21 -5.18 -29.23
N PHE A 732 0.11 -3.88 -29.56
CA PHE A 732 0.77 -3.42 -30.78
C PHE A 732 2.29 -3.45 -30.66
N GLU A 733 2.83 -3.16 -29.47
CA GLU A 733 4.27 -3.29 -29.29
C GLU A 733 4.71 -4.74 -29.48
N ASP A 734 3.93 -5.69 -28.94
CA ASP A 734 4.23 -7.10 -29.16
C ASP A 734 4.22 -7.42 -30.64
N TYR A 735 3.19 -6.98 -31.35
CA TYR A 735 3.16 -7.17 -32.81
C TYR A 735 4.40 -6.62 -33.47
N LEU A 736 4.92 -5.48 -33.00
CA LEU A 736 6.14 -4.92 -33.53
C LEU A 736 7.38 -5.69 -33.10
N HIS A 737 7.28 -6.55 -32.09
CA HIS A 737 8.50 -7.15 -31.54
C HIS A 737 8.86 -8.48 -32.20
N ASN A 738 7.92 -9.16 -32.86
CA ASN A 738 8.24 -10.41 -33.51
C ASN A 738 8.10 -10.32 -35.03
N VAL A 739 8.47 -9.17 -35.59
CA VAL A 739 8.39 -9.00 -37.04
C VAL A 739 9.31 -9.97 -37.76
N VAL A 740 10.39 -10.40 -37.10
CA VAL A 740 11.43 -11.24 -37.71
C VAL A 740 12.02 -10.49 -38.89
N PHE A 741 13.04 -9.69 -38.62
CA PHE A 741 13.62 -8.80 -39.62
C PHE A 741 14.44 -9.60 -40.61
N VAL A 742 15.12 -8.89 -41.51
CA VAL A 742 15.92 -9.51 -42.56
C VAL A 742 17.07 -10.33 -41.96
N HIS A 795 17.83 8.53 -52.73
CA HIS A 795 18.74 9.66 -52.62
C HIS A 795 18.10 10.81 -51.86
N ARG A 796 18.20 10.77 -50.53
CA ARG A 796 17.63 11.80 -49.68
C ARG A 796 18.69 12.37 -48.77
N PRO A 797 18.57 13.65 -48.41
CA PRO A 797 19.57 14.27 -47.52
C PRO A 797 19.46 13.73 -46.11
N PHE A 798 20.45 12.94 -45.70
CA PHE A 798 20.44 12.26 -44.41
C PHE A 798 21.75 12.49 -43.69
N GLU A 799 21.67 12.51 -42.37
CA GLU A 799 22.87 12.63 -41.55
C GLU A 799 22.77 11.60 -40.42
N LYS A 800 23.92 11.09 -40.01
CA LYS A 800 23.98 10.10 -38.93
C LYS A 800 24.34 10.81 -37.63
N VAL A 801 23.37 10.91 -36.73
CA VAL A 801 23.61 11.50 -35.42
C VAL A 801 24.32 10.48 -34.55
N VAL A 802 25.31 10.94 -33.79
CA VAL A 802 26.11 10.09 -32.92
C VAL A 802 25.92 10.54 -31.48
N ASN A 803 25.56 9.59 -30.61
CA ASN A 803 25.42 9.78 -29.18
C ASN A 803 24.67 11.06 -28.80
N LYS A 804 23.69 11.45 -29.61
CA LYS A 804 22.88 12.61 -29.32
C LYS A 804 21.42 12.30 -29.65
N GLU A 805 20.52 12.75 -28.77
CA GLU A 805 19.09 12.49 -28.93
C GLU A 805 18.36 13.66 -29.58
N SER A 806 19.08 14.69 -30.02
CA SER A 806 18.46 15.85 -30.65
C SER A 806 19.26 16.20 -31.90
N LEU A 807 18.57 16.84 -32.85
CA LEU A 807 19.18 17.21 -34.11
C LEU A 807 18.48 18.43 -34.67
N VAL A 808 19.25 19.29 -35.32
CA VAL A 808 18.71 20.47 -36.00
C VAL A 808 19.09 20.38 -37.47
N ILE A 809 18.29 21.04 -38.30
CA ILE A 809 18.49 21.02 -39.75
C ILE A 809 18.65 22.45 -40.24
N SER A 810 19.48 22.61 -41.27
CA SER A 810 19.73 23.91 -41.85
C SER A 810 19.68 23.81 -43.37
N GLY A 811 19.46 24.96 -44.00
CA GLY A 811 19.38 25.00 -45.45
C GLY A 811 18.11 24.36 -45.99
N LEU A 812 16.97 24.96 -45.64
CA LEU A 812 15.67 24.44 -46.05
C LEU A 812 14.83 25.57 -46.63
N ARG A 813 14.02 25.23 -47.63
CA ARG A 813 13.12 26.21 -48.21
C ARG A 813 12.06 26.62 -47.21
N HIS A 814 11.78 27.92 -47.15
CA HIS A 814 10.86 28.45 -46.15
C HIS A 814 9.44 28.00 -46.43
N PHE A 815 8.74 27.61 -45.37
CA PHE A 815 7.33 27.21 -45.41
C PHE A 815 7.10 26.13 -46.46
N THR A 816 7.77 25.00 -46.26
CA THR A 816 7.61 23.83 -47.12
C THR A 816 7.38 22.60 -46.26
N GLY A 817 6.47 21.75 -46.70
CA GLY A 817 6.20 20.51 -45.97
C GLY A 817 7.38 19.57 -46.08
N TYR A 818 7.79 19.00 -44.95
CA TYR A 818 8.90 18.07 -44.89
C TYR A 818 8.47 16.79 -44.20
N ARG A 819 8.88 15.65 -44.76
CA ARG A 819 8.63 14.34 -44.19
C ARG A 819 9.92 13.83 -43.58
N ILE A 820 9.89 13.52 -42.29
CA ILE A 820 11.07 13.12 -41.54
C ILE A 820 10.93 11.65 -41.18
N GLU A 821 11.87 10.83 -41.67
CA GLU A 821 11.92 9.42 -41.33
C GLU A 821 13.09 9.20 -40.38
N LEU A 822 12.82 8.57 -39.25
CA LEU A 822 13.78 8.45 -38.16
C LEU A 822 14.01 6.98 -37.84
N GLN A 823 15.28 6.63 -37.61
CA GLN A 823 15.64 5.25 -37.31
C GLN A 823 16.71 5.23 -36.22
N ALA A 824 16.76 4.13 -35.49
CA ALA A 824 17.79 3.88 -34.49
C ALA A 824 18.65 2.72 -34.95
N CYS A 825 19.94 2.77 -34.65
CA CYS A 825 20.85 1.79 -35.23
C CYS A 825 21.93 1.43 -34.22
N ASN A 826 22.48 0.21 -34.36
CA ASN A 826 23.50 -0.27 -33.44
C ASN A 826 24.75 -0.79 -34.13
N GLN A 827 24.63 -1.42 -35.29
CA GLN A 827 25.76 -1.97 -36.01
C GLN A 827 25.97 -1.20 -37.31
N ASP A 828 27.21 -0.82 -37.59
CA ASP A 828 27.52 0.08 -38.70
C ASP A 828 28.34 -0.58 -39.79
N THR A 829 29.51 -1.12 -39.49
CA THR A 829 30.39 -1.59 -40.55
C THR A 829 30.09 -3.01 -41.04
N PRO A 830 29.98 -4.03 -40.16
CA PRO A 830 29.87 -5.40 -40.68
C PRO A 830 28.46 -5.78 -41.08
N GLU A 831 28.04 -5.41 -42.29
CA GLU A 831 26.71 -5.71 -42.81
C GLU A 831 25.64 -5.11 -41.89
N GLU A 832 25.62 -3.79 -41.86
CA GLU A 832 24.78 -3.05 -40.92
C GLU A 832 23.31 -3.43 -41.09
N ARG A 833 22.64 -3.62 -39.96
CA ARG A 833 21.21 -3.89 -39.93
C ARG A 833 20.68 -3.38 -38.61
N CYS A 834 19.51 -2.74 -38.63
CA CYS A 834 18.97 -2.10 -37.44
C CYS A 834 17.50 -1.74 -37.67
N SER A 835 16.97 -0.92 -36.76
CA SER A 835 15.54 -0.87 -36.47
C SER A 835 14.73 -0.36 -37.66
N VAL A 836 13.42 -0.41 -37.49
CA VAL A 836 12.49 0.08 -38.48
C VAL A 836 12.22 1.55 -38.23
N ALA A 837 11.71 2.24 -39.25
CA ALA A 837 11.60 3.69 -39.23
C ALA A 837 10.40 4.15 -38.41
N ALA A 838 10.51 5.37 -37.87
CA ALA A 838 9.40 6.09 -37.29
C ALA A 838 9.26 7.41 -38.02
N TYR A 839 8.01 7.77 -38.34
CA TYR A 839 7.75 8.90 -39.22
C TYR A 839 7.21 10.10 -38.44
N VAL A 840 7.55 11.29 -38.92
CA VAL A 840 7.02 12.53 -38.37
C VAL A 840 7.19 13.60 -39.45
N SER A 841 6.36 14.65 -39.37
CA SER A 841 6.37 15.69 -40.38
C SER A 841 6.34 17.05 -39.70
N ALA A 842 6.82 18.05 -40.44
CA ALA A 842 6.87 19.41 -39.92
C ALA A 842 6.91 20.39 -41.10
N ARG A 843 6.59 21.64 -40.79
CA ARG A 843 6.63 22.73 -41.76
C ARG A 843 7.44 23.88 -41.18
N THR A 844 8.27 24.49 -42.03
CA THR A 844 9.12 25.58 -41.59
C THR A 844 8.33 26.89 -41.54
N MET A 845 8.83 27.82 -40.73
CA MET A 845 8.18 29.12 -40.61
C MET A 845 8.45 29.96 -41.86
N PRO A 846 7.44 30.65 -42.39
CA PRO A 846 7.63 31.43 -43.61
C PRO A 846 8.31 32.76 -43.34
N GLU A 847 8.57 33.48 -44.43
CA GLU A 847 9.15 34.82 -44.36
C GLU A 847 8.08 35.86 -44.63
N ALA A 848 7.98 36.85 -43.74
CA ALA A 848 7.01 37.93 -43.92
C ALA A 848 7.39 38.86 -45.05
N LYS A 849 8.62 38.77 -45.55
CA LYS A 849 9.08 39.60 -46.66
C LYS A 849 8.90 38.93 -48.01
N ALA A 850 9.05 37.61 -48.09
CA ALA A 850 9.06 36.90 -49.36
C ALA A 850 7.77 37.07 -50.15
N ASP A 851 6.65 37.37 -49.49
CA ASP A 851 5.38 37.51 -50.16
C ASP A 851 5.12 38.91 -50.67
N ASP A 852 6.00 39.86 -50.39
CA ASP A 852 5.77 41.25 -50.79
C ASP A 852 5.87 41.40 -52.29
N ILE A 853 5.09 42.34 -52.83
CA ILE A 853 5.05 42.60 -54.26
C ILE A 853 6.14 43.62 -54.61
N VAL A 854 6.94 43.30 -55.62
CA VAL A 854 7.99 44.18 -56.11
C VAL A 854 7.74 44.48 -57.58
N GLY A 855 8.07 45.70 -57.99
CA GLY A 855 7.88 46.12 -59.36
C GLY A 855 6.77 47.13 -59.51
N PRO A 856 6.96 48.10 -60.41
CA PRO A 856 5.91 49.08 -60.65
C PRO A 856 4.66 48.42 -61.24
N VAL A 857 3.51 48.94 -60.86
CA VAL A 857 2.23 48.46 -61.37
C VAL A 857 1.87 49.34 -62.56
N THR A 858 2.11 48.81 -63.76
CA THR A 858 1.83 49.54 -64.98
C THR A 858 0.39 49.34 -65.40
N HIS A 859 -0.20 50.36 -66.00
CA HIS A 859 -1.58 50.31 -66.46
C HIS A 859 -1.66 50.74 -67.92
N GLU A 860 -2.64 50.19 -68.63
CA GLU A 860 -2.84 50.49 -70.04
C GLU A 860 -4.28 50.15 -70.43
N ILE A 861 -4.92 51.06 -71.16
CA ILE A 861 -6.28 50.89 -71.63
C ILE A 861 -6.24 50.80 -73.15
N PHE A 862 -6.87 49.75 -73.70
CA PHE A 862 -6.83 49.57 -75.15
C PHE A 862 -7.86 50.47 -75.85
N GLU A 863 -9.15 50.24 -75.60
CA GLU A 863 -10.19 51.00 -76.28
C GLU A 863 -11.11 51.74 -75.30
N ASN A 864 -11.71 51.03 -74.33
CA ASN A 864 -12.72 51.63 -73.46
C ASN A 864 -12.48 51.12 -72.03
N ASN A 865 -11.70 51.88 -71.27
CA ASN A 865 -11.41 51.61 -69.85
C ASN A 865 -11.03 50.14 -69.60
N VAL A 866 -10.43 49.50 -70.59
CA VAL A 866 -9.97 48.13 -70.43
C VAL A 866 -8.62 48.18 -69.72
N VAL A 867 -8.65 48.17 -68.39
CA VAL A 867 -7.47 48.43 -67.58
C VAL A 867 -6.65 47.14 -67.52
N HIS A 868 -5.52 47.12 -68.22
CA HIS A 868 -4.57 46.02 -68.12
C HIS A 868 -3.49 46.37 -67.10
N LEU A 869 -3.25 45.44 -66.18
CA LEU A 869 -2.30 45.64 -65.09
C LEU A 869 -1.13 44.69 -65.28
N MET A 870 -0.01 45.22 -65.79
CA MET A 870 1.22 44.45 -65.93
C MET A 870 2.12 44.77 -64.74
N TRP A 871 2.37 43.77 -63.90
CA TRP A 871 3.24 43.92 -62.75
C TRP A 871 3.82 42.57 -62.39
N GLN A 872 5.04 42.59 -61.87
CA GLN A 872 5.77 41.35 -61.58
C GLN A 872 5.12 40.60 -60.42
N GLU A 873 5.21 39.28 -60.49
CA GLU A 873 4.71 38.31 -59.52
C GLU A 873 5.74 38.06 -58.42
N PRO A 874 5.28 37.69 -57.23
CA PRO A 874 6.22 37.29 -56.17
C PRO A 874 6.76 35.88 -56.41
N LYS A 875 7.80 35.81 -57.25
CA LYS A 875 8.36 34.52 -57.67
C LYS A 875 9.00 33.73 -56.54
N GLU A 876 9.00 34.26 -55.32
CA GLU A 876 9.52 33.55 -54.15
C GLU A 876 8.48 33.63 -53.04
N PRO A 877 7.35 32.94 -53.19
CA PRO A 877 6.28 33.05 -52.19
C PRO A 877 6.41 32.01 -51.08
N ASN A 878 5.49 32.06 -50.11
CA ASN A 878 5.42 31.04 -49.07
C ASN A 878 4.60 29.88 -49.61
N GLY A 879 5.28 29.01 -50.34
CA GLY A 879 4.62 27.91 -51.02
C GLY A 879 4.16 28.28 -52.42
N LEU A 880 3.12 29.10 -52.51
CA LEU A 880 2.60 29.54 -53.79
C LEU A 880 1.65 30.70 -53.58
N ILE A 881 1.32 31.38 -54.67
CA ILE A 881 0.40 32.52 -54.64
C ILE A 881 -1.00 31.97 -54.87
N VAL A 882 -1.82 31.97 -53.81
CA VAL A 882 -3.17 31.43 -53.93
C VAL A 882 -4.04 32.35 -54.80
N LEU A 883 -3.99 33.66 -54.55
CA LEU A 883 -4.81 34.60 -55.29
C LEU A 883 -4.29 36.01 -55.07
N TYR A 884 -4.62 36.89 -56.01
CA TYR A 884 -4.37 38.31 -55.89
C TYR A 884 -5.69 39.04 -55.65
N GLU A 885 -5.61 40.19 -54.99
CA GLU A 885 -6.75 41.07 -54.84
C GLU A 885 -6.35 42.48 -55.27
N VAL A 886 -7.23 43.13 -56.02
CA VAL A 886 -6.98 44.47 -56.55
C VAL A 886 -8.12 45.37 -56.10
N SER A 887 -7.77 46.55 -55.59
CA SER A 887 -8.75 47.53 -55.13
C SER A 887 -8.44 48.89 -55.74
N TYR A 888 -9.47 49.56 -56.23
CA TYR A 888 -9.35 50.87 -56.84
C TYR A 888 -10.44 51.78 -56.30
N ARG A 889 -10.14 53.09 -56.31
CA ARG A 889 -11.01 54.07 -55.67
C ARG A 889 -11.00 55.37 -56.48
N ARG A 890 -12.18 55.96 -56.66
CA ARG A 890 -12.29 57.28 -57.26
C ARG A 890 -12.01 58.35 -56.22
N TYR A 891 -11.47 59.48 -56.67
CA TYR A 891 -11.07 60.54 -55.75
C TYR A 891 -12.26 61.00 -54.91
N GLY A 892 -12.08 60.97 -53.59
CA GLY A 892 -13.15 61.30 -52.69
C GLY A 892 -14.30 60.33 -52.66
N ASP A 893 -14.17 59.19 -53.34
CA ASP A 893 -15.24 58.19 -53.44
C ASP A 893 -14.78 56.90 -52.75
N GLU A 894 -15.66 55.90 -52.79
CA GLU A 894 -15.40 54.63 -52.12
C GLU A 894 -14.49 53.75 -52.97
N GLU A 895 -13.73 52.90 -52.27
CA GLU A 895 -12.87 51.91 -52.92
C GLU A 895 -13.64 50.61 -53.12
N LEU A 896 -13.45 50.01 -54.29
CA LEU A 896 -14.05 48.72 -54.60
C LEU A 896 -12.94 47.72 -54.90
N HIS A 897 -13.05 46.53 -54.35
CA HIS A 897 -12.04 45.49 -54.48
C HIS A 897 -12.46 44.44 -55.50
N LEU A 898 -11.50 43.62 -55.91
CA LEU A 898 -11.73 42.57 -56.89
C LEU A 898 -10.68 41.48 -56.71
N CYS A 899 -11.09 40.23 -56.85
CA CYS A 899 -10.16 39.11 -56.79
C CYS A 899 -9.53 38.84 -58.15
N VAL A 900 -8.41 38.12 -58.12
CA VAL A 900 -7.75 37.65 -59.32
C VAL A 900 -7.24 36.24 -59.04
N SER A 901 -7.75 35.27 -59.81
CA SER A 901 -7.37 33.87 -59.62
C SER A 901 -6.08 33.56 -60.36
N ARG A 902 -5.49 32.41 -60.01
CA ARG A 902 -4.27 31.98 -60.68
C ARG A 902 -4.51 31.77 -62.17
N LYS A 903 -5.60 31.10 -62.53
CA LYS A 903 -5.89 30.82 -63.93
C LYS A 903 -6.16 32.12 -64.70
N HIS A 904 -6.99 33.00 -64.13
CA HIS A 904 -7.29 34.26 -64.79
C HIS A 904 -6.05 35.12 -64.92
N PHE A 905 -5.23 35.18 -63.87
CA PHE A 905 -4.00 35.95 -63.94
C PHE A 905 -3.05 35.40 -65.00
N ALA A 906 -2.93 34.08 -65.07
CA ALA A 906 -2.04 33.48 -66.06
C ALA A 906 -2.54 33.74 -67.47
N LEU A 907 -3.84 33.60 -67.72
CA LEU A 907 -4.35 33.79 -69.07
C LEU A 907 -4.32 35.26 -69.49
N GLU A 908 -4.60 36.18 -68.58
CA GLU A 908 -4.60 37.59 -68.91
C GLU A 908 -3.24 38.25 -68.73
N ARG A 909 -2.28 37.55 -68.12
CA ARG A 909 -0.98 38.13 -67.79
C ARG A 909 -1.15 39.39 -66.95
N GLY A 910 -2.02 39.30 -65.95
CA GLY A 910 -2.33 40.44 -65.10
C GLY A 910 -3.79 40.47 -64.70
N CYS A 911 -4.37 41.67 -64.66
CA CYS A 911 -5.79 41.84 -64.36
C CYS A 911 -6.44 42.66 -65.46
N ARG A 912 -7.71 42.39 -65.69
CA ARG A 912 -8.52 43.14 -66.65
C ARG A 912 -9.67 43.80 -65.90
N LEU A 913 -9.83 45.10 -66.07
CA LEU A 913 -10.91 45.85 -65.45
C LEU A 913 -11.80 46.45 -66.52
N ARG A 914 -13.11 46.42 -66.28
CA ARG A 914 -14.08 46.92 -67.24
C ARG A 914 -15.27 47.51 -66.48
N GLY A 915 -16.05 48.31 -67.18
CA GLY A 915 -17.19 48.97 -66.57
C GLY A 915 -16.81 49.98 -65.51
N LEU A 916 -15.76 50.74 -65.75
CA LEU A 916 -15.27 51.74 -64.82
C LEU A 916 -15.47 53.13 -65.40
N SER A 917 -16.03 54.04 -64.59
CA SER A 917 -16.22 55.41 -65.02
C SER A 917 -14.85 56.08 -65.22
N PRO A 918 -14.73 56.96 -66.20
CA PRO A 918 -13.45 57.65 -66.42
C PRO A 918 -13.16 58.66 -65.33
N GLY A 919 -11.87 58.89 -65.11
CA GLY A 919 -11.43 59.83 -64.09
C GLY A 919 -10.07 59.43 -63.57
N ASN A 920 -9.74 59.96 -62.39
CA ASN A 920 -8.47 59.68 -61.73
C ASN A 920 -8.71 58.70 -60.59
N TYR A 921 -7.95 57.62 -60.57
CA TYR A 921 -8.12 56.55 -59.59
C TYR A 921 -6.78 56.15 -59.00
N SER A 922 -6.83 55.42 -57.90
CA SER A 922 -5.66 54.84 -57.26
C SER A 922 -5.89 53.35 -57.07
N VAL A 923 -4.83 52.58 -57.23
CA VAL A 923 -4.90 51.12 -57.17
C VAL A 923 -4.13 50.64 -55.94
N ARG A 924 -4.73 49.71 -55.20
CA ARG A 924 -4.07 49.06 -54.08
C ARG A 924 -4.11 47.56 -54.32
N ILE A 925 -2.94 46.95 -54.42
CA ILE A 925 -2.80 45.55 -54.81
C ILE A 925 -2.19 44.80 -53.63
N ARG A 926 -2.82 43.68 -53.26
CA ARG A 926 -2.31 42.81 -52.20
C ARG A 926 -2.24 41.39 -52.73
N ALA A 927 -1.22 40.67 -52.29
CA ALA A 927 -1.00 39.28 -52.68
C ALA A 927 -1.20 38.38 -51.46
N THR A 928 -1.76 37.20 -51.70
CA THR A 928 -2.03 36.24 -50.64
C THR A 928 -1.30 34.94 -50.91
N SER A 929 -0.81 34.31 -49.85
CA SER A 929 -0.17 33.00 -49.95
C SER A 929 -0.74 32.07 -48.89
N LEU A 930 -0.15 30.89 -48.76
CA LEU A 930 -0.61 29.96 -47.73
C LEU A 930 -0.38 30.48 -46.32
N ALA A 931 0.60 31.38 -46.15
CA ALA A 931 0.82 31.97 -44.83
C ALA A 931 -0.36 32.81 -44.39
N GLY A 932 -0.92 33.59 -45.29
CA GLY A 932 -2.06 34.42 -44.98
C GLY A 932 -2.10 35.63 -45.89
N ASN A 933 -2.87 36.62 -45.47
CA ASN A 933 -2.99 37.86 -46.24
C ASN A 933 -1.67 38.62 -46.24
N GLY A 934 -1.37 39.26 -47.36
CA GLY A 934 -0.14 40.02 -47.51
C GLY A 934 -0.31 41.48 -47.16
N SER A 935 0.49 42.32 -47.80
CA SER A 935 0.46 43.76 -47.59
C SER A 935 0.11 44.46 -48.89
N TRP A 936 -0.86 45.38 -48.82
CA TRP A 936 -1.23 46.17 -49.98
C TRP A 936 -0.07 47.05 -50.40
N THR A 937 0.15 47.16 -51.71
CA THR A 937 1.22 47.98 -52.22
C THR A 937 0.88 49.46 -52.06
N GLU A 938 1.87 50.30 -52.33
CA GLU A 938 1.66 51.74 -52.27
C GLU A 938 0.62 52.15 -53.31
N PRO A 939 -0.34 52.99 -52.95
CA PRO A 939 -1.36 53.40 -53.93
C PRO A 939 -0.79 54.31 -55.01
N THR A 940 -0.62 53.76 -56.21
CA THR A 940 -0.13 54.54 -57.34
C THR A 940 -1.33 55.11 -58.07
N TYR A 941 -1.65 56.37 -57.78
CA TYR A 941 -2.77 57.03 -58.42
C TYR A 941 -2.53 57.14 -59.92
N PHE A 942 -3.53 56.74 -60.71
CA PHE A 942 -3.45 56.76 -62.16
C PHE A 942 -4.72 57.36 -62.72
N TYR A 943 -4.59 58.13 -63.79
CA TYR A 943 -5.70 58.86 -64.38
C TYR A 943 -6.01 58.27 -65.75
N VAL A 944 -7.24 57.82 -65.94
CA VAL A 944 -7.74 57.45 -67.25
C VAL A 944 -8.47 58.64 -67.84
N THR A 945 -8.40 58.78 -69.17
CA THR A 945 -8.95 59.96 -69.83
C THR A 945 -10.46 60.03 -69.63
N ASP A 946 -10.95 61.24 -69.38
CA ASP A 946 -12.38 61.47 -69.17
C ASP A 946 -13.10 61.72 -70.48
N HIS B 28 -27.93 -17.73 -54.22
CA HIS B 28 -27.51 -16.53 -54.94
C HIS B 28 -27.19 -15.40 -53.98
N LEU B 29 -27.26 -14.16 -54.48
CA LEU B 29 -27.05 -12.94 -53.70
C LEU B 29 -25.60 -12.79 -53.25
N TYR B 30 -24.78 -13.80 -53.51
CA TYR B 30 -23.36 -13.79 -53.15
C TYR B 30 -22.59 -14.67 -54.12
N PRO B 31 -21.82 -14.07 -55.03
CA PRO B 31 -21.11 -14.89 -56.03
C PRO B 31 -20.11 -15.86 -55.43
N GLY B 32 -19.58 -15.57 -54.23
CA GLY B 32 -18.59 -16.40 -53.61
C GLY B 32 -19.06 -17.06 -52.33
N GLU B 33 -18.14 -17.78 -51.70
CA GLU B 33 -18.39 -18.47 -50.45
C GLU B 33 -18.18 -17.49 -49.29
N VAL B 34 -18.09 -18.01 -48.08
CA VAL B 34 -17.72 -17.21 -46.91
C VAL B 34 -16.33 -17.64 -46.48
N CYS B 35 -15.46 -16.68 -46.26
CA CYS B 35 -14.08 -16.99 -45.92
C CYS B 35 -13.83 -16.70 -44.45
N PRO B 36 -13.27 -17.65 -43.69
CA PRO B 36 -12.90 -17.35 -42.31
C PRO B 36 -11.81 -16.30 -42.24
N GLY B 37 -11.88 -15.47 -41.21
CA GLY B 37 -10.93 -14.38 -41.10
C GLY B 37 -9.51 -14.90 -40.93
N MET B 38 -8.56 -14.19 -41.55
CA MET B 38 -7.17 -14.61 -41.49
C MET B 38 -6.28 -13.47 -41.01
N ASP B 39 -4.97 -13.67 -41.06
CA ASP B 39 -3.97 -12.70 -40.59
C ASP B 39 -2.92 -12.54 -41.69
N ILE B 40 -3.15 -11.62 -42.61
CA ILE B 40 -2.20 -11.36 -43.68
C ILE B 40 -0.99 -10.65 -43.11
N ARG B 41 0.21 -11.12 -43.46
CA ARG B 41 1.42 -10.54 -42.90
C ARG B 41 2.61 -10.89 -43.77
N ASN B 42 3.44 -9.89 -44.06
CA ASN B 42 4.79 -10.06 -44.58
C ASN B 42 4.85 -10.46 -46.05
N ASN B 43 3.70 -10.78 -46.64
CA ASN B 43 3.69 -11.12 -48.06
C ASN B 43 2.29 -10.95 -48.61
N LEU B 44 2.20 -10.31 -49.78
CA LEU B 44 0.92 -10.12 -50.44
C LEU B 44 0.37 -11.38 -51.06
N THR B 45 1.18 -12.46 -51.15
CA THR B 45 0.72 -13.69 -51.77
C THR B 45 -0.42 -14.34 -51.00
N ARG B 46 -0.58 -14.03 -49.72
CA ARG B 46 -1.69 -14.55 -48.94
C ARG B 46 -2.94 -13.69 -49.07
N LEU B 47 -2.83 -12.48 -49.61
CA LEU B 47 -3.97 -11.59 -49.65
C LEU B 47 -4.97 -12.01 -50.72
N HIS B 48 -4.50 -12.54 -51.84
CA HIS B 48 -5.41 -12.92 -52.91
C HIS B 48 -6.22 -14.17 -52.60
N GLU B 49 -6.18 -14.69 -51.37
CA GLU B 49 -7.03 -15.81 -51.00
C GLU B 49 -8.51 -15.45 -51.00
N LEU B 50 -8.82 -14.16 -51.05
CA LEU B 50 -10.21 -13.68 -51.10
C LEU B 50 -10.69 -13.49 -52.54
N GLU B 51 -10.13 -14.24 -53.48
CA GLU B 51 -10.46 -14.07 -54.89
C GLU B 51 -11.94 -14.31 -55.18
N ASN B 52 -12.62 -15.12 -54.38
CA ASN B 52 -13.99 -15.51 -54.65
C ASN B 52 -14.95 -15.08 -53.56
N CYS B 53 -14.62 -15.34 -52.29
CA CYS B 53 -15.57 -15.17 -51.20
C CYS B 53 -16.01 -13.71 -51.07
N SER B 54 -17.27 -13.53 -50.67
CA SER B 54 -17.88 -12.22 -50.58
C SER B 54 -18.18 -11.77 -49.17
N VAL B 55 -18.28 -12.68 -48.21
CA VAL B 55 -18.60 -12.36 -46.83
C VAL B 55 -17.54 -12.98 -45.93
N ILE B 56 -17.03 -12.20 -44.99
CA ILE B 56 -16.00 -12.66 -44.06
C ILE B 56 -16.67 -12.90 -42.71
N GLU B 57 -16.78 -14.16 -42.31
CA GLU B 57 -17.30 -14.48 -40.97
C GLU B 57 -16.13 -14.64 -39.98
N GLY B 58 -15.25 -13.65 -40.05
CA GLY B 58 -14.09 -13.57 -39.18
C GLY B 58 -13.64 -12.14 -39.03
N HIS B 59 -12.34 -11.90 -38.88
CA HIS B 59 -11.81 -10.55 -38.80
C HIS B 59 -10.72 -10.37 -39.83
N LEU B 60 -10.68 -9.20 -40.46
CA LEU B 60 -9.70 -8.88 -41.49
C LEU B 60 -8.60 -8.02 -40.87
N GLN B 61 -7.41 -8.59 -40.75
CA GLN B 61 -6.25 -7.89 -40.21
C GLN B 61 -5.14 -7.91 -41.26
N ILE B 62 -4.70 -6.72 -41.67
CA ILE B 62 -3.55 -6.57 -42.56
C ILE B 62 -2.52 -5.72 -41.82
N LEU B 63 -1.33 -6.28 -41.63
CA LEU B 63 -0.31 -5.58 -40.86
C LEU B 63 1.06 -6.10 -41.24
N LEU B 64 2.08 -5.27 -40.94
CA LEU B 64 3.48 -5.59 -41.22
C LEU B 64 3.71 -5.85 -42.70
N MET B 65 3.50 -4.79 -43.50
CA MET B 65 3.70 -4.82 -44.94
C MET B 65 4.77 -3.79 -45.27
N PHE B 66 6.03 -4.20 -45.21
CA PHE B 66 7.13 -3.25 -45.37
C PHE B 66 7.62 -3.14 -46.81
N LYS B 67 7.93 -4.28 -47.44
CA LYS B 67 8.48 -4.26 -48.79
C LYS B 67 7.45 -3.87 -49.83
N THR B 68 6.17 -3.80 -49.48
CA THR B 68 5.14 -3.49 -50.46
C THR B 68 5.28 -2.05 -50.96
N ARG B 69 5.11 -1.88 -52.26
CA ARG B 69 5.19 -0.59 -52.92
C ARG B 69 3.83 -0.16 -53.44
N PRO B 70 3.61 1.16 -53.61
CA PRO B 70 2.29 1.61 -54.08
C PRO B 70 1.89 1.04 -55.43
N GLU B 71 2.86 0.77 -56.31
CA GLU B 71 2.54 0.20 -57.61
C GLU B 71 1.91 -1.18 -57.50
N ASP B 72 2.16 -1.90 -56.40
CA ASP B 72 1.57 -3.21 -56.22
C ASP B 72 0.07 -3.14 -55.96
N PHE B 73 -0.41 -2.07 -55.33
CA PHE B 73 -1.83 -1.92 -55.04
C PHE B 73 -2.62 -1.34 -56.20
N ARG B 74 -1.95 -0.88 -57.25
CA ARG B 74 -2.65 -0.29 -58.38
C ARG B 74 -3.56 -1.29 -59.09
N ASP B 75 -3.16 -2.57 -59.12
CA ASP B 75 -3.91 -3.58 -59.84
C ASP B 75 -4.50 -4.61 -58.88
N LEU B 76 -5.04 -4.14 -57.76
CA LEU B 76 -5.58 -5.02 -56.74
C LEU B 76 -6.92 -4.48 -56.28
N SER B 77 -7.94 -5.33 -56.25
CA SER B 77 -9.25 -4.93 -55.77
C SER B 77 -10.04 -6.18 -55.37
N PHE B 78 -10.98 -5.98 -54.45
CA PHE B 78 -11.86 -7.06 -53.99
C PHE B 78 -13.29 -6.56 -54.02
N PRO B 79 -13.86 -6.41 -55.22
CA PRO B 79 -15.21 -5.83 -55.33
C PRO B 79 -16.30 -6.66 -54.67
N LYS B 80 -16.07 -7.95 -54.47
CA LYS B 80 -17.12 -8.82 -53.95
C LYS B 80 -17.27 -8.74 -52.44
N LEU B 81 -16.28 -8.20 -51.74
CA LEU B 81 -16.36 -8.12 -50.28
C LEU B 81 -17.48 -7.17 -49.89
N ILE B 82 -18.44 -7.66 -49.11
CA ILE B 82 -19.61 -6.86 -48.75
C ILE B 82 -19.77 -6.83 -47.24
N MET B 83 -19.78 -8.00 -46.62
CA MET B 83 -20.14 -8.15 -45.22
C MET B 83 -18.94 -8.63 -44.42
N ILE B 84 -18.63 -7.94 -43.33
CA ILE B 84 -17.57 -8.33 -42.42
C ILE B 84 -18.17 -8.44 -41.03
N THR B 85 -17.88 -9.55 -40.34
CA THR B 85 -18.56 -9.85 -39.08
C THR B 85 -17.88 -9.19 -37.88
N ASP B 86 -16.57 -9.37 -37.72
CA ASP B 86 -15.93 -9.04 -36.45
C ASP B 86 -15.36 -7.61 -36.43
N TYR B 87 -14.39 -7.32 -37.28
CA TYR B 87 -13.77 -6.00 -37.31
C TYR B 87 -12.74 -5.97 -38.43
N LEU B 88 -12.11 -4.80 -38.59
CA LEU B 88 -11.08 -4.58 -39.60
C LEU B 88 -9.89 -3.90 -38.93
N LEU B 89 -8.69 -4.39 -39.22
CA LEU B 89 -7.47 -3.89 -38.59
C LEU B 89 -6.41 -3.66 -39.64
N LEU B 90 -5.78 -2.49 -39.62
CA LEU B 90 -4.66 -2.16 -40.47
C LEU B 90 -3.57 -1.52 -39.64
N PHE B 91 -2.32 -1.93 -39.87
CA PHE B 91 -1.22 -1.44 -39.05
C PHE B 91 0.08 -1.56 -39.84
N ARG B 92 0.67 -0.42 -40.18
CA ARG B 92 2.00 -0.34 -40.80
C ARG B 92 2.03 -1.13 -42.11
N VAL B 93 1.22 -0.67 -43.05
CA VAL B 93 1.15 -1.24 -44.39
C VAL B 93 1.71 -0.19 -45.34
N TYR B 94 3.00 -0.28 -45.64
CA TYR B 94 3.61 0.69 -46.54
C TYR B 94 3.07 0.51 -47.95
N GLY B 95 2.94 1.63 -48.65
CA GLY B 95 2.49 1.64 -50.03
C GLY B 95 0.98 1.72 -50.20
N LEU B 96 0.22 1.61 -49.12
CA LEU B 96 -1.23 1.72 -49.21
C LEU B 96 -1.63 3.20 -49.15
N GLU B 97 -2.23 3.68 -50.24
CA GLU B 97 -2.63 5.08 -50.34
C GLU B 97 -4.09 5.32 -49.99
N SER B 98 -4.99 4.42 -50.39
CA SER B 98 -6.41 4.58 -50.10
C SER B 98 -7.08 3.23 -50.27
N LEU B 99 -8.19 3.05 -49.54
CA LEU B 99 -8.96 1.81 -49.60
C LEU B 99 -10.11 1.88 -50.57
N LYS B 100 -10.21 2.96 -51.36
CA LYS B 100 -11.33 3.09 -52.29
C LYS B 100 -11.33 1.98 -53.33
N ASP B 101 -10.18 1.36 -53.57
CA ASP B 101 -10.11 0.24 -54.49
C ASP B 101 -10.08 -1.11 -53.79
N LEU B 102 -9.53 -1.16 -52.57
CA LEU B 102 -9.44 -2.43 -51.86
C LEU B 102 -10.82 -2.95 -51.47
N PHE B 103 -11.64 -2.11 -50.85
CA PHE B 103 -12.96 -2.50 -50.35
C PHE B 103 -14.00 -1.56 -50.90
N PRO B 104 -14.34 -1.67 -52.19
CA PRO B 104 -15.28 -0.73 -52.79
C PRO B 104 -16.74 -0.98 -52.43
N ASN B 105 -17.07 -2.13 -51.85
CA ASN B 105 -18.46 -2.47 -51.57
C ASN B 105 -18.66 -2.95 -50.14
N LEU B 106 -17.74 -2.63 -49.23
CA LEU B 106 -17.91 -2.98 -47.83
C LEU B 106 -19.10 -2.21 -47.28
N THR B 107 -20.22 -2.91 -47.07
CA THR B 107 -21.49 -2.26 -46.73
C THR B 107 -21.65 -2.08 -45.23
N VAL B 108 -21.39 -3.12 -44.44
CA VAL B 108 -21.66 -3.09 -43.01
C VAL B 108 -20.69 -4.01 -42.30
N ILE B 109 -20.19 -3.56 -41.15
CA ILE B 109 -19.35 -4.35 -40.27
C ILE B 109 -20.19 -4.77 -39.08
N ARG B 110 -20.42 -6.08 -38.93
CA ARG B 110 -21.33 -6.55 -37.90
C ARG B 110 -20.78 -6.29 -36.51
N GLY B 111 -19.47 -6.47 -36.32
CA GLY B 111 -18.89 -6.26 -35.00
C GLY B 111 -19.37 -7.25 -33.96
N SER B 112 -19.44 -8.53 -34.33
CA SER B 112 -19.84 -9.55 -33.37
C SER B 112 -18.82 -9.67 -32.24
N ARG B 113 -17.53 -9.72 -32.58
CA ARG B 113 -16.45 -9.76 -31.60
C ARG B 113 -15.56 -8.55 -31.84
N LEU B 114 -15.34 -7.77 -30.80
CA LEU B 114 -14.61 -6.51 -30.92
C LEU B 114 -13.15 -6.70 -30.58
N PHE B 115 -12.30 -5.87 -31.18
CA PHE B 115 -10.88 -5.84 -30.90
C PHE B 115 -10.63 -4.68 -29.92
N PHE B 116 -10.46 -5.02 -28.65
CA PHE B 116 -10.24 -4.02 -27.60
C PHE B 116 -11.34 -2.96 -27.61
N ASN B 117 -12.58 -3.43 -27.75
CA ASN B 117 -13.75 -2.54 -27.84
C ASN B 117 -13.65 -1.59 -29.02
N TYR B 118 -13.19 -2.10 -30.16
CA TYR B 118 -13.11 -1.32 -31.39
C TYR B 118 -13.45 -2.21 -32.56
N ALA B 119 -14.39 -1.76 -33.39
CA ALA B 119 -14.80 -2.52 -34.57
C ALA B 119 -14.05 -2.11 -35.82
N LEU B 120 -13.21 -1.08 -35.76
CA LEU B 120 -12.47 -0.63 -36.93
C LEU B 120 -11.24 0.12 -36.44
N VAL B 121 -10.07 -0.50 -36.59
CA VAL B 121 -8.82 0.06 -36.10
C VAL B 121 -7.92 0.37 -37.29
N ILE B 122 -7.44 1.60 -37.36
CA ILE B 122 -6.50 2.04 -38.39
C ILE B 122 -5.37 2.73 -37.65
N PHE B 123 -4.26 2.03 -37.46
CA PHE B 123 -3.17 2.49 -36.61
C PHE B 123 -1.88 2.54 -37.41
N GLU B 124 -1.22 3.70 -37.40
CA GLU B 124 0.08 3.89 -38.03
C GLU B 124 0.06 3.47 -39.50
N MET B 125 -0.84 4.09 -40.25
CA MET B 125 -0.98 3.83 -41.68
C MET B 125 -0.28 4.93 -42.47
N VAL B 126 1.03 4.75 -42.66
CA VAL B 126 1.80 5.68 -43.46
C VAL B 126 1.39 5.57 -44.93
N HIS B 127 1.56 6.67 -45.66
CA HIS B 127 1.27 6.75 -47.09
C HIS B 127 -0.22 6.71 -47.39
N LEU B 128 -1.06 6.56 -46.36
CA LEU B 128 -2.50 6.57 -46.55
C LEU B 128 -2.98 8.01 -46.67
N LYS B 129 -3.74 8.28 -47.73
CA LYS B 129 -4.25 9.64 -47.99
C LYS B 129 -5.70 9.81 -47.57
N GLU B 130 -6.60 8.96 -48.07
CA GLU B 130 -8.02 9.04 -47.74
C GLU B 130 -8.56 7.64 -47.54
N LEU B 131 -9.70 7.56 -46.84
CA LEU B 131 -10.27 6.25 -46.53
C LEU B 131 -10.80 5.56 -47.78
N GLY B 132 -11.76 6.17 -48.46
CA GLY B 132 -12.34 5.57 -49.64
C GLY B 132 -13.48 4.61 -49.37
N LEU B 133 -13.84 4.38 -48.11
CA LEU B 133 -14.94 3.50 -47.77
C LEU B 133 -16.25 4.27 -47.90
N TYR B 134 -16.63 4.53 -49.14
CA TYR B 134 -17.83 5.31 -49.40
C TYR B 134 -19.11 4.47 -49.43
N ASN B 135 -19.00 3.15 -49.35
CA ASN B 135 -20.17 2.28 -49.36
C ASN B 135 -20.49 1.68 -48.00
N LEU B 136 -19.86 2.16 -46.93
CA LEU B 136 -20.16 1.69 -45.59
C LEU B 136 -21.13 2.65 -44.94
N MET B 137 -22.31 2.14 -44.56
CA MET B 137 -23.33 2.96 -43.93
C MET B 137 -23.52 2.60 -42.46
N ASN B 138 -23.54 1.31 -42.15
CA ASN B 138 -23.92 0.85 -40.82
C ASN B 138 -22.76 0.11 -40.16
N ILE B 139 -22.51 0.44 -38.89
CA ILE B 139 -21.63 -0.33 -38.02
C ILE B 139 -22.45 -0.72 -36.81
N THR B 140 -22.73 -2.02 -36.66
CA THR B 140 -23.66 -2.46 -35.64
C THR B 140 -23.14 -2.21 -34.24
N ARG B 141 -21.87 -2.55 -33.99
CA ARG B 141 -21.32 -2.50 -32.65
C ARG B 141 -19.94 -1.86 -32.68
N GLY B 142 -19.54 -1.31 -31.54
CA GLY B 142 -18.21 -0.77 -31.39
C GLY B 142 -18.05 0.61 -31.97
N SER B 143 -16.86 1.16 -31.78
CA SER B 143 -16.50 2.48 -32.28
C SER B 143 -15.34 2.37 -33.25
N VAL B 144 -14.82 3.51 -33.69
CA VAL B 144 -13.73 3.58 -34.65
C VAL B 144 -12.56 4.27 -33.98
N ARG B 145 -11.37 3.68 -34.13
CA ARG B 145 -10.14 4.22 -33.57
C ARG B 145 -9.13 4.43 -34.69
N ILE B 146 -8.91 5.69 -35.06
CA ILE B 146 -7.96 6.06 -36.09
C ILE B 146 -6.90 6.95 -35.46
N GLU B 147 -5.63 6.57 -35.61
CA GLU B 147 -4.59 7.21 -34.84
C GLU B 147 -3.25 7.04 -35.55
N LYS B 148 -2.35 8.00 -35.33
CA LYS B 148 -1.06 8.07 -36.03
C LYS B 148 -1.24 7.94 -37.54
N ASN B 149 -1.88 8.95 -38.12
CA ASN B 149 -2.00 9.03 -39.58
C ASN B 149 -1.58 10.44 -40.00
N ASN B 150 -0.26 10.61 -40.15
CA ASN B 150 0.29 11.91 -40.49
C ASN B 150 0.03 12.31 -41.94
N GLU B 151 -0.47 11.39 -42.77
CA GLU B 151 -0.78 11.69 -44.15
C GLU B 151 -2.27 11.59 -44.47
N LEU B 152 -3.02 10.81 -43.70
CA LEU B 152 -4.45 10.64 -43.97
C LEU B 152 -5.21 11.94 -43.81
N CYS B 153 -6.10 12.21 -44.76
CA CYS B 153 -7.00 13.35 -44.66
C CYS B 153 -8.43 12.89 -44.89
N TYR B 154 -9.36 13.83 -45.04
CA TYR B 154 -10.78 13.52 -45.22
C TYR B 154 -11.34 12.79 -44.00
N LEU B 155 -11.17 13.40 -42.83
CA LEU B 155 -11.73 12.89 -41.59
C LEU B 155 -12.78 13.81 -40.99
N ALA B 156 -12.52 15.11 -40.96
CA ALA B 156 -13.51 16.06 -40.46
C ALA B 156 -14.73 16.14 -41.35
N THR B 157 -14.64 15.65 -42.59
CA THR B 157 -15.75 15.61 -43.53
C THR B 157 -16.52 14.30 -43.48
N ILE B 158 -16.56 13.64 -42.32
CA ILE B 158 -17.24 12.36 -42.16
C ILE B 158 -18.33 12.51 -41.11
N ASP B 159 -19.53 12.08 -41.44
CA ASP B 159 -20.67 12.13 -40.52
C ASP B 159 -20.70 10.82 -39.76
N TRP B 160 -19.96 10.76 -38.65
CA TRP B 160 -19.92 9.54 -37.86
C TRP B 160 -21.25 9.28 -37.17
N SER B 161 -22.06 10.31 -36.95
CA SER B 161 -23.37 10.11 -36.35
C SER B 161 -24.26 9.24 -37.23
N ARG B 162 -24.24 9.49 -38.54
CA ARG B 162 -25.05 8.70 -39.45
C ARG B 162 -24.49 7.31 -39.67
N ILE B 163 -23.17 7.15 -39.47
CA ILE B 163 -22.54 5.86 -39.72
C ILE B 163 -22.71 4.94 -38.53
N LEU B 164 -22.31 5.40 -37.35
CA LEU B 164 -22.33 4.61 -36.13
C LEU B 164 -23.37 5.19 -35.17
N ASP B 165 -24.14 4.30 -34.55
CA ASP B 165 -25.23 4.74 -33.68
C ASP B 165 -24.71 5.52 -32.48
N SER B 166 -23.65 5.02 -31.83
CA SER B 166 -23.10 5.62 -30.62
C SER B 166 -21.67 6.07 -30.91
N VAL B 167 -21.49 7.37 -31.15
CA VAL B 167 -20.19 7.90 -31.55
C VAL B 167 -19.36 8.39 -30.38
N GLU B 168 -19.86 8.28 -29.15
CA GLU B 168 -19.15 8.82 -28.00
C GLU B 168 -17.85 8.08 -27.68
N ASP B 169 -17.66 6.88 -28.23
CA ASP B 169 -16.46 6.09 -27.95
C ASP B 169 -15.40 6.23 -29.04
N ASN B 170 -15.53 7.23 -29.91
CA ASN B 170 -14.56 7.43 -30.98
C ASN B 170 -13.21 7.86 -30.41
N TYR B 171 -12.17 7.70 -31.23
CA TYR B 171 -10.82 8.11 -30.85
C TYR B 171 -10.07 8.44 -32.14
N ILE B 172 -10.02 9.73 -32.46
CA ILE B 172 -9.39 10.23 -33.68
C ILE B 172 -8.45 11.36 -33.27
N VAL B 173 -7.17 11.05 -33.05
CA VAL B 173 -6.17 12.02 -32.66
C VAL B 173 -4.87 11.72 -33.39
N LEU B 174 -3.97 12.70 -33.37
CA LEU B 174 -2.62 12.57 -33.94
C LEU B 174 -2.68 12.18 -35.42
N ASN B 175 -3.38 13.00 -36.19
CA ASN B 175 -3.52 12.79 -37.62
C ASN B 175 -3.21 14.09 -38.36
N LYS B 176 -3.25 14.02 -39.69
CA LYS B 176 -3.02 15.21 -40.49
C LYS B 176 -4.17 16.20 -40.39
N ASP B 177 -5.35 15.75 -39.97
CA ASP B 177 -6.47 16.65 -39.79
C ASP B 177 -6.58 17.22 -38.39
N ASP B 178 -5.77 16.73 -37.44
CA ASP B 178 -5.73 17.34 -36.13
C ASP B 178 -5.26 18.78 -36.22
N ASN B 179 -4.16 19.01 -36.92
CA ASN B 179 -3.76 20.35 -37.31
C ASN B 179 -4.40 20.72 -38.65
N GLU B 180 -4.72 22.00 -38.81
CA GLU B 180 -5.42 22.45 -40.01
C GLU B 180 -4.44 22.45 -41.18
N GLU B 181 -4.34 21.28 -41.82
CA GLU B 181 -3.40 21.10 -42.93
C GLU B 181 -4.00 20.45 -44.16
N CYS B 182 -5.14 19.76 -44.05
CA CYS B 182 -5.76 19.14 -45.21
C CYS B 182 -6.76 20.10 -45.84
N GLY B 183 -6.60 20.33 -47.14
CA GLY B 183 -7.61 21.02 -47.90
C GLY B 183 -8.61 20.02 -48.46
N ASP B 184 -9.44 19.46 -47.58
CA ASP B 184 -10.39 18.43 -47.96
C ASP B 184 -11.40 19.00 -48.95
N ILE B 185 -11.28 18.60 -50.21
CA ILE B 185 -12.12 19.10 -51.29
C ILE B 185 -12.83 17.91 -51.93
N CYS B 186 -14.15 17.99 -52.02
CA CYS B 186 -14.97 16.94 -52.60
C CYS B 186 -15.99 17.53 -53.58
N PRO B 187 -16.47 16.74 -54.54
CA PRO B 187 -17.10 17.32 -55.73
C PRO B 187 -18.32 18.16 -55.40
N GLY B 188 -18.53 19.21 -56.19
CA GLY B 188 -19.65 20.11 -56.06
C GLY B 188 -19.24 21.58 -55.99
N THR B 189 -18.09 21.88 -55.39
CA THR B 189 -17.71 23.27 -55.17
C THR B 189 -17.62 24.04 -56.48
N ALA B 190 -17.13 23.39 -57.54
CA ALA B 190 -17.06 24.03 -58.84
C ALA B 190 -18.43 24.28 -59.45
N LYS B 191 -19.49 23.69 -58.89
CA LYS B 191 -20.85 23.83 -59.41
C LYS B 191 -21.83 24.15 -58.28
N GLY B 192 -21.35 24.82 -57.23
CA GLY B 192 -22.21 25.25 -56.15
C GLY B 192 -22.43 24.25 -55.04
N LYS B 193 -21.52 23.30 -54.84
CA LYS B 193 -21.55 22.35 -53.73
C LYS B 193 -22.82 21.49 -53.78
N THR B 194 -22.96 20.75 -54.87
CA THR B 194 -24.08 19.85 -55.09
C THR B 194 -23.65 18.39 -54.90
N ASN B 195 -24.52 17.48 -55.31
CA ASN B 195 -24.28 16.04 -55.37
C ASN B 195 -24.30 15.38 -53.99
N CYS B 196 -24.32 16.18 -52.92
CA CYS B 196 -24.57 15.71 -51.57
C CYS B 196 -24.68 16.90 -50.60
N PRO B 197 -25.55 16.80 -49.60
CA PRO B 197 -25.81 17.94 -48.72
C PRO B 197 -24.89 18.00 -47.51
N ALA B 198 -25.12 18.99 -46.66
CA ALA B 198 -24.34 19.23 -45.45
C ALA B 198 -25.21 18.98 -44.23
N THR B 199 -24.60 19.11 -43.06
CA THR B 199 -25.30 18.95 -41.80
C THR B 199 -24.47 19.57 -40.68
N VAL B 200 -25.00 19.56 -39.47
CA VAL B 200 -24.31 20.13 -38.32
C VAL B 200 -23.48 19.07 -37.62
N GLN B 204 -22.60 23.54 -36.58
CA GLN B 204 -22.66 24.38 -37.78
C GLN B 204 -22.81 23.51 -39.03
N PHE B 205 -23.51 24.05 -40.03
CA PHE B 205 -23.77 23.31 -41.27
C PHE B 205 -22.47 23.04 -42.00
N VAL B 206 -22.02 21.78 -41.99
CA VAL B 206 -20.74 21.40 -42.59
C VAL B 206 -20.95 20.23 -43.54
N GLU B 207 -20.14 20.20 -44.59
CA GLU B 207 -20.25 19.17 -45.62
C GLU B 207 -19.75 17.83 -45.10
N ARG B 208 -20.31 16.76 -45.66
CA ARG B 208 -19.92 15.39 -45.33
C ARG B 208 -19.59 14.67 -46.63
N CYS B 209 -18.34 14.24 -46.78
CA CYS B 209 -17.90 13.56 -47.99
C CYS B 209 -16.73 12.63 -47.68
N TRP B 210 -16.64 11.55 -48.47
CA TRP B 210 -15.69 10.48 -48.21
C TRP B 210 -14.33 10.75 -48.87
N THR B 211 -14.34 10.93 -50.20
CA THR B 211 -13.10 11.17 -50.93
C THR B 211 -13.18 12.43 -51.76
N HIS B 212 -12.20 12.65 -52.63
CA HIS B 212 -12.23 13.75 -53.58
C HIS B 212 -13.18 13.49 -54.74
N SER B 213 -13.61 12.25 -54.94
CA SER B 213 -14.50 11.88 -56.02
C SER B 213 -15.86 11.38 -55.56
N HIS B 214 -15.91 10.59 -54.49
CA HIS B 214 -17.15 10.04 -53.96
C HIS B 214 -17.45 10.67 -52.61
N CYS B 215 -18.70 11.07 -52.42
CA CYS B 215 -19.10 11.76 -51.21
C CYS B 215 -20.23 11.00 -50.52
N GLN B 216 -20.32 11.20 -49.21
CA GLN B 216 -21.20 10.39 -48.36
C GLN B 216 -22.66 10.55 -48.78
N LYS B 217 -23.41 9.45 -48.66
CA LYS B 217 -24.82 9.40 -48.98
C LYS B 217 -25.64 9.23 -47.71
N VAL B 218 -26.59 10.13 -47.48
CA VAL B 218 -27.44 10.11 -46.30
C VAL B 218 -28.87 9.91 -46.75
N CYS B 219 -29.52 8.88 -46.23
CA CYS B 219 -30.92 8.61 -46.51
C CYS B 219 -31.81 9.54 -45.70
N PRO B 220 -33.05 9.76 -46.16
CA PRO B 220 -33.97 10.58 -45.37
C PRO B 220 -34.23 9.99 -43.99
N THR B 221 -34.41 10.89 -43.02
CA THR B 221 -34.60 10.45 -41.63
C THR B 221 -35.86 9.63 -41.47
N ILE B 222 -36.81 9.74 -42.41
CA ILE B 222 -38.07 9.02 -42.32
C ILE B 222 -37.87 7.51 -42.21
N CYS B 223 -36.71 7.00 -42.63
CA CYS B 223 -36.35 5.60 -42.44
C CYS B 223 -35.08 5.53 -41.62
N LYS B 224 -35.12 4.74 -40.55
CA LYS B 224 -34.03 4.74 -39.57
C LYS B 224 -32.76 4.13 -40.16
N SER B 225 -32.82 2.86 -40.55
CA SER B 225 -31.63 2.19 -41.05
C SER B 225 -31.91 1.26 -42.23
N HIS B 226 -33.15 1.20 -42.73
CA HIS B 226 -33.43 0.34 -43.87
C HIS B 226 -32.77 0.82 -45.16
N GLY B 227 -32.35 2.08 -45.20
CA GLY B 227 -31.68 2.62 -46.37
C GLY B 227 -32.67 3.08 -47.43
N CYS B 228 -32.11 3.71 -48.46
CA CYS B 228 -32.90 4.24 -49.57
C CYS B 228 -32.11 4.06 -50.86
N THR B 229 -32.85 4.05 -51.97
CA THR B 229 -32.25 3.92 -53.29
C THR B 229 -31.82 5.30 -53.78
N ALA B 230 -31.45 5.39 -55.06
CA ALA B 230 -31.04 6.67 -55.63
C ALA B 230 -32.18 7.68 -55.61
N GLU B 231 -33.40 7.22 -55.93
CA GLU B 231 -34.56 8.11 -55.93
C GLU B 231 -34.99 8.50 -54.52
N GLY B 232 -34.46 7.84 -53.50
CA GLY B 232 -34.83 8.10 -52.13
C GLY B 232 -35.88 7.17 -51.58
N LEU B 233 -36.46 6.31 -52.40
CA LEU B 233 -37.46 5.36 -51.91
C LEU B 233 -36.81 4.38 -50.94
N CYS B 234 -37.50 4.14 -49.82
CA CYS B 234 -36.95 3.32 -48.76
C CYS B 234 -36.99 1.84 -49.13
N CYS B 235 -36.12 1.07 -48.48
CA CYS B 235 -36.03 -0.36 -48.71
C CYS B 235 -36.99 -1.10 -47.77
N HIS B 236 -36.95 -2.42 -47.82
CA HIS B 236 -37.74 -3.22 -46.91
C HIS B 236 -37.18 -3.11 -45.49
N SER B 237 -38.02 -3.45 -44.52
CA SER B 237 -37.61 -3.34 -43.12
C SER B 237 -36.49 -4.31 -42.79
N GLU B 238 -36.30 -5.35 -43.61
CA GLU B 238 -35.28 -6.36 -43.33
C GLU B 238 -33.93 -6.04 -43.96
N CYS B 239 -33.89 -5.18 -44.97
CA CYS B 239 -32.62 -4.84 -45.58
C CYS B 239 -31.82 -3.92 -44.67
N LEU B 240 -30.50 -4.00 -44.77
CA LEU B 240 -29.58 -3.15 -44.04
C LEU B 240 -28.64 -2.47 -45.01
N GLY B 241 -28.49 -1.15 -44.88
CA GLY B 241 -27.55 -0.41 -45.68
C GLY B 241 -28.04 -0.01 -47.05
N ASN B 242 -28.14 -0.97 -47.96
CA ASN B 242 -28.45 -0.70 -49.35
C ASN B 242 -29.49 -1.69 -49.85
N CYS B 243 -30.14 -1.34 -50.95
CA CYS B 243 -31.08 -2.22 -51.61
C CYS B 243 -31.17 -1.83 -53.07
N SER B 244 -31.66 -2.77 -53.89
CA SER B 244 -31.82 -2.54 -55.32
C SER B 244 -33.23 -2.13 -55.71
N GLN B 245 -34.24 -2.81 -55.17
CA GLN B 245 -35.63 -2.49 -55.44
C GLN B 245 -36.33 -2.12 -54.13
N PRO B 246 -36.98 -0.97 -54.06
CA PRO B 246 -37.61 -0.56 -52.80
C PRO B 246 -38.71 -1.53 -52.38
N ASP B 247 -38.82 -1.72 -51.07
CA ASP B 247 -39.84 -2.58 -50.46
C ASP B 247 -39.79 -4.00 -51.04
N ASP B 248 -38.65 -4.65 -50.84
CA ASP B 248 -38.43 -6.01 -51.34
C ASP B 248 -37.42 -6.70 -50.43
N PRO B 249 -37.88 -7.58 -49.53
CA PRO B 249 -36.94 -8.34 -48.70
C PRO B 249 -36.03 -9.24 -49.49
N THR B 250 -36.39 -9.60 -50.71
CA THR B 250 -35.59 -10.49 -51.54
C THR B 250 -34.54 -9.75 -52.35
N LYS B 251 -34.46 -8.42 -52.23
CA LYS B 251 -33.51 -7.63 -53.01
C LYS B 251 -32.52 -6.88 -52.12
N CYS B 252 -32.45 -7.22 -50.84
CA CYS B 252 -31.51 -6.56 -49.94
C CYS B 252 -30.09 -7.02 -50.23
N VAL B 253 -29.13 -6.22 -49.78
CA VAL B 253 -27.72 -6.58 -49.93
C VAL B 253 -27.21 -7.14 -48.61
N ALA B 254 -27.75 -6.64 -47.51
CA ALA B 254 -27.43 -7.14 -46.18
C ALA B 254 -28.72 -7.37 -45.42
N CYS B 255 -28.70 -8.36 -44.54
CA CYS B 255 -29.88 -8.75 -43.78
C CYS B 255 -29.79 -8.20 -42.36
N ARG B 256 -30.82 -7.46 -41.95
CA ARG B 256 -30.80 -6.84 -40.64
C ARG B 256 -30.78 -7.86 -39.51
N ASN B 257 -31.54 -8.94 -39.66
CA ASN B 257 -31.67 -9.94 -38.60
C ASN B 257 -30.98 -11.25 -38.96
N PHE B 258 -31.36 -11.87 -40.06
CA PHE B 258 -30.77 -13.14 -40.46
C PHE B 258 -30.86 -13.29 -41.97
N TYR B 259 -29.85 -13.93 -42.54
CA TYR B 259 -29.80 -14.20 -43.96
C TYR B 259 -30.25 -15.63 -44.23
N LEU B 260 -30.98 -15.81 -45.34
CA LEU B 260 -31.47 -17.14 -45.70
C LEU B 260 -31.72 -17.16 -47.21
N ASP B 261 -30.95 -17.99 -47.91
CA ASP B 261 -31.05 -18.26 -49.34
C ASP B 261 -31.47 -17.04 -50.16
N GLY B 262 -30.81 -15.91 -49.91
CA GLY B 262 -31.09 -14.70 -50.66
C GLY B 262 -32.34 -13.96 -50.22
N ARG B 263 -32.90 -14.33 -49.07
CA ARG B 263 -34.12 -13.67 -48.57
C ARG B 263 -33.90 -13.34 -47.11
N CYS B 264 -33.84 -12.05 -46.79
CA CYS B 264 -33.70 -11.63 -45.40
C CYS B 264 -34.95 -11.99 -44.61
N VAL B 265 -34.75 -12.43 -43.37
CA VAL B 265 -35.85 -12.83 -42.50
C VAL B 265 -35.55 -12.37 -41.08
N GLU B 266 -36.63 -12.10 -40.34
CA GLU B 266 -36.49 -11.67 -38.95
C GLU B 266 -35.95 -12.81 -38.08
N THR B 267 -36.50 -14.01 -38.25
CA THR B 267 -36.06 -15.18 -37.50
C THR B 267 -36.11 -16.40 -38.39
N CYS B 268 -35.10 -17.24 -38.29
CA CYS B 268 -35.05 -18.44 -39.11
C CYS B 268 -36.11 -19.44 -38.66
N PRO B 269 -37.05 -19.83 -39.51
CA PRO B 269 -38.06 -20.81 -39.11
C PRO B 269 -37.48 -22.21 -39.06
N PRO B 270 -38.15 -23.14 -38.40
CA PRO B 270 -37.67 -24.52 -38.40
C PRO B 270 -37.78 -25.12 -39.79
N PRO B 271 -36.95 -26.12 -40.12
CA PRO B 271 -35.93 -26.75 -39.28
C PRO B 271 -34.56 -26.11 -39.42
N TYR B 272 -34.48 -24.78 -39.42
CA TYR B 272 -33.23 -24.07 -39.54
C TYR B 272 -32.89 -23.38 -38.23
N TYR B 273 -31.60 -23.34 -37.91
CA TYR B 273 -31.12 -22.76 -36.67
C TYR B 273 -30.24 -21.56 -36.98
N HIS B 274 -30.40 -20.50 -36.19
CA HIS B 274 -29.54 -19.32 -36.35
C HIS B 274 -28.10 -19.68 -36.04
N PHE B 275 -27.20 -19.24 -36.92
CA PHE B 275 -25.79 -19.59 -36.82
C PHE B 275 -24.96 -18.33 -36.98
N GLN B 276 -23.97 -18.16 -36.11
CA GLN B 276 -23.03 -17.04 -36.16
C GLN B 276 -23.72 -15.68 -36.09
N ASP B 277 -24.95 -15.66 -35.57
CA ASP B 277 -25.74 -14.46 -35.30
C ASP B 277 -26.27 -13.79 -36.57
N TRP B 278 -25.91 -14.26 -37.77
CA TRP B 278 -26.34 -13.57 -38.97
C TRP B 278 -26.92 -14.46 -40.06
N ARG B 279 -26.65 -15.75 -40.07
CA ARG B 279 -27.18 -16.61 -41.13
C ARG B 279 -27.80 -17.86 -40.52
N CYS B 280 -28.71 -18.47 -41.27
CA CYS B 280 -29.44 -19.65 -40.83
C CYS B 280 -28.92 -20.88 -41.56
N VAL B 281 -28.78 -21.98 -40.83
CA VAL B 281 -28.26 -23.23 -41.36
C VAL B 281 -29.16 -24.37 -40.94
N ASN B 282 -29.04 -25.49 -41.66
CA ASN B 282 -29.77 -26.70 -41.33
C ASN B 282 -29.00 -27.52 -40.32
N PHE B 283 -29.63 -28.58 -39.82
CA PHE B 283 -28.97 -29.46 -38.86
C PHE B 283 -27.76 -30.14 -39.48
N SER B 284 -27.82 -30.43 -40.78
CA SER B 284 -26.73 -31.17 -41.43
C SER B 284 -25.42 -30.39 -41.37
N PHE B 285 -25.46 -29.08 -41.61
CA PHE B 285 -24.23 -28.30 -41.62
C PHE B 285 -23.59 -28.26 -40.23
N CYS B 286 -24.40 -28.00 -39.20
CA CYS B 286 -23.86 -27.97 -37.84
C CYS B 286 -23.33 -29.33 -37.42
N GLN B 287 -24.04 -30.39 -37.80
CA GLN B 287 -23.56 -31.74 -37.50
C GLN B 287 -22.22 -32.01 -38.18
N ASP B 288 -22.09 -31.62 -39.44
CA ASP B 288 -20.82 -31.83 -40.15
C ASP B 288 -19.70 -31.01 -39.54
N LEU B 289 -20.01 -29.78 -39.10
CA LEU B 289 -18.99 -28.97 -38.44
C LEU B 289 -18.53 -29.62 -37.14
N HIS B 290 -19.47 -30.18 -36.37
CA HIS B 290 -19.09 -30.90 -35.16
C HIS B 290 -18.24 -32.13 -35.50
N HIS B 291 -18.60 -32.84 -36.57
CA HIS B 291 -17.81 -34.00 -36.99
C HIS B 291 -16.39 -33.58 -37.35
N LYS B 292 -16.24 -32.46 -38.05
CA LYS B 292 -14.92 -31.95 -38.34
C LYS B 292 -14.18 -31.60 -37.06
N CYS B 293 -14.88 -30.99 -36.10
CA CYS B 293 -14.24 -30.52 -34.89
C CYS B 293 -13.80 -31.63 -33.95
N LYS B 294 -14.49 -32.77 -33.91
CA LYS B 294 -14.18 -33.76 -32.88
C LYS B 294 -12.76 -34.28 -33.02
N ASN B 295 -12.39 -34.69 -34.23
CA ASN B 295 -11.07 -35.26 -34.48
C ASN B 295 -10.25 -34.47 -35.49
N SER B 296 -10.79 -34.25 -36.69
CA SER B 296 -10.02 -33.61 -37.75
C SER B 296 -10.12 -32.09 -37.71
N ARG B 297 -9.93 -31.51 -36.52
CA ARG B 297 -9.81 -30.07 -36.37
C ARG B 297 -9.05 -29.85 -35.05
N ARG B 298 -7.76 -29.55 -35.16
CA ARG B 298 -6.91 -29.54 -33.97
C ARG B 298 -6.89 -28.17 -33.31
N GLN B 299 -6.63 -27.12 -34.08
CA GLN B 299 -6.39 -25.81 -33.51
C GLN B 299 -7.71 -25.05 -33.41
N GLY B 300 -8.22 -24.94 -32.18
CA GLY B 300 -9.29 -24.02 -31.85
C GLY B 300 -10.59 -24.16 -32.62
N CYS B 301 -11.05 -25.39 -32.84
CA CYS B 301 -12.37 -25.58 -33.42
C CYS B 301 -13.42 -25.56 -32.33
N HIS B 302 -14.64 -25.19 -32.72
CA HIS B 302 -15.76 -25.07 -31.80
C HIS B 302 -16.67 -26.27 -31.97
N GLN B 303 -16.85 -27.05 -30.90
CA GLN B 303 -17.71 -28.23 -30.92
C GLN B 303 -19.16 -27.76 -30.90
N TYR B 304 -19.64 -27.39 -32.09
CA TYR B 304 -20.95 -26.78 -32.20
C TYR B 304 -22.05 -27.76 -31.77
N VAL B 305 -22.95 -27.28 -30.91
CA VAL B 305 -24.10 -28.05 -30.46
C VAL B 305 -25.33 -27.16 -30.57
N ILE B 306 -26.45 -27.76 -30.95
CA ILE B 306 -27.69 -27.01 -31.13
C ILE B 306 -28.39 -26.88 -29.79
N HIS B 307 -28.75 -25.65 -29.41
CA HIS B 307 -29.45 -25.40 -28.17
C HIS B 307 -30.25 -24.11 -28.30
N ASN B 308 -31.51 -24.15 -27.87
CA ASN B 308 -32.41 -23.00 -27.92
C ASN B 308 -32.50 -22.44 -29.34
N ASN B 309 -32.58 -23.33 -30.32
CA ASN B 309 -32.68 -22.97 -31.74
C ASN B 309 -31.49 -22.13 -32.19
N LYS B 310 -30.33 -22.35 -31.58
CA LYS B 310 -29.10 -21.63 -31.94
C LYS B 310 -27.95 -22.63 -31.97
N CYS B 311 -27.13 -22.55 -33.02
CA CYS B 311 -25.95 -23.40 -33.11
C CYS B 311 -24.80 -22.74 -32.34
N ILE B 312 -24.91 -22.82 -31.02
CA ILE B 312 -23.93 -22.19 -30.13
C ILE B 312 -22.61 -22.95 -30.22
N PRO B 313 -21.47 -22.27 -30.08
CA PRO B 313 -20.18 -22.99 -30.12
C PRO B 313 -20.04 -24.06 -29.04
N GLU B 314 -20.66 -23.88 -27.88
CA GLU B 314 -20.54 -24.86 -26.82
C GLU B 314 -21.76 -24.76 -25.91
N CYS B 315 -22.06 -25.86 -25.23
CA CYS B 315 -23.18 -25.88 -24.30
C CYS B 315 -22.93 -24.88 -23.18
N PRO B 316 -23.91 -24.05 -22.83
CA PRO B 316 -23.71 -23.09 -21.74
C PRO B 316 -23.63 -23.76 -20.38
N SER B 317 -23.49 -22.96 -19.33
CA SER B 317 -23.35 -23.50 -17.99
C SER B 317 -24.60 -24.26 -17.57
N GLY B 318 -24.40 -25.36 -16.84
CA GLY B 318 -25.51 -26.16 -16.37
C GLY B 318 -26.16 -27.03 -17.41
N TYR B 319 -25.46 -27.35 -18.49
CA TYR B 319 -26.00 -28.18 -19.56
C TYR B 319 -24.92 -29.15 -20.01
N THR B 320 -25.34 -30.16 -20.77
CA THR B 320 -24.42 -31.19 -21.25
C THR B 320 -24.72 -31.47 -22.71
N MET B 321 -23.79 -32.15 -23.37
CA MET B 321 -23.88 -32.47 -24.79
C MET B 321 -24.17 -33.95 -24.92
N ASN B 322 -25.22 -34.30 -25.64
CA ASN B 322 -25.59 -35.68 -25.90
C ASN B 322 -25.29 -36.01 -27.35
N SER B 323 -24.44 -37.03 -27.56
CA SER B 323 -23.92 -37.31 -28.89
C SER B 323 -24.99 -37.73 -29.89
N SER B 324 -26.16 -38.16 -29.41
CA SER B 324 -27.20 -38.62 -30.32
C SER B 324 -27.71 -37.48 -31.20
N ASN B 325 -28.03 -36.34 -30.59
CA ASN B 325 -28.58 -35.21 -31.33
C ASN B 325 -28.01 -33.86 -30.93
N LEU B 326 -27.03 -33.81 -30.02
CA LEU B 326 -26.29 -32.59 -29.69
C LEU B 326 -27.20 -31.50 -29.14
N LEU B 327 -28.07 -31.88 -28.20
CA LEU B 327 -28.91 -30.92 -27.51
C LEU B 327 -28.38 -30.66 -26.10
N CYS B 328 -28.33 -29.38 -25.73
CA CYS B 328 -27.87 -28.99 -24.40
C CYS B 328 -28.95 -29.33 -23.39
N THR B 329 -29.06 -30.62 -23.06
CA THR B 329 -29.96 -31.04 -22.01
C THR B 329 -29.40 -30.62 -20.66
N PRO B 330 -30.27 -30.24 -19.72
CA PRO B 330 -29.78 -29.85 -18.38
C PRO B 330 -29.23 -31.04 -17.61
N CYS B 331 -27.91 -31.10 -17.45
CA CYS B 331 -27.30 -32.22 -16.76
C CYS B 331 -27.57 -32.13 -15.26
N LEU B 332 -27.85 -33.28 -14.66
CA LEU B 332 -28.19 -33.35 -13.24
C LEU B 332 -26.90 -33.36 -12.42
N GLY B 333 -26.76 -32.38 -11.53
CA GLY B 333 -25.59 -32.28 -10.68
C GLY B 333 -24.34 -32.01 -11.47
N PRO B 334 -23.17 -32.30 -10.87
CA PRO B 334 -21.91 -32.19 -11.61
C PRO B 334 -21.92 -33.05 -12.87
N CYS B 335 -21.79 -32.42 -14.01
CA CYS B 335 -21.82 -33.17 -15.26
C CYS B 335 -20.53 -32.96 -16.05
N PRO B 336 -20.12 -33.97 -16.82
CA PRO B 336 -18.75 -33.99 -17.32
C PRO B 336 -18.39 -32.80 -18.20
N LYS B 337 -17.17 -32.31 -18.02
CA LYS B 337 -16.57 -31.26 -18.84
C LYS B 337 -15.13 -31.71 -19.12
N VAL B 338 -14.95 -32.49 -20.18
CA VAL B 338 -13.64 -33.03 -20.51
C VAL B 338 -12.76 -31.91 -21.06
N CYS B 339 -11.57 -31.76 -20.49
CA CYS B 339 -10.63 -30.72 -20.89
C CYS B 339 -9.40 -31.37 -21.50
N HIS B 340 -9.45 -31.62 -22.80
CA HIS B 340 -8.31 -32.19 -23.50
C HIS B 340 -7.14 -31.22 -23.45
N LEU B 341 -5.97 -31.73 -23.11
CA LEU B 341 -4.78 -30.90 -22.97
C LEU B 341 -4.01 -30.81 -24.27
N LEU B 342 -3.37 -29.66 -24.49
CA LEU B 342 -2.45 -29.52 -25.62
C LEU B 342 -1.26 -30.44 -25.42
N GLU B 343 -0.95 -31.23 -26.46
CA GLU B 343 0.12 -32.22 -26.50
C GLU B 343 0.17 -33.07 -25.23
N GLY B 344 -0.96 -33.25 -24.57
CA GLY B 344 -1.05 -34.15 -23.44
C GLY B 344 -0.12 -33.86 -22.29
N GLU B 345 0.25 -32.60 -22.09
CA GLU B 345 1.17 -32.25 -21.00
C GLU B 345 0.94 -30.79 -20.62
N LYS B 346 0.64 -30.56 -19.34
CA LYS B 346 0.46 -29.22 -18.80
C LYS B 346 1.24 -29.11 -17.50
N THR B 347 1.96 -28.01 -17.33
CA THR B 347 2.74 -27.76 -16.14
C THR B 347 2.09 -26.64 -15.34
N ILE B 348 1.72 -26.92 -14.10
CA ILE B 348 1.08 -25.95 -13.23
C ILE B 348 2.16 -25.31 -12.36
N ASP B 349 2.46 -24.04 -12.63
CA ASP B 349 3.45 -23.31 -11.86
C ASP B 349 2.83 -22.43 -10.78
N SER B 350 1.78 -21.69 -11.13
CA SER B 350 1.11 -20.79 -10.20
C SER B 350 -0.39 -21.02 -10.27
N VAL B 351 -1.13 -20.26 -9.47
CA VAL B 351 -2.59 -20.37 -9.47
C VAL B 351 -3.17 -19.93 -10.81
N THR B 352 -2.51 -18.99 -11.49
CA THR B 352 -2.99 -18.55 -12.79
C THR B 352 -3.02 -19.70 -13.79
N SER B 353 -1.98 -20.53 -13.78
CA SER B 353 -1.97 -21.70 -14.65
C SER B 353 -3.08 -22.68 -14.29
N ALA B 354 -3.44 -22.75 -13.00
CA ALA B 354 -4.55 -23.60 -12.58
C ALA B 354 -5.91 -23.01 -12.95
N GLN B 355 -5.98 -21.69 -13.17
CA GLN B 355 -7.24 -21.07 -13.54
C GLN B 355 -7.78 -21.63 -14.84
N GLU B 356 -6.89 -21.85 -15.82
CA GLU B 356 -7.31 -22.39 -17.10
C GLU B 356 -7.90 -23.80 -16.97
N LEU B 357 -7.58 -24.52 -15.91
CA LEU B 357 -8.09 -25.87 -15.70
C LEU B 357 -9.32 -25.90 -14.80
N ARG B 358 -9.84 -24.74 -14.42
CA ARG B 358 -10.96 -24.67 -13.49
C ARG B 358 -12.20 -25.34 -14.07
N GLY B 359 -12.87 -26.13 -13.24
CA GLY B 359 -14.10 -26.78 -13.63
C GLY B 359 -13.95 -28.05 -14.44
N CYS B 360 -12.73 -28.47 -14.72
CA CYS B 360 -12.49 -29.66 -15.53
C CYS B 360 -12.57 -30.89 -14.63
N THR B 361 -13.44 -31.84 -14.98
CA THR B 361 -13.62 -33.02 -14.14
C THR B 361 -12.71 -34.15 -14.58
N VAL B 362 -12.48 -34.30 -15.88
CA VAL B 362 -11.64 -35.35 -16.44
C VAL B 362 -10.58 -34.70 -17.32
N ILE B 363 -9.34 -35.11 -17.14
CA ILE B 363 -8.22 -34.57 -17.90
C ILE B 363 -7.73 -35.65 -18.86
N ASN B 364 -7.82 -35.36 -20.16
CA ASN B 364 -7.35 -36.28 -21.19
C ASN B 364 -5.90 -35.92 -21.51
N GLY B 365 -5.01 -36.39 -20.66
CA GLY B 365 -3.60 -36.10 -20.83
C GLY B 365 -2.85 -36.33 -19.52
N SER B 366 -1.69 -35.72 -19.42
CA SER B 366 -0.87 -35.82 -18.23
C SER B 366 -0.70 -34.45 -17.58
N LEU B 367 -0.51 -34.46 -16.27
CA LEU B 367 -0.38 -33.25 -15.48
C LEU B 367 0.96 -33.22 -14.75
N ILE B 368 1.60 -32.05 -14.77
CA ILE B 368 2.86 -31.83 -14.06
C ILE B 368 2.65 -30.66 -13.10
N ILE B 369 3.10 -30.84 -11.86
CA ILE B 369 2.97 -29.81 -10.83
C ILE B 369 4.35 -29.35 -10.42
N ASN B 370 4.57 -28.04 -10.47
CA ASN B 370 5.87 -27.46 -10.13
C ASN B 370 5.68 -26.19 -9.32
N ILE B 371 4.78 -26.23 -8.33
CA ILE B 371 4.50 -25.06 -7.52
C ILE B 371 5.69 -24.76 -6.64
N ARG B 372 6.39 -23.67 -6.92
CA ARG B 372 7.55 -23.27 -6.13
C ARG B 372 7.21 -22.27 -5.04
N GLY B 373 6.16 -21.47 -5.22
CA GLY B 373 5.80 -20.49 -4.22
C GLY B 373 4.45 -19.90 -4.50
N GLY B 374 3.98 -19.11 -3.55
CA GLY B 374 2.68 -18.48 -3.65
C GLY B 374 2.19 -18.07 -2.27
N ASN B 375 0.88 -17.81 -2.19
CA ASN B 375 0.24 -17.45 -0.94
C ASN B 375 -1.12 -18.12 -0.85
N ASN B 376 -1.51 -18.44 0.38
CA ASN B 376 -2.80 -19.06 0.71
C ASN B 376 -3.16 -20.17 -0.29
N LEU B 377 -2.19 -21.05 -0.54
CA LEU B 377 -2.41 -22.17 -1.44
C LEU B 377 -3.27 -23.22 -0.76
N ALA B 378 -3.49 -24.33 -1.47
CA ALA B 378 -4.28 -25.49 -1.04
C ALA B 378 -5.75 -25.16 -0.86
N ALA B 379 -6.16 -23.92 -1.07
CA ALA B 379 -7.56 -23.53 -1.02
C ALA B 379 -8.07 -23.07 -2.38
N GLU B 380 -7.42 -22.07 -2.98
CA GLU B 380 -7.73 -21.69 -4.34
C GLU B 380 -7.40 -22.82 -5.31
N LEU B 381 -6.29 -23.53 -5.08
CA LEU B 381 -5.96 -24.70 -5.87
C LEU B 381 -7.02 -25.78 -5.71
N GLU B 382 -7.49 -25.99 -4.49
CA GLU B 382 -8.54 -26.98 -4.26
C GLU B 382 -9.83 -26.58 -4.98
N ALA B 383 -10.18 -25.29 -4.92
CA ALA B 383 -11.38 -24.84 -5.61
C ALA B 383 -11.26 -25.01 -7.11
N ASN B 384 -10.09 -24.71 -7.68
CA ASN B 384 -9.93 -24.78 -9.13
C ASN B 384 -9.78 -26.20 -9.64
N LEU B 385 -9.16 -27.09 -8.87
CA LEU B 385 -8.80 -28.42 -9.35
C LEU B 385 -9.48 -29.55 -8.57
N GLY B 386 -10.20 -29.25 -7.50
CA GLY B 386 -10.77 -30.30 -6.68
C GLY B 386 -11.81 -31.15 -7.39
N LEU B 387 -12.36 -30.67 -8.49
CA LEU B 387 -13.38 -31.40 -9.23
C LEU B 387 -12.81 -32.44 -10.17
N ILE B 388 -11.48 -32.53 -10.27
CA ILE B 388 -10.87 -33.53 -11.13
C ILE B 388 -11.23 -34.92 -10.64
N GLU B 389 -11.63 -35.79 -11.56
CA GLU B 389 -12.00 -37.15 -11.23
C GLU B 389 -11.14 -38.20 -11.90
N GLU B 390 -10.35 -37.84 -12.90
CA GLU B 390 -9.57 -38.82 -13.65
C GLU B 390 -8.41 -38.13 -14.33
N ILE B 391 -7.30 -38.84 -14.47
CA ILE B 391 -6.16 -38.39 -15.25
C ILE B 391 -5.84 -39.50 -16.23
N SER B 392 -6.05 -39.23 -17.52
CA SER B 392 -5.78 -40.26 -18.52
C SER B 392 -4.31 -40.62 -18.55
N GLY B 393 -3.43 -39.62 -18.50
CA GLY B 393 -2.00 -39.90 -18.55
C GLY B 393 -1.43 -40.19 -17.18
N TYR B 394 -0.42 -39.43 -16.79
CA TYR B 394 0.28 -39.61 -15.52
C TYR B 394 0.31 -38.31 -14.73
N LEU B 395 0.44 -38.44 -13.42
CA LEU B 395 0.62 -37.31 -12.53
C LEU B 395 2.06 -37.26 -12.05
N LYS B 396 2.66 -36.06 -12.07
CA LYS B 396 4.05 -35.88 -11.68
C LYS B 396 4.17 -34.64 -10.81
N ILE B 397 4.63 -34.81 -9.58
CA ILE B 397 4.91 -33.71 -8.67
C ILE B 397 6.42 -33.58 -8.55
N ARG B 398 6.95 -32.45 -9.00
CA ARG B 398 8.40 -32.30 -9.15
C ARG B 398 8.83 -30.96 -8.57
N ARG B 399 9.70 -31.01 -7.57
CA ARG B 399 10.28 -29.82 -6.96
C ARG B 399 9.21 -28.83 -6.50
N SER B 400 8.10 -29.35 -6.01
CA SER B 400 7.00 -28.52 -5.52
C SER B 400 7.30 -28.16 -4.08
N TYR B 401 8.00 -27.04 -3.89
CA TYR B 401 8.50 -26.67 -2.57
C TYR B 401 7.40 -26.15 -1.66
N ALA B 402 6.39 -25.48 -2.20
CA ALA B 402 5.37 -24.85 -1.38
C ALA B 402 4.23 -25.79 -1.00
N LEU B 403 4.16 -26.98 -1.58
CA LEU B 403 3.08 -27.90 -1.27
C LEU B 403 3.31 -28.57 0.08
N VAL B 404 2.22 -28.83 0.79
CA VAL B 404 2.31 -29.48 2.09
C VAL B 404 1.55 -30.80 2.05
N SER B 405 0.58 -30.91 1.16
CA SER B 405 -0.18 -32.14 1.01
C SER B 405 -0.93 -32.10 -0.32
N LEU B 406 -1.33 -33.28 -0.78
CA LEU B 406 -2.13 -33.41 -1.99
C LEU B 406 -3.62 -33.42 -1.70
N SER B 407 -4.05 -32.81 -0.60
CA SER B 407 -5.47 -32.80 -0.26
C SER B 407 -6.29 -32.00 -1.26
N PHE B 408 -5.68 -31.07 -1.99
CA PHE B 408 -6.45 -30.25 -2.92
C PHE B 408 -7.01 -31.04 -4.08
N PHE B 409 -6.45 -32.21 -4.39
CA PHE B 409 -7.05 -33.12 -5.36
C PHE B 409 -8.21 -33.83 -4.65
N ARG B 410 -9.29 -33.09 -4.47
CA ARG B 410 -10.37 -33.56 -3.60
C ARG B 410 -11.04 -34.82 -4.14
N LYS B 411 -11.36 -34.84 -5.43
CA LYS B 411 -12.18 -35.89 -6.02
C LYS B 411 -11.36 -36.87 -6.86
N LEU B 412 -10.04 -36.80 -6.82
CA LEU B 412 -9.23 -37.68 -7.63
C LEU B 412 -9.45 -39.13 -7.21
N ARG B 413 -9.86 -39.96 -8.16
CA ARG B 413 -10.20 -41.35 -7.86
C ARG B 413 -9.34 -42.36 -8.63
N LEU B 414 -9.19 -42.20 -9.95
CA LEU B 414 -8.54 -43.20 -10.75
C LEU B 414 -7.57 -42.55 -11.72
N ILE B 415 -6.40 -43.16 -11.87
CA ILE B 415 -5.40 -42.74 -12.85
C ILE B 415 -5.36 -43.81 -13.93
N ARG B 416 -5.84 -43.45 -15.12
CA ARG B 416 -5.87 -44.42 -16.22
C ARG B 416 -4.46 -44.83 -16.62
N GLY B 417 -3.55 -43.87 -16.73
CA GLY B 417 -2.17 -44.18 -17.03
C GLY B 417 -1.96 -44.84 -18.37
N GLU B 418 -2.76 -44.45 -19.39
CA GLU B 418 -2.51 -44.96 -20.72
C GLU B 418 -1.18 -44.47 -21.28
N THR B 419 -0.75 -43.27 -20.90
CA THR B 419 0.55 -42.74 -21.29
C THR B 419 1.52 -42.83 -20.13
N LEU B 420 2.68 -43.43 -20.37
CA LEU B 420 3.68 -43.68 -19.35
C LEU B 420 5.00 -43.02 -19.76
N GLU B 421 5.76 -42.55 -18.79
CA GLU B 421 7.04 -41.92 -19.10
C GLU B 421 8.09 -42.99 -19.40
N ILE B 422 9.34 -42.54 -19.50
CA ILE B 422 10.47 -43.47 -19.54
C ILE B 422 10.46 -44.30 -18.26
N GLY B 423 10.66 -45.61 -18.43
CA GLY B 423 10.62 -46.52 -17.30
C GLY B 423 9.24 -47.00 -16.91
N ASN B 424 8.20 -46.62 -17.65
CA ASN B 424 6.83 -47.08 -17.41
C ASN B 424 6.38 -46.72 -15.99
N TYR B 425 6.33 -45.41 -15.74
CA TYR B 425 5.98 -44.86 -14.44
C TYR B 425 4.62 -44.17 -14.52
N SER B 426 3.82 -44.27 -13.44
CA SER B 426 2.56 -43.57 -13.35
C SER B 426 2.57 -42.41 -12.36
N PHE B 427 3.19 -42.58 -11.19
CA PHE B 427 3.26 -41.54 -10.18
C PHE B 427 4.72 -41.12 -10.01
N TYR B 428 4.98 -39.82 -10.11
CA TYR B 428 6.35 -39.30 -10.08
C TYR B 428 6.42 -38.17 -9.07
N ALA B 429 6.94 -38.45 -7.88
CA ALA B 429 7.17 -37.45 -6.85
C ALA B 429 8.67 -37.31 -6.64
N LEU B 430 9.17 -36.07 -6.72
CA LEU B 430 10.60 -35.86 -6.70
C LEU B 430 10.92 -34.49 -6.11
N ASP B 431 11.86 -34.48 -5.16
CA ASP B 431 12.43 -33.25 -4.61
C ASP B 431 11.37 -32.33 -4.02
N ASN B 432 10.43 -32.92 -3.27
CA ASN B 432 9.43 -32.14 -2.54
C ASN B 432 9.90 -31.97 -1.10
N GLN B 433 10.10 -30.72 -0.69
CA GLN B 433 10.66 -30.46 0.63
C GLN B 433 9.60 -30.50 1.72
N ASN B 434 8.44 -29.89 1.48
CA ASN B 434 7.42 -29.75 2.50
C ASN B 434 6.26 -30.72 2.34
N LEU B 435 6.37 -31.69 1.44
CA LEU B 435 5.30 -32.67 1.27
C LEU B 435 5.26 -33.59 2.48
N ARG B 436 4.11 -33.62 3.17
CA ARG B 436 3.98 -34.37 4.41
C ARG B 436 3.00 -35.53 4.32
N GLN B 437 1.97 -35.42 3.48
CA GLN B 437 1.06 -36.55 3.26
C GLN B 437 0.46 -36.42 1.88
N LEU B 438 -0.05 -37.55 1.38
CA LEU B 438 -0.74 -37.55 0.10
C LEU B 438 -2.25 -37.38 0.30
N TRP B 439 -2.88 -38.30 1.00
CA TRP B 439 -4.29 -38.23 1.31
C TRP B 439 -4.56 -39.04 2.56
N ASP B 440 -5.71 -38.80 3.18
CA ASP B 440 -6.12 -39.59 4.34
C ASP B 440 -6.75 -40.89 3.85
N TRP B 441 -6.13 -42.01 4.18
CA TRP B 441 -6.50 -43.30 3.62
C TRP B 441 -7.52 -44.03 4.48
N SER B 442 -8.02 -43.41 5.53
CA SER B 442 -9.21 -43.87 6.21
C SER B 442 -10.49 -43.38 5.54
N LYS B 443 -10.38 -42.46 4.60
CA LYS B 443 -11.51 -41.86 3.91
C LYS B 443 -11.39 -41.93 2.39
N HIS B 444 -10.19 -41.79 1.85
CA HIS B 444 -10.00 -41.68 0.41
C HIS B 444 -9.79 -43.04 -0.24
N ASN B 445 -10.16 -43.13 -1.51
CA ASN B 445 -9.95 -44.32 -2.32
C ASN B 445 -9.24 -43.92 -3.60
N LEU B 446 -8.34 -44.79 -4.08
CA LEU B 446 -7.58 -44.49 -5.29
C LEU B 446 -7.14 -45.80 -5.92
N THR B 447 -6.94 -45.75 -7.24
CA THR B 447 -6.42 -46.89 -7.97
C THR B 447 -5.61 -46.39 -9.17
N ILE B 448 -4.65 -47.19 -9.59
CA ILE B 448 -3.81 -46.88 -10.75
C ILE B 448 -3.76 -48.11 -11.65
N THR B 449 -4.03 -47.90 -12.94
CA THR B 449 -4.12 -49.02 -13.86
C THR B 449 -2.74 -49.49 -14.32
N GLN B 450 -2.00 -48.64 -15.01
CA GLN B 450 -0.75 -49.00 -15.63
C GLN B 450 0.42 -48.36 -14.89
N GLY B 451 1.62 -48.87 -15.18
CA GLY B 451 2.84 -48.28 -14.67
C GLY B 451 3.11 -48.58 -13.21
N LYS B 452 4.16 -47.97 -12.70
CA LYS B 452 4.59 -48.13 -11.32
C LYS B 452 4.86 -46.77 -10.72
N LEU B 453 4.99 -46.74 -9.39
CA LEU B 453 5.18 -45.50 -8.65
C LEU B 453 6.64 -45.09 -8.66
N PHE B 454 6.92 -43.94 -8.03
CA PHE B 454 8.27 -43.39 -7.98
C PHE B 454 8.31 -42.34 -6.87
N PHE B 455 9.26 -42.48 -5.96
CA PHE B 455 9.42 -41.53 -4.87
C PHE B 455 10.90 -41.38 -4.57
N HIS B 456 11.41 -40.15 -4.67
CA HIS B 456 12.80 -39.87 -4.37
C HIS B 456 12.91 -38.45 -3.84
N TYR B 457 13.72 -38.27 -2.81
CA TYR B 457 14.00 -36.95 -2.23
C TYR B 457 12.73 -36.29 -1.73
N ASN B 458 12.04 -36.97 -0.81
CA ASN B 458 10.85 -36.45 -0.14
C ASN B 458 11.09 -36.58 1.36
N PRO B 459 11.86 -35.68 1.95
CA PRO B 459 12.29 -35.87 3.34
C PRO B 459 11.15 -35.97 4.33
N LYS B 460 10.07 -35.23 4.15
CA LYS B 460 9.00 -35.15 5.14
C LYS B 460 7.85 -36.11 4.84
N LEU B 461 8.13 -37.23 4.18
CA LEU B 461 7.10 -38.22 3.86
C LEU B 461 7.63 -39.58 4.25
N CYS B 462 7.02 -40.20 5.26
CA CYS B 462 7.49 -41.48 5.75
C CYS B 462 7.05 -42.61 4.83
N LEU B 463 7.70 -43.76 4.99
CA LEU B 463 7.42 -44.93 4.16
C LEU B 463 6.05 -45.53 4.43
N SER B 464 5.37 -45.11 5.51
CA SER B 464 4.06 -45.68 5.81
C SER B 464 3.07 -45.39 4.69
N GLU B 465 3.03 -44.15 4.19
CA GLU B 465 2.13 -43.83 3.09
C GLU B 465 2.53 -44.54 1.80
N ILE B 466 3.82 -44.73 1.57
CA ILE B 466 4.25 -45.45 0.38
C ILE B 466 3.77 -46.90 0.43
N HIS B 467 3.85 -47.52 1.60
CA HIS B 467 3.32 -48.88 1.72
C HIS B 467 1.80 -48.89 1.63
N LYS B 468 1.14 -47.85 2.15
CA LYS B 468 -0.30 -47.73 1.93
C LYS B 468 -0.61 -47.67 0.44
N MET B 469 0.27 -47.06 -0.34
CA MET B 469 0.08 -47.00 -1.79
C MET B 469 0.31 -48.37 -2.44
N GLU B 470 1.31 -49.10 -1.96
CA GLU B 470 1.54 -50.41 -2.56
C GLU B 470 0.36 -51.35 -2.26
N GLU B 471 -0.29 -51.19 -1.09
CA GLU B 471 -1.41 -52.08 -0.77
C GLU B 471 -2.74 -51.59 -1.34
N VAL B 472 -2.90 -50.28 -1.50
CA VAL B 472 -4.19 -49.71 -1.90
C VAL B 472 -4.29 -49.60 -3.43
N SER B 473 -3.28 -49.03 -4.07
CA SER B 473 -3.33 -48.86 -5.52
C SER B 473 -3.24 -50.17 -6.28
N GLY B 474 -2.91 -51.27 -5.60
CA GLY B 474 -2.74 -52.53 -6.30
C GLY B 474 -1.45 -52.62 -7.08
N THR B 475 -0.47 -51.78 -6.75
CA THR B 475 0.82 -51.75 -7.43
C THR B 475 1.90 -52.48 -6.65
N LYS B 476 1.52 -53.29 -5.65
CA LYS B 476 2.50 -53.98 -4.82
C LYS B 476 3.38 -54.89 -5.68
N GLY B 477 2.79 -55.62 -6.61
CA GLY B 477 3.56 -56.52 -7.45
C GLY B 477 4.29 -55.86 -8.59
N ARG B 478 4.09 -54.55 -8.82
CA ARG B 478 4.73 -53.86 -9.92
C ARG B 478 6.05 -53.20 -9.56
N GLN B 479 6.15 -52.64 -8.35
CA GLN B 479 7.38 -51.97 -7.96
C GLN B 479 8.53 -52.96 -7.87
N GLU B 480 9.71 -52.51 -8.28
CA GLU B 480 10.90 -53.36 -8.22
C GLU B 480 12.05 -52.60 -7.58
N ARG B 481 13.26 -53.16 -7.67
CA ARG B 481 14.41 -52.57 -7.01
C ARG B 481 14.66 -51.16 -7.53
N ASN B 482 15.04 -50.27 -6.60
CA ASN B 482 15.38 -48.86 -6.86
C ASN B 482 14.18 -48.04 -7.32
N ASP B 483 12.98 -48.62 -7.40
CA ASP B 483 11.82 -47.84 -7.78
C ASP B 483 11.44 -46.83 -6.70
N ILE B 484 11.55 -47.23 -5.44
CA ILE B 484 11.22 -46.37 -4.31
C ILE B 484 12.47 -46.22 -3.47
N ALA B 485 12.90 -44.98 -3.25
CA ALA B 485 14.08 -44.73 -2.45
C ALA B 485 13.78 -45.02 -0.99
N LEU B 486 14.55 -45.92 -0.39
CA LEU B 486 14.37 -46.31 1.00
C LEU B 486 15.26 -45.53 1.95
N LYS B 487 16.05 -44.59 1.45
CA LYS B 487 16.98 -43.84 2.28
C LYS B 487 16.79 -42.33 2.24
N THR B 488 15.95 -41.81 1.34
CA THR B 488 15.78 -40.37 1.21
C THR B 488 14.34 -39.92 1.35
N ASN B 489 13.44 -40.77 1.85
CA ASN B 489 12.04 -40.39 2.02
C ASN B 489 11.67 -40.34 3.49
N GLY B 490 11.78 -41.45 4.22
CA GLY B 490 11.35 -41.47 5.61
C GLY B 490 12.47 -41.19 6.58
N ASP B 491 13.20 -40.09 6.37
CA ASP B 491 14.36 -39.82 7.21
C ASP B 491 14.14 -38.63 8.12
N GLN B 492 13.80 -37.48 7.55
CA GLN B 492 13.58 -36.28 8.34
C GLN B 492 12.13 -36.08 8.72
N ALA B 493 11.27 -37.06 8.43
CA ALA B 493 9.85 -36.89 8.65
C ALA B 493 9.48 -37.18 10.10
N SER B 494 8.28 -36.76 10.48
CA SER B 494 7.71 -37.01 11.80
C SER B 494 6.64 -38.08 11.63
N CYS B 495 6.97 -39.31 11.99
CA CYS B 495 6.10 -40.47 11.77
C CYS B 495 5.88 -41.24 13.06
N GLU B 496 5.54 -40.53 14.13
CA GLU B 496 5.26 -41.18 15.40
C GLU B 496 4.03 -42.06 15.28
N ASN B 497 4.09 -43.24 15.90
CA ASN B 497 2.99 -44.20 15.83
C ASN B 497 2.32 -44.46 17.17
N GLU B 498 3.07 -44.42 18.27
CA GLU B 498 2.48 -44.66 19.58
C GLU B 498 1.67 -43.44 20.03
N LEU B 499 1.16 -43.51 21.25
CA LEU B 499 0.28 -42.47 21.80
C LEU B 499 0.83 -41.96 23.12
N LEU B 500 0.55 -40.69 23.39
CA LEU B 500 0.91 -40.04 24.64
C LEU B 500 -0.36 -39.52 25.30
N LYS B 501 -0.48 -39.74 26.61
CA LYS B 501 -1.66 -39.33 27.37
C LYS B 501 -1.25 -38.31 28.42
N PHE B 502 -1.95 -37.18 28.44
CA PHE B 502 -1.74 -36.19 29.48
C PHE B 502 -2.22 -36.74 30.83
N SER B 503 -1.43 -36.52 31.87
CA SER B 503 -1.75 -37.02 33.20
C SER B 503 -2.37 -35.95 34.09
N TYR B 504 -1.66 -34.84 34.30
CA TYR B 504 -2.11 -33.78 35.19
C TYR B 504 -2.23 -32.48 34.40
N ILE B 505 -3.42 -31.88 34.44
CA ILE B 505 -3.68 -30.62 33.74
C ILE B 505 -4.40 -29.70 34.71
N ARG B 506 -3.80 -28.54 34.97
CA ARG B 506 -4.48 -27.48 35.71
C ARG B 506 -4.18 -26.15 35.04
N THR B 507 -5.13 -25.22 35.15
CA THR B 507 -5.04 -23.93 34.49
C THR B 507 -4.92 -22.82 35.53
N SER B 508 -4.91 -21.59 35.03
CA SER B 508 -4.89 -20.40 35.86
C SER B 508 -5.35 -19.23 35.00
N PHE B 509 -5.38 -18.04 35.60
CA PHE B 509 -5.77 -16.87 34.83
C PHE B 509 -4.71 -16.52 33.79
N ASP B 510 -3.45 -16.81 34.07
CA ASP B 510 -2.36 -16.56 33.13
C ASP B 510 -1.58 -17.82 32.78
N LYS B 511 -1.19 -18.61 33.77
CA LYS B 511 -0.31 -19.74 33.54
C LYS B 511 -1.09 -21.03 33.33
N ILE B 512 -0.39 -22.03 32.81
CA ILE B 512 -0.94 -23.38 32.63
C ILE B 512 0.16 -24.38 32.94
N LEU B 513 -0.14 -25.37 33.76
CA LEU B 513 0.80 -26.44 34.08
C LEU B 513 0.33 -27.73 33.44
N LEU B 514 1.26 -28.46 32.81
CA LEU B 514 0.92 -29.64 32.04
C LEU B 514 1.80 -30.81 32.46
N ARG B 515 1.22 -32.00 32.48
CA ARG B 515 1.96 -33.22 32.80
C ARG B 515 1.47 -34.34 31.90
N TRP B 516 2.32 -35.35 31.72
CA TRP B 516 1.98 -36.50 30.90
C TRP B 516 2.74 -37.71 31.42
N GLU B 517 2.32 -38.89 30.96
CA GLU B 517 2.96 -40.12 31.39
C GLU B 517 4.40 -40.16 30.87
N PRO B 518 5.36 -40.55 31.71
CA PRO B 518 6.77 -40.60 31.29
C PRO B 518 7.02 -41.75 30.33
N TYR B 519 7.23 -41.43 29.07
CA TYR B 519 7.52 -42.44 28.05
C TYR B 519 9.01 -42.65 27.92
N TRP B 520 9.40 -43.90 27.69
CA TRP B 520 10.80 -44.25 27.48
C TRP B 520 10.90 -45.17 26.27
N PRO B 521 11.79 -44.89 25.33
CA PRO B 521 11.99 -45.79 24.19
C PRO B 521 12.65 -47.08 24.64
N PRO B 522 12.73 -48.08 23.77
CA PRO B 522 13.40 -49.33 24.16
C PRO B 522 14.83 -49.13 24.63
N ASP B 523 15.56 -48.20 24.02
CA ASP B 523 16.88 -47.81 24.49
C ASP B 523 16.80 -46.38 24.99
N PHE B 524 16.94 -46.19 26.31
CA PHE B 524 16.73 -44.88 26.91
C PHE B 524 17.74 -43.84 26.43
N ARG B 525 18.91 -44.26 25.97
CA ARG B 525 19.91 -43.32 25.49
C ARG B 525 19.51 -42.64 24.19
N ASP B 526 18.50 -43.16 23.49
CA ASP B 526 18.12 -42.65 22.18
C ASP B 526 17.07 -41.54 22.25
N LEU B 527 16.66 -41.14 23.43
CA LEU B 527 15.68 -40.07 23.60
C LEU B 527 16.40 -38.75 23.81
N LEU B 528 16.04 -37.74 23.01
CA LEU B 528 16.64 -36.42 23.13
C LEU B 528 15.79 -35.45 23.92
N GLY B 529 14.47 -35.56 23.84
CA GLY B 529 13.60 -34.68 24.57
C GLY B 529 12.24 -34.58 23.92
N PHE B 530 11.38 -33.80 24.55
CA PHE B 530 10.02 -33.59 24.10
C PHE B 530 9.90 -32.24 23.41
N MET B 531 8.87 -32.10 22.59
CA MET B 531 8.50 -30.81 22.00
C MET B 531 7.05 -30.51 22.34
N LEU B 532 6.77 -29.24 22.64
CA LEU B 532 5.43 -28.79 22.96
C LEU B 532 5.00 -27.73 21.97
N PHE B 533 3.78 -27.86 21.47
CA PHE B 533 3.22 -26.94 20.49
C PHE B 533 1.93 -26.36 21.04
N TYR B 534 1.76 -25.04 20.88
CA TYR B 534 0.51 -24.40 21.30
C TYR B 534 0.29 -23.16 20.46
N LYS B 535 -0.99 -22.84 20.25
CA LYS B 535 -1.36 -21.66 19.47
C LYS B 535 -2.77 -21.24 19.86
N GLU B 536 -3.13 -20.03 19.48
CA GLU B 536 -4.49 -19.55 19.69
C GLU B 536 -5.46 -20.46 18.94
N ALA B 537 -6.52 -20.90 19.62
CA ALA B 537 -7.50 -21.82 19.06
C ALA B 537 -8.89 -21.25 19.29
N PRO B 538 -9.33 -20.30 18.46
CA PRO B 538 -10.69 -19.78 18.63
C PRO B 538 -11.76 -20.82 18.34
N TYR B 539 -11.61 -21.58 17.26
CA TYR B 539 -12.52 -22.66 16.91
C TYR B 539 -11.85 -24.00 17.19
N GLN B 540 -12.53 -25.08 16.81
CA GLN B 540 -12.00 -26.42 17.00
C GLN B 540 -11.65 -27.10 15.68
N ASN B 541 -11.54 -26.34 14.60
CA ASN B 541 -11.15 -26.88 13.30
C ASN B 541 -9.64 -26.80 13.10
N VAL B 542 -8.88 -27.36 14.05
CA VAL B 542 -7.43 -27.38 14.00
C VAL B 542 -6.99 -28.78 13.56
N THR B 543 -6.20 -28.84 12.50
CA THR B 543 -5.77 -30.11 11.92
C THR B 543 -4.26 -30.30 11.91
N GLU B 544 -3.49 -29.32 12.39
CA GLU B 544 -2.03 -29.39 12.43
C GLU B 544 -1.47 -29.57 11.01
N PHE B 545 -1.78 -28.59 10.16
CA PHE B 545 -1.29 -28.58 8.79
C PHE B 545 -1.24 -27.16 8.23
N SER B 555 3.05 -20.62 12.59
CA SER B 555 1.68 -20.66 13.07
C SER B 555 1.61 -21.30 14.45
N TRP B 556 2.64 -22.05 14.80
CA TRP B 556 2.74 -22.72 16.09
C TRP B 556 3.91 -22.15 16.88
N THR B 557 3.83 -22.27 18.19
CA THR B 557 4.93 -21.92 19.08
C THR B 557 5.51 -23.21 19.65
N VAL B 558 6.82 -23.38 19.51
CA VAL B 558 7.50 -24.63 19.86
C VAL B 558 8.34 -24.38 21.11
N VAL B 559 8.20 -25.26 22.10
CA VAL B 559 8.98 -25.21 23.32
C VAL B 559 9.56 -26.59 23.57
N ASP B 560 10.86 -26.66 23.78
CA ASP B 560 11.54 -27.93 24.01
C ASP B 560 11.63 -28.23 25.50
N ILE B 561 11.62 -29.51 25.82
CA ILE B 561 11.69 -29.99 27.20
C ILE B 561 12.73 -31.08 27.29
N ASP B 562 13.60 -30.99 28.29
CA ASP B 562 14.63 -32.00 28.48
C ASP B 562 14.03 -33.29 29.03
N PRO B 563 14.68 -34.43 28.77
CA PRO B 563 14.16 -35.69 29.32
C PRO B 563 14.26 -35.72 30.83
N PRO B 564 13.39 -36.46 31.50
CA PRO B 564 13.47 -36.58 32.95
C PRO B 564 14.67 -37.43 33.36
N LEU B 565 14.98 -37.38 34.66
CA LEU B 565 16.14 -38.06 35.22
C LEU B 565 15.83 -39.49 35.65
N ARG B 566 15.21 -40.25 34.75
CA ARG B 566 14.85 -41.64 34.98
C ARG B 566 13.99 -41.81 36.22
N ASN B 574 8.25 -39.20 38.91
CA ASN B 574 8.78 -38.07 38.18
C ASN B 574 8.13 -37.93 36.81
N HIS B 575 6.97 -37.28 36.79
CA HIS B 575 6.25 -37.08 35.54
C HIS B 575 6.78 -35.85 34.84
N PRO B 576 7.33 -35.97 33.63
CA PRO B 576 7.82 -34.79 32.91
C PRO B 576 6.67 -33.87 32.54
N GLY B 577 6.97 -32.57 32.50
CA GLY B 577 5.95 -31.60 32.18
C GLY B 577 6.55 -30.22 31.99
N TRP B 578 5.67 -29.28 31.62
CA TRP B 578 6.08 -27.92 31.33
C TRP B 578 5.06 -26.95 31.92
N LEU B 579 5.50 -25.72 32.17
CA LEU B 579 4.65 -24.67 32.70
C LEU B 579 4.68 -23.49 31.75
N MET B 580 3.50 -23.00 31.39
CA MET B 580 3.35 -21.86 30.50
C MET B 580 3.36 -20.57 31.29
N ARG B 581 3.75 -19.47 30.64
CA ARG B 581 3.87 -18.19 31.31
C ARG B 581 3.29 -17.00 30.57
N GLY B 582 3.14 -17.06 29.24
CA GLY B 582 2.77 -15.89 28.49
C GLY B 582 1.40 -15.96 27.82
N LEU B 583 0.41 -16.49 28.51
CA LEU B 583 -0.90 -16.72 27.93
C LEU B 583 -1.85 -15.57 28.24
N LYS B 584 -2.85 -15.42 27.37
CA LYS B 584 -3.88 -14.39 27.50
C LYS B 584 -5.11 -14.97 28.13
N PRO B 585 -5.68 -14.32 29.15
CA PRO B 585 -6.77 -14.94 29.92
C PRO B 585 -8.03 -15.14 29.08
N TRP B 586 -8.77 -16.19 29.44
CA TRP B 586 -10.05 -16.53 28.82
C TRP B 586 -9.90 -16.73 27.31
N THR B 587 -9.02 -17.65 26.94
CA THR B 587 -8.83 -18.07 25.55
C THR B 587 -8.70 -19.58 25.49
N GLN B 588 -9.05 -20.15 24.35
CA GLN B 588 -8.96 -21.58 24.12
C GLN B 588 -7.67 -21.90 23.38
N TYR B 589 -6.90 -22.84 23.92
CA TYR B 589 -5.58 -23.16 23.39
C TYR B 589 -5.54 -24.59 22.90
N ALA B 590 -4.82 -24.82 21.81
CA ALA B 590 -4.60 -26.14 21.24
C ALA B 590 -3.19 -26.58 21.57
N ILE B 591 -3.05 -27.69 22.29
CA ILE B 591 -1.76 -28.15 22.77
C ILE B 591 -1.60 -29.63 22.44
N PHE B 592 -0.44 -30.00 21.92
CA PHE B 592 -0.10 -31.40 21.70
C PHE B 592 1.41 -31.56 21.77
N VAL B 593 1.85 -32.66 22.38
CA VAL B 593 3.26 -32.89 22.66
C VAL B 593 3.78 -34.02 21.78
N LYS B 594 4.92 -33.79 21.15
CA LYS B 594 5.54 -34.77 20.25
C LYS B 594 6.96 -35.04 20.73
N THR B 595 7.31 -36.32 20.81
CA THR B 595 8.65 -36.68 21.26
C THR B 595 9.66 -36.46 20.15
N LEU B 596 10.94 -36.50 20.53
CA LEU B 596 12.04 -36.38 19.59
C LEU B 596 13.07 -37.45 19.93
N VAL B 597 13.23 -38.43 19.05
CA VAL B 597 14.10 -39.57 19.27
C VAL B 597 15.15 -39.60 18.17
N THR B 598 16.40 -39.87 18.56
CA THR B 598 17.48 -39.92 17.58
C THR B 598 17.28 -41.08 16.62
N PHE B 599 17.89 -40.96 15.44
CA PHE B 599 17.71 -41.93 14.37
C PHE B 599 18.78 -43.01 14.50
N SER B 600 18.45 -44.07 15.22
CA SER B 600 19.34 -45.21 15.33
C SER B 600 19.33 -46.03 14.03
N ASP B 601 20.40 -46.79 13.83
CA ASP B 601 20.51 -47.62 12.62
C ASP B 601 19.59 -48.82 12.65
N GLU B 602 19.13 -49.24 13.83
CA GLU B 602 18.28 -50.41 13.95
C GLU B 602 16.84 -50.06 13.59
N ARG B 603 15.90 -50.95 13.94
CA ARG B 603 14.49 -50.70 13.68
C ARG B 603 14.06 -49.40 14.35
N ARG B 604 13.30 -48.59 13.62
CA ARG B 604 12.99 -47.24 14.05
C ARG B 604 12.08 -47.25 15.28
N THR B 605 12.51 -46.57 16.33
CA THR B 605 11.65 -46.26 17.47
C THR B 605 10.85 -45.02 17.08
N TYR B 606 9.64 -45.23 16.57
CA TYR B 606 8.90 -44.15 15.94
C TYR B 606 8.50 -43.07 16.95
N GLY B 607 8.44 -43.39 18.23
CA GLY B 607 8.06 -42.43 19.23
C GLY B 607 6.57 -42.22 19.29
N ALA B 608 6.14 -41.39 20.25
CA ALA B 608 4.73 -41.15 20.50
C ALA B 608 4.44 -39.65 20.45
N LYS B 609 3.33 -39.30 19.82
CA LYS B 609 2.82 -37.94 19.83
C LYS B 609 1.39 -37.97 20.35
N SER B 610 1.08 -37.07 21.28
CA SER B 610 -0.24 -37.06 21.90
C SER B 610 -1.28 -36.50 20.93
N ASP B 611 -2.53 -36.54 21.37
CA ASP B 611 -3.62 -36.01 20.57
C ASP B 611 -3.77 -34.51 20.79
N ILE B 612 -4.34 -33.83 19.80
CA ILE B 612 -4.64 -32.41 19.93
C ILE B 612 -5.75 -32.25 20.96
N ILE B 613 -5.53 -31.41 21.96
CA ILE B 613 -6.53 -31.13 22.98
C ILE B 613 -6.76 -29.62 23.02
N TYR B 614 -7.93 -29.23 23.49
CA TYR B 614 -8.29 -27.83 23.62
C TYR B 614 -8.39 -27.48 25.09
N VAL B 615 -7.65 -26.46 25.51
CA VAL B 615 -7.61 -26.03 26.91
C VAL B 615 -7.99 -24.55 26.95
N GLN B 616 -8.89 -24.20 27.85
CA GLN B 616 -9.36 -22.82 27.99
C GLN B 616 -8.79 -22.21 29.26
N THR B 617 -8.20 -21.03 29.12
CA THR B 617 -7.65 -20.31 30.25
C THR B 617 -8.76 -19.72 31.11
N ASP B 618 -8.43 -19.44 32.37
CA ASP B 618 -9.40 -18.87 33.28
C ASP B 618 -9.66 -17.41 32.94
N ALA B 619 -10.62 -16.82 33.64
CA ALA B 619 -11.01 -15.45 33.44
C ALA B 619 -10.51 -14.57 34.58
N THR B 620 -10.45 -13.27 34.32
CA THR B 620 -10.03 -12.30 35.32
C THR B 620 -10.90 -11.06 35.18
N ASN B 621 -10.66 -10.08 36.06
CA ASN B 621 -11.47 -8.88 36.05
C ASN B 621 -11.21 -8.09 34.77
N PRO B 622 -12.26 -7.55 34.16
CA PRO B 622 -12.11 -6.93 32.84
C PRO B 622 -11.42 -5.58 32.93
N SER B 623 -11.20 -4.98 31.77
CA SER B 623 -10.60 -3.66 31.71
C SER B 623 -11.66 -2.59 32.03
N VAL B 624 -11.23 -1.34 31.99
CA VAL B 624 -12.15 -0.24 32.30
C VAL B 624 -13.08 -0.01 31.11
N PRO B 625 -14.36 0.29 31.33
CA PRO B 625 -15.23 0.67 30.22
C PRO B 625 -14.72 1.93 29.53
N LEU B 626 -14.91 1.99 28.22
CA LEU B 626 -14.37 3.07 27.40
C LEU B 626 -15.44 4.12 27.12
N ASP B 627 -15.00 5.38 27.13
CA ASP B 627 -15.79 6.54 26.74
C ASP B 627 -17.08 6.66 27.53
N PRO B 628 -17.02 6.99 28.82
CA PRO B 628 -18.25 7.27 29.56
C PRO B 628 -18.69 8.70 29.39
N ILE B 629 -19.89 8.90 28.82
CA ILE B 629 -20.42 10.23 28.54
C ILE B 629 -21.80 10.33 29.16
N SER B 630 -22.05 11.44 29.85
CA SER B 630 -23.33 11.69 30.51
C SER B 630 -23.94 12.96 29.92
N VAL B 631 -25.24 12.92 29.66
CA VAL B 631 -25.97 14.04 29.08
C VAL B 631 -27.25 14.25 29.88
N SER B 632 -27.56 15.51 30.19
CA SER B 632 -28.77 15.87 30.90
C SER B 632 -29.78 16.42 29.91
N ASN B 633 -31.00 15.88 29.95
CA ASN B 633 -32.07 16.36 29.08
C ASN B 633 -33.35 16.71 29.82
N SER B 634 -33.34 16.67 31.16
CA SER B 634 -34.52 17.00 31.93
C SER B 634 -34.08 17.44 33.33
N SER B 635 -35.05 17.75 34.17
CA SER B 635 -34.75 18.18 35.54
C SER B 635 -34.17 17.03 36.36
N SER B 636 -34.59 15.79 36.08
CA SER B 636 -34.11 14.64 36.82
C SER B 636 -33.72 13.46 35.94
N GLN B 637 -33.76 13.60 34.62
CA GLN B 637 -33.40 12.53 33.70
C GLN B 637 -32.04 12.84 33.10
N ILE B 638 -31.07 11.97 33.34
CA ILE B 638 -29.73 12.08 32.77
C ILE B 638 -29.39 10.77 32.07
N ILE B 639 -29.13 10.84 30.79
CA ILE B 639 -28.79 9.65 30.01
C ILE B 639 -27.30 9.40 30.14
N LEU B 640 -26.93 8.12 30.11
CA LEU B 640 -25.54 7.72 30.28
C LEU B 640 -25.17 6.73 29.18
N LYS B 641 -24.03 6.96 28.54
CA LYS B 641 -23.56 6.12 27.45
C LYS B 641 -22.13 5.68 27.74
N TRP B 642 -21.79 4.48 27.28
CA TRP B 642 -20.45 3.95 27.44
C TRP B 642 -20.25 2.81 26.44
N LYS B 643 -19.06 2.22 26.48
CA LYS B 643 -18.69 1.15 25.56
C LYS B 643 -18.14 -0.03 26.33
N PRO B 644 -18.25 -1.24 25.78
CA PRO B 644 -17.72 -2.40 26.47
C PRO B 644 -16.21 -2.31 26.63
N PRO B 645 -15.66 -2.90 27.67
CA PRO B 645 -14.21 -2.82 27.89
C PRO B 645 -13.43 -3.50 26.78
N SER B 646 -12.24 -2.97 26.51
CA SER B 646 -11.41 -3.52 25.44
C SER B 646 -10.91 -4.92 25.76
N ASP B 647 -10.83 -5.27 27.04
CA ASP B 647 -10.35 -6.58 27.48
C ASP B 647 -11.41 -7.20 28.37
N PRO B 648 -12.45 -7.81 27.77
CA PRO B 648 -13.53 -8.38 28.58
C PRO B 648 -13.05 -9.43 29.56
N ASN B 649 -12.06 -10.24 29.18
CA ASN B 649 -11.52 -11.29 30.03
C ASN B 649 -12.63 -12.17 30.58
N GLY B 650 -13.55 -12.54 29.70
CA GLY B 650 -14.73 -13.29 30.03
C GLY B 650 -15.94 -12.67 29.37
N ASN B 651 -17.12 -13.09 29.81
CA ASN B 651 -18.37 -12.54 29.34
C ASN B 651 -18.92 -11.57 30.38
N ILE B 652 -19.21 -10.34 29.94
CA ILE B 652 -19.68 -9.30 30.84
C ILE B 652 -21.12 -9.59 31.25
N THR B 653 -21.31 -10.11 32.46
CA THR B 653 -22.65 -10.47 32.91
C THR B 653 -23.51 -9.24 33.16
N HIS B 654 -22.96 -8.24 33.85
CA HIS B 654 -23.73 -7.06 34.23
C HIS B 654 -22.76 -5.91 34.48
N TYR B 655 -23.30 -4.69 34.42
CA TYR B 655 -22.54 -3.50 34.72
C TYR B 655 -22.90 -3.00 36.12
N LEU B 656 -22.17 -1.99 36.58
CA LEU B 656 -22.36 -1.44 37.91
C LEU B 656 -22.20 0.07 37.85
N VAL B 657 -23.24 0.80 38.21
CA VAL B 657 -23.25 2.25 38.17
C VAL B 657 -23.55 2.78 39.56
N PHE B 658 -22.67 3.64 40.07
CA PHE B 658 -22.88 4.31 41.34
C PHE B 658 -22.95 5.80 41.09
N TRP B 659 -24.10 6.40 41.41
CA TRP B 659 -24.30 7.84 41.30
C TRP B 659 -24.61 8.40 42.67
N GLU B 660 -23.86 9.41 43.07
CA GLU B 660 -23.97 10.01 44.40
C GLU B 660 -24.23 11.50 44.26
N ARG B 661 -25.13 12.02 45.09
CA ARG B 661 -25.40 13.46 45.09
C ARG B 661 -24.25 14.21 45.75
N GLN B 662 -23.78 15.26 45.08
CA GLN B 662 -22.70 16.09 45.59
C GLN B 662 -23.28 17.42 46.03
N ALA B 663 -23.01 17.81 47.27
CA ALA B 663 -23.46 19.10 47.78
C ALA B 663 -22.69 20.23 47.10
N GLU B 664 -23.31 21.40 47.04
CA GLU B 664 -22.69 22.54 46.41
C GLU B 664 -21.51 23.04 47.24
N ASP B 665 -20.66 23.84 46.58
CA ASP B 665 -19.43 24.30 47.21
C ASP B 665 -19.71 25.15 48.43
N SER B 666 -18.85 25.02 49.44
CA SER B 666 -19.10 25.65 50.73
C SER B 666 -19.01 27.18 50.64
N GLU B 667 -17.99 27.69 49.94
CA GLU B 667 -17.77 29.13 49.91
C GLU B 667 -18.90 29.90 49.23
N LEU B 668 -19.77 29.21 48.48
CA LEU B 668 -20.91 29.87 47.87
C LEU B 668 -21.87 30.45 48.90
N PHE B 669 -21.82 29.96 50.14
CA PHE B 669 -22.77 30.36 51.17
C PHE B 669 -22.32 31.61 51.92
N GLU B 670 -21.15 31.54 52.57
CA GLU B 670 -20.73 32.57 53.51
C GLU B 670 -19.97 33.72 52.86
N LEU B 671 -19.68 33.64 51.57
CA LEU B 671 -18.93 34.68 50.88
C LEU B 671 -19.85 35.43 49.94
N ASP B 672 -19.84 36.76 50.04
CA ASP B 672 -20.71 37.59 49.21
C ASP B 672 -20.28 37.54 47.75
N TYR B 673 -21.26 37.65 46.85
CA TYR B 673 -20.98 37.66 45.41
C TYR B 673 -21.46 38.95 44.75
N CYS B 674 -21.74 40.00 45.51
CA CYS B 674 -22.09 41.29 44.92
C CYS B 674 -21.25 42.44 45.47
N LEU B 675 -20.29 42.16 46.35
CA LEU B 675 -19.40 43.21 46.80
C LEU B 675 -18.53 43.71 45.64
N LYS B 676 -17.91 44.86 45.84
CA LYS B 676 -17.08 45.45 44.80
C LYS B 676 -15.94 44.51 44.44
N GLY B 677 -15.99 43.93 43.25
CA GLY B 677 -15.06 42.88 42.87
C GLY B 677 -15.68 41.52 43.12
N LEU B 678 -16.08 40.85 42.05
CA LEU B 678 -16.81 39.59 42.17
C LEU B 678 -16.70 38.84 40.86
N LYS B 679 -17.37 37.69 40.80
CA LYS B 679 -17.51 36.93 39.56
C LYS B 679 -18.82 36.15 39.64
N LEU B 680 -19.58 36.18 38.55
CA LEU B 680 -20.86 35.49 38.52
C LEU B 680 -20.63 33.98 38.54
N PRO B 681 -21.16 33.26 39.52
CA PRO B 681 -21.01 31.78 39.55
C PRO B 681 -21.89 31.10 38.53
N SER B 682 -21.54 31.26 37.25
CA SER B 682 -22.30 30.69 36.15
C SER B 682 -21.94 29.22 36.01
N ARG B 683 -22.58 28.40 36.84
CA ARG B 683 -22.36 26.95 36.81
C ARG B 683 -23.09 26.36 35.62
N THR B 684 -22.34 25.96 34.60
CA THR B 684 -22.94 25.42 33.38
C THR B 684 -23.57 24.06 33.62
N ASP B 716 5.25 14.67 8.13
CA ASP B 716 5.31 13.42 8.90
C ASP B 716 5.21 13.68 10.39
N SER B 717 5.33 14.95 10.77
CA SER B 717 5.27 15.30 12.20
C SER B 717 3.92 14.92 12.79
N GLN B 718 2.85 15.01 12.00
CA GLN B 718 1.54 14.56 12.47
C GLN B 718 1.56 13.08 12.80
N ILE B 719 2.17 12.27 11.93
CA ILE B 719 2.27 10.84 12.19
C ILE B 719 3.11 10.57 13.44
N LEU B 720 4.22 11.28 13.59
CA LEU B 720 5.07 11.07 14.76
C LEU B 720 4.34 11.41 16.05
N LYS B 721 3.62 12.54 16.07
CA LYS B 721 2.86 12.90 17.27
C LYS B 721 1.70 11.94 17.51
N GLU B 722 1.07 11.43 16.46
CA GLU B 722 0.03 10.43 16.65
C GLU B 722 0.59 9.17 17.29
N LEU B 723 1.73 8.69 16.79
CA LEU B 723 2.36 7.50 17.38
C LEU B 723 2.79 7.77 18.81
N GLU B 724 3.31 8.95 19.09
CA GLU B 724 3.73 9.26 20.45
C GLU B 724 2.55 9.27 21.41
N GLU B 725 1.44 9.90 21.01
CA GLU B 725 0.25 9.92 21.86
C GLU B 725 -0.32 8.51 22.04
N SER B 726 -0.34 7.72 20.96
CA SER B 726 -0.83 6.35 21.06
C SER B 726 0.04 5.52 21.99
N SER B 727 1.35 5.69 21.91
CA SER B 727 2.25 4.95 22.80
C SER B 727 2.09 5.40 24.25
N PHE B 728 1.84 6.68 24.49
CA PHE B 728 1.57 7.15 25.84
C PHE B 728 0.31 6.50 26.40
N ARG B 729 -0.77 6.51 25.61
CA ARG B 729 -2.00 5.88 26.05
C ARG B 729 -1.81 4.38 26.27
N LYS B 730 -1.06 3.72 25.38
CA LYS B 730 -0.79 2.30 25.53
C LYS B 730 0.03 2.02 26.78
N THR B 731 0.99 2.90 27.11
CA THR B 731 1.77 2.73 28.32
C THR B 731 0.87 2.79 29.56
N PHE B 732 -0.06 3.75 29.58
CA PHE B 732 -0.95 3.81 30.73
C PHE B 732 -1.92 2.65 30.78
N GLU B 733 -2.38 2.16 29.62
CA GLU B 733 -3.21 0.97 29.61
C GLU B 733 -2.44 -0.23 30.14
N ASP B 734 -1.17 -0.37 29.75
CA ASP B 734 -0.34 -1.43 30.29
C ASP B 734 -0.22 -1.31 31.79
N TYR B 735 0.05 -0.11 32.30
CA TYR B 735 0.06 0.12 33.73
C TYR B 735 -1.23 -0.32 34.39
N LEU B 736 -2.36 -0.11 33.73
CA LEU B 736 -3.65 -0.55 34.26
C LEU B 736 -3.87 -2.05 34.11
N HIS B 737 -3.06 -2.74 33.31
CA HIS B 737 -3.37 -4.14 33.01
C HIS B 737 -2.71 -5.11 33.97
N ASN B 738 -1.62 -4.72 34.64
CA ASN B 738 -0.95 -5.62 35.57
C ASN B 738 -1.06 -5.11 37.01
N VAL B 739 -2.21 -4.56 37.37
CA VAL B 739 -2.40 -4.06 38.73
C VAL B 739 -2.36 -5.21 39.74
N VAL B 740 -2.68 -6.42 39.30
CA VAL B 740 -2.79 -7.59 40.17
C VAL B 740 -3.87 -7.30 41.21
N PHE B 741 -5.11 -7.62 40.87
CA PHE B 741 -6.25 -7.28 41.71
C PHE B 741 -6.29 -8.19 42.94
N VAL B 742 -7.37 -8.05 43.72
CA VAL B 742 -7.52 -8.83 44.95
C VAL B 742 -7.60 -10.32 44.66
N HIS B 795 -23.24 3.30 51.16
CA HIS B 795 -24.68 3.31 50.91
C HIS B 795 -25.04 4.36 49.87
N ARG B 796 -24.94 3.99 48.60
CA ARG B 796 -25.23 4.91 47.51
C ARG B 796 -26.29 4.31 46.60
N PRO B 797 -27.14 5.14 45.99
CA PRO B 797 -28.17 4.63 45.09
C PRO B 797 -27.55 4.09 43.81
N PHE B 798 -27.57 2.76 43.66
CA PHE B 798 -26.95 2.08 42.54
C PHE B 798 -27.95 1.12 41.91
N GLU B 799 -27.60 0.66 40.71
CA GLU B 799 -28.45 -0.27 39.98
C GLU B 799 -27.59 -1.05 39.00
N LYS B 800 -27.89 -2.34 38.86
CA LYS B 800 -27.10 -3.23 38.01
C LYS B 800 -27.74 -3.31 36.64
N VAL B 801 -27.10 -2.72 35.65
CA VAL B 801 -27.57 -2.80 34.27
C VAL B 801 -27.19 -4.16 33.71
N VAL B 802 -28.13 -4.77 32.98
CA VAL B 802 -27.93 -6.10 32.40
C VAL B 802 -28.00 -5.97 30.88
N ASN B 803 -26.98 -6.49 30.21
CA ASN B 803 -26.88 -6.57 28.74
C ASN B 803 -27.31 -5.29 28.05
N LYS B 804 -27.03 -4.14 28.66
CA LYS B 804 -27.33 -2.85 28.04
C LYS B 804 -26.17 -1.90 28.29
N GLU B 805 -25.82 -1.13 27.27
CA GLU B 805 -24.71 -0.19 27.33
C GLU B 805 -25.15 1.23 27.64
N SER B 806 -26.44 1.44 27.91
CA SER B 806 -26.96 2.76 28.21
C SER B 806 -27.87 2.68 29.43
N LEU B 807 -27.98 3.79 30.14
CA LEU B 807 -28.77 3.83 31.36
C LEU B 807 -29.29 5.25 31.57
N VAL B 808 -30.50 5.35 32.09
CA VAL B 808 -31.09 6.64 32.46
C VAL B 808 -31.42 6.60 33.94
N ILE B 809 -31.46 7.78 34.55
CA ILE B 809 -31.72 7.92 35.97
C ILE B 809 -32.93 8.82 36.17
N SER B 810 -33.70 8.53 37.21
CA SER B 810 -34.89 9.30 37.52
C SER B 810 -34.93 9.60 39.02
N GLY B 811 -35.71 10.61 39.38
CA GLY B 811 -35.82 11.01 40.77
C GLY B 811 -34.57 11.67 41.29
N LEU B 812 -34.22 12.81 40.72
CA LEU B 812 -33.02 13.56 41.10
C LEU B 812 -33.37 15.01 41.34
N ARG B 813 -32.68 15.62 42.30
CA ARG B 813 -32.87 17.03 42.57
C ARG B 813 -32.39 17.87 41.41
N HIS B 814 -33.17 18.88 41.05
CA HIS B 814 -32.87 19.69 39.87
C HIS B 814 -31.60 20.53 40.10
N PHE B 815 -30.76 20.57 39.08
CA PHE B 815 -29.53 21.38 39.07
C PHE B 815 -28.67 21.09 40.30
N THR B 816 -28.26 19.83 40.40
CA THR B 816 -27.37 19.39 41.48
C THR B 816 -26.22 18.60 40.87
N GLY B 817 -25.02 18.83 41.40
CA GLY B 817 -23.86 18.10 40.94
C GLY B 817 -23.93 16.64 41.36
N TYR B 818 -23.67 15.74 40.42
CA TYR B 818 -23.71 14.32 40.67
C TYR B 818 -22.40 13.68 40.22
N ARG B 819 -21.88 12.78 41.05
CA ARG B 819 -20.68 12.01 40.75
C ARG B 819 -21.09 10.59 40.39
N ILE B 820 -20.71 10.15 39.20
CA ILE B 820 -21.11 8.85 38.67
C ILE B 820 -19.89 7.94 38.62
N GLU B 821 -19.95 6.84 39.36
CA GLU B 821 -18.90 5.84 39.35
C GLU B 821 -19.40 4.62 38.59
N LEU B 822 -18.65 4.20 37.58
CA LEU B 822 -19.09 3.18 36.64
C LEU B 822 -18.12 2.01 36.67
N GLN B 823 -18.66 0.79 36.66
CA GLN B 823 -17.84 -0.42 36.71
C GLN B 823 -18.42 -1.46 35.75
N ALA B 824 -17.56 -2.37 35.32
CA ALA B 824 -17.96 -3.52 34.53
C ALA B 824 -17.74 -4.80 35.32
N CYS B 825 -18.61 -5.78 35.12
CA CYS B 825 -18.56 -6.99 35.94
C CYS B 825 -18.86 -8.21 35.09
N ASN B 826 -18.34 -9.36 35.52
CA ASN B 826 -18.54 -10.63 34.82
C ASN B 826 -19.04 -11.75 35.72
N GLN B 827 -18.61 -11.78 36.98
CA GLN B 827 -19.01 -12.82 37.93
C GLN B 827 -19.84 -12.20 39.04
N ASP B 828 -20.98 -12.82 39.35
CA ASP B 828 -21.95 -12.24 40.27
C ASP B 828 -22.12 -13.03 41.56
N THR B 829 -22.45 -14.31 41.49
CA THR B 829 -22.78 -15.04 42.71
C THR B 829 -21.57 -15.60 43.46
N PRO B 830 -20.64 -16.35 42.81
CA PRO B 830 -19.60 -17.03 43.59
C PRO B 830 -18.44 -16.12 43.92
N GLU B 831 -18.56 -15.32 44.98
CA GLU B 831 -17.51 -14.41 45.42
C GLU B 831 -17.15 -13.42 44.30
N GLU B 832 -18.13 -12.59 43.99
CA GLU B 832 -18.05 -11.69 42.84
C GLU B 832 -16.82 -10.80 42.93
N ARG B 833 -16.14 -10.62 41.80
CA ARG B 833 -15.01 -9.71 41.67
C ARG B 833 -14.92 -9.29 40.21
N CYS B 834 -14.60 -8.02 39.99
CA CYS B 834 -14.58 -7.48 38.63
C CYS B 834 -13.87 -6.13 38.64
N SER B 835 -14.01 -5.40 37.53
CA SER B 835 -13.09 -4.36 37.12
C SER B 835 -13.06 -3.19 38.10
N VAL B 836 -12.15 -2.25 37.82
CA VAL B 836 -12.01 -1.06 38.60
C VAL B 836 -12.91 0.03 38.02
N ALA B 837 -13.20 1.05 38.81
CA ALA B 837 -14.21 2.04 38.47
C ALA B 837 -13.69 3.04 37.46
N ALA B 838 -14.61 3.61 36.68
CA ALA B 838 -14.36 4.76 35.84
C ALA B 838 -15.32 5.86 36.26
N TYR B 839 -14.81 7.08 36.40
CA TYR B 839 -15.57 8.18 36.98
C TYR B 839 -16.02 9.16 35.91
N VAL B 840 -17.17 9.78 36.17
CA VAL B 840 -17.70 10.84 35.33
C VAL B 840 -18.71 11.63 36.15
N SER B 841 -18.94 12.88 35.78
CA SER B 841 -19.83 13.75 36.54
C SER B 841 -20.76 14.48 35.59
N ALA B 842 -21.90 14.92 36.13
CA ALA B 842 -22.89 15.62 35.35
C ALA B 842 -23.75 16.47 36.28
N ARG B 843 -24.45 17.43 35.69
CA ARG B 843 -25.38 18.29 36.40
C ARG B 843 -26.72 18.30 35.68
N THR B 844 -27.79 18.24 36.45
CA THR B 844 -29.13 18.21 35.88
C THR B 844 -29.58 19.61 35.47
N MET B 845 -30.51 19.65 34.53
CA MET B 845 -31.05 20.93 34.06
C MET B 845 -31.97 21.52 35.13
N PRO B 846 -31.87 22.82 35.40
CA PRO B 846 -32.70 23.43 36.44
C PRO B 846 -34.12 23.70 35.96
N GLU B 847 -34.92 24.20 36.90
CA GLU B 847 -36.30 24.58 36.60
C GLU B 847 -36.41 26.11 36.54
N ALA B 848 -36.99 26.62 35.45
CA ALA B 848 -37.17 28.06 35.31
C ALA B 848 -38.23 28.60 36.25
N LYS B 849 -39.02 27.73 36.88
CA LYS B 849 -40.05 28.14 37.83
C LYS B 849 -39.56 28.14 39.27
N ALA B 850 -38.68 27.21 39.63
CA ALA B 850 -38.29 27.03 41.02
C ALA B 850 -37.65 28.28 41.63
N ASP B 851 -37.07 29.15 40.81
CA ASP B 851 -36.39 30.35 41.31
C ASP B 851 -37.33 31.54 41.48
N ASP B 852 -38.59 31.41 41.09
CA ASP B 852 -39.52 32.53 41.17
C ASP B 852 -39.84 32.88 42.61
N ILE B 853 -40.07 34.17 42.85
CA ILE B 853 -40.38 34.66 44.19
C ILE B 853 -41.89 34.57 44.41
N VAL B 854 -42.29 33.98 45.53
CA VAL B 854 -43.69 33.85 45.90
C VAL B 854 -43.91 34.55 47.24
N GLY B 855 -45.10 35.12 47.41
CA GLY B 855 -45.44 35.81 48.63
C GLY B 855 -45.45 37.32 48.45
N PRO B 856 -46.37 37.99 49.13
CA PRO B 856 -46.41 39.45 49.04
C PRO B 856 -45.16 40.07 49.65
N VAL B 857 -44.74 41.20 49.07
CA VAL B 857 -43.59 41.94 49.58
C VAL B 857 -44.16 43.01 50.52
N THR B 858 -43.90 42.83 51.80
CA THR B 858 -44.40 43.76 52.82
C THR B 858 -43.33 44.80 53.14
N HIS B 859 -43.79 46.02 53.43
CA HIS B 859 -42.91 47.13 53.76
C HIS B 859 -43.34 47.76 55.08
N GLU B 860 -42.35 48.29 55.80
CA GLU B 860 -42.60 48.93 57.08
C GLU B 860 -41.44 49.86 57.41
N ILE B 861 -41.77 51.07 57.84
CA ILE B 861 -40.77 52.08 58.21
C ILE B 861 -40.88 52.31 59.70
N PHE B 862 -39.74 52.22 60.40
CA PHE B 862 -39.76 52.38 61.85
C PHE B 862 -39.82 53.86 62.25
N GLU B 863 -38.77 54.63 61.94
CA GLU B 863 -38.71 56.02 62.33
C GLU B 863 -38.57 56.96 61.15
N ASN B 864 -37.57 56.77 60.28
CA ASN B 864 -37.26 57.70 59.20
C ASN B 864 -36.89 56.90 57.96
N ASN B 865 -37.91 56.64 57.12
CA ASN B 865 -37.76 55.95 55.83
C ASN B 865 -36.90 54.70 55.93
N VAL B 866 -36.91 54.05 57.10
CA VAL B 866 -36.18 52.80 57.27
C VAL B 866 -37.03 51.68 56.70
N VAL B 867 -36.88 51.42 55.40
CA VAL B 867 -37.76 50.52 54.68
C VAL B 867 -37.33 49.08 54.97
N HIS B 868 -38.13 48.38 55.75
CA HIS B 868 -37.92 46.95 55.99
C HIS B 868 -38.79 46.15 55.03
N LEU B 869 -38.17 45.19 54.36
CA LEU B 869 -38.85 44.37 53.35
C LEU B 869 -38.93 42.93 53.87
N MET B 870 -40.11 42.55 54.34
CA MET B 870 -40.37 41.18 54.77
C MET B 870 -41.08 40.45 53.64
N TRP B 871 -40.42 39.46 53.06
CA TRP B 871 -41.00 38.66 52.00
C TRP B 871 -40.34 37.30 51.98
N GLN B 872 -41.10 36.29 51.57
CA GLN B 872 -40.64 34.91 51.63
C GLN B 872 -39.54 34.66 50.61
N GLU B 873 -38.61 33.77 50.97
CA GLU B 873 -37.47 33.33 50.20
C GLU B 873 -37.84 32.17 49.28
N PRO B 874 -37.15 32.02 48.15
CA PRO B 874 -37.37 30.84 47.29
C PRO B 874 -36.69 29.60 47.89
N LYS B 875 -37.39 28.95 48.81
CA LYS B 875 -36.85 27.82 49.55
C LYS B 875 -36.56 26.61 48.68
N GLU B 876 -36.84 26.68 47.38
CA GLU B 876 -36.55 25.60 46.44
C GLU B 876 -35.81 26.19 45.23
N PRO B 877 -34.57 26.62 45.42
CA PRO B 877 -33.86 27.28 44.32
C PRO B 877 -33.05 26.30 43.48
N ASN B 878 -32.40 26.81 42.44
CA ASN B 878 -31.49 26.01 41.62
C ASN B 878 -30.14 26.00 42.32
N GLY B 879 -30.00 25.09 43.28
CA GLY B 879 -28.81 25.03 44.10
C GLY B 879 -28.92 25.91 45.34
N LEU B 880 -28.82 27.22 45.16
CA LEU B 880 -28.93 28.16 46.26
C LEU B 880 -29.17 29.55 45.71
N ILE B 881 -29.58 30.45 46.60
CA ILE B 881 -29.83 31.84 46.25
C ILE B 881 -28.53 32.61 46.44
N VAL B 882 -27.88 32.98 45.33
CA VAL B 882 -26.60 33.68 45.43
C VAL B 882 -26.79 35.08 45.99
N LEU B 883 -27.77 35.83 45.47
CA LEU B 883 -28.00 37.19 45.93
C LEU B 883 -29.37 37.65 45.46
N TYR B 884 -29.89 38.66 46.16
CA TYR B 884 -31.11 39.34 45.78
C TYR B 884 -30.76 40.73 45.25
N GLU B 885 -31.63 41.26 44.39
CA GLU B 885 -31.52 42.64 43.94
C GLU B 885 -32.87 43.33 44.09
N VAL B 886 -32.85 44.55 44.60
CA VAL B 886 -34.06 45.33 44.84
C VAL B 886 -33.94 46.66 44.11
N SER B 887 -35.00 47.02 43.39
CA SER B 887 -35.04 48.27 42.63
C SER B 887 -36.32 49.02 42.97
N TYR B 888 -36.18 50.32 43.22
CA TYR B 888 -37.32 51.18 43.54
C TYR B 888 -37.22 52.46 42.72
N ARG B 889 -38.39 53.06 42.46
CA ARG B 889 -38.48 54.19 41.55
C ARG B 889 -39.53 55.17 42.06
N ARG B 890 -39.21 56.47 42.00
CA ARG B 890 -40.18 57.51 42.29
C ARG B 890 -41.06 57.76 41.08
N TYR B 891 -42.31 58.16 41.33
CA TYR B 891 -43.27 58.34 40.25
C TYR B 891 -42.75 59.33 39.22
N GLY B 892 -42.71 58.90 37.96
CA GLY B 892 -42.17 59.72 36.91
C GLY B 892 -40.68 59.95 36.97
N ASP B 893 -39.98 59.28 37.89
CA ASP B 893 -38.56 59.47 38.09
C ASP B 893 -37.82 58.18 37.76
N GLU B 894 -36.50 58.20 37.91
CA GLU B 894 -35.65 57.07 37.57
C GLU B 894 -35.68 56.00 38.66
N GLU B 895 -35.49 54.75 38.25
CA GLU B 895 -35.37 53.63 39.17
C GLU B 895 -33.92 53.43 39.55
N LEU B 896 -33.68 53.15 40.83
CA LEU B 896 -32.35 52.84 41.34
C LEU B 896 -32.39 51.45 41.95
N HIS B 897 -31.35 50.66 41.67
CA HIS B 897 -31.25 49.28 42.11
C HIS B 897 -30.30 49.16 43.29
N LEU B 898 -30.38 48.02 43.96
CA LEU B 898 -29.54 47.74 45.12
C LEU B 898 -29.41 46.23 45.29
N CYS B 899 -28.21 45.78 45.66
CA CYS B 899 -27.98 44.37 45.92
C CYS B 899 -28.33 44.01 47.36
N VAL B 900 -28.52 42.72 47.59
CA VAL B 900 -28.72 42.18 48.93
C VAL B 900 -27.97 40.86 49.00
N SER B 901 -27.00 40.78 49.90
CA SER B 901 -26.19 39.58 50.05
C SER B 901 -26.88 38.57 50.95
N ARG B 902 -26.38 37.33 50.92
CA ARG B 902 -26.93 36.29 51.78
C ARG B 902 -26.77 36.65 53.25
N LYS B 903 -25.57 37.11 53.63
CA LYS B 903 -25.32 37.45 55.03
C LYS B 903 -26.17 38.63 55.47
N HIS B 904 -26.22 39.68 54.65
CA HIS B 904 -27.03 40.85 55.00
C HIS B 904 -28.51 40.49 55.06
N PHE B 905 -28.99 39.69 54.12
CA PHE B 905 -30.38 39.27 54.13
C PHE B 905 -30.69 38.45 55.36
N ALA B 906 -29.80 37.53 55.74
CA ALA B 906 -30.03 36.71 56.92
C ALA B 906 -30.05 37.55 58.19
N LEU B 907 -29.10 38.49 58.33
CA LEU B 907 -29.05 39.28 59.54
C LEU B 907 -30.20 40.26 59.64
N GLU B 908 -30.61 40.86 58.52
CA GLU B 908 -31.70 41.83 58.54
C GLU B 908 -33.07 41.19 58.36
N ARG B 909 -33.13 39.90 58.02
CA ARG B 909 -34.38 39.22 57.70
C ARG B 909 -35.12 39.96 56.59
N GLY B 910 -34.38 40.34 55.55
CA GLY B 910 -34.94 41.10 54.45
C GLY B 910 -33.96 42.12 53.91
N CYS B 911 -34.47 43.31 53.58
CA CYS B 911 -33.63 44.41 53.12
C CYS B 911 -33.93 45.64 53.94
N ARG B 912 -32.91 46.49 54.09
CA ARG B 912 -33.03 47.77 54.78
C ARG B 912 -32.69 48.87 53.81
N LEU B 913 -33.57 49.86 53.69
CA LEU B 913 -33.36 51.00 52.82
C LEU B 913 -33.33 52.28 53.65
N ARG B 914 -32.41 53.18 53.31
CA ARG B 914 -32.25 54.43 54.02
C ARG B 914 -31.82 55.51 53.05
N GLY B 915 -31.97 56.77 53.49
CA GLY B 915 -31.65 57.90 52.63
C GLY B 915 -32.55 58.01 51.42
N LEU B 916 -33.85 57.79 51.61
CA LEU B 916 -34.83 57.85 50.53
C LEU B 916 -35.79 59.02 50.78
N SER B 917 -36.00 59.83 49.76
CA SER B 917 -36.96 60.92 49.86
C SER B 917 -38.37 60.36 50.03
N PRO B 918 -39.21 61.04 50.83
CA PRO B 918 -40.59 60.57 51.02
C PRO B 918 -41.42 60.75 49.76
N GLY B 919 -42.42 59.89 49.62
CA GLY B 919 -43.32 59.94 48.48
C GLY B 919 -43.87 58.55 48.19
N ASN B 920 -44.35 58.39 46.96
CA ASN B 920 -44.92 57.13 46.49
C ASN B 920 -43.92 56.45 45.57
N TYR B 921 -43.62 55.19 45.86
CA TYR B 921 -42.61 54.44 45.12
C TYR B 921 -43.15 53.06 44.76
N SER B 922 -42.44 52.39 43.85
CA SER B 922 -42.73 51.02 43.48
C SER B 922 -41.45 50.21 43.58
N VAL B 923 -41.60 48.96 44.00
CA VAL B 923 -40.46 48.07 44.25
C VAL B 923 -40.49 46.94 43.23
N ARG B 924 -39.33 46.64 42.65
CA ARG B 924 -39.17 45.51 41.74
C ARG B 924 -38.04 44.64 42.30
N ILE B 925 -38.39 43.41 42.67
CA ILE B 925 -37.47 42.50 43.35
C ILE B 925 -37.19 41.32 42.42
N ARG B 926 -35.91 41.03 42.21
CA ARG B 926 -35.49 39.87 41.42
C ARG B 926 -34.53 39.03 42.25
N ALA B 927 -34.60 37.72 42.07
CA ALA B 927 -33.74 36.78 42.75
C ALA B 927 -32.83 36.09 41.75
N THR B 928 -31.60 35.80 42.17
CA THR B 928 -30.60 35.16 41.31
C THR B 928 -30.15 33.86 41.94
N SER B 929 -29.90 32.87 41.09
CA SER B 929 -29.36 31.59 41.54
C SER B 929 -28.19 31.20 40.65
N LEU B 930 -27.67 29.98 40.84
CA LEU B 930 -26.57 29.52 40.01
C LEU B 930 -26.97 29.39 38.54
N ALA B 931 -28.26 29.18 38.26
CA ALA B 931 -28.71 29.11 36.88
C ALA B 931 -28.51 30.43 36.15
N GLY B 932 -28.82 31.54 36.81
CA GLY B 932 -28.66 32.86 36.23
C GLY B 932 -29.63 33.83 36.85
N ASN B 933 -29.84 34.94 36.14
CA ASN B 933 -30.75 35.96 36.61
C ASN B 933 -32.19 35.45 36.58
N GLY B 934 -32.98 35.88 37.56
CA GLY B 934 -34.37 35.49 37.66
C GLY B 934 -35.30 36.46 37.00
N SER B 935 -36.52 36.54 37.53
CA SER B 935 -37.57 37.42 37.00
C SER B 935 -37.98 38.40 38.08
N TRP B 936 -38.02 39.69 37.72
CA TRP B 936 -38.48 40.71 38.66
C TRP B 936 -39.95 40.49 38.99
N THR B 937 -40.29 40.67 40.26
CA THR B 937 -41.68 40.49 40.67
C THR B 937 -42.54 41.65 40.18
N GLU B 938 -43.85 41.50 40.35
CA GLU B 938 -44.76 42.55 39.97
C GLU B 938 -44.48 43.81 40.80
N PRO B 939 -44.45 44.98 40.18
CA PRO B 939 -44.16 46.21 40.95
C PRO B 939 -45.33 46.59 41.86
N THR B 940 -45.15 46.37 43.16
CA THR B 940 -46.17 46.72 44.15
C THR B 940 -45.87 48.14 44.62
N TYR B 941 -46.59 49.11 44.04
CA TYR B 941 -46.39 50.49 44.41
C TYR B 941 -46.77 50.71 45.87
N PHE B 942 -45.89 51.37 46.61
CA PHE B 942 -46.10 51.63 48.03
C PHE B 942 -45.76 53.09 48.32
N TYR B 943 -46.53 53.70 49.21
CA TYR B 943 -46.40 55.11 49.52
C TYR B 943 -45.89 55.27 50.95
N VAL B 944 -44.76 55.94 51.10
CA VAL B 944 -44.28 56.35 52.41
C VAL B 944 -44.74 57.78 52.67
N THR B 945 -45.02 58.09 53.93
CA THR B 945 -45.60 59.38 54.27
C THR B 945 -44.64 60.51 53.92
N ASP B 946 -45.19 61.59 53.37
CA ASP B 946 -44.40 62.75 52.98
C ASP B 946 -44.24 63.72 54.13
#